data_2O3Y
# 
_entry.id   2O3Y 
# 
_audit_conform.dict_name       mmcif_pdbx.dic 
_audit_conform.dict_version    5.377 
_audit_conform.dict_location   http://mmcif.pdb.org/dictionaries/ascii/mmcif_pdbx.dic 
# 
loop_
_database_2.database_id 
_database_2.database_code 
_database_2.pdbx_database_accession 
_database_2.pdbx_DOI 
PDB   2O3Y         pdb_00002o3y 10.2210/pdb2o3y/pdb 
NDB   AR0073       ?            ?                   
RCSB  RCSB040656   ?            ?                   
WWPDB D_1000040656 ?            ?                   
# 
loop_
_pdbx_database_related.db_name 
_pdbx_database_related.db_id 
_pdbx_database_related.details 
_pdbx_database_related.content_type 
PDB 2G5K 'Homo sapiens cytoplasmic A site complexed with apramycin (Cyto/Apramycin)'                                           
unspecified 
PDB 2FQN 'Homo sapiens cytoplasmic A site without any aminoglycosides (Cyto-Free)'                                             
unspecified 
PDB 2O3V 'Crystal Structure of the Homo sapiens Cytoplasmic Ribosomal Decoding Site complexed with paromamine derivative NB33' 
unspecified 
PDB 2O3W 'Crystal Structure of the Homo sapiens Cytoplasmic Ribosomal Decoding Site in presence of paromomycin'                
unspecified 
PDB 2O3X 'Crystal Structure of the Prokaryotic Ribosomal Decoding Site Complexed with Paromamine Derivative NB30'              
unspecified 
# 
_pdbx_database_status.entry_id                        2O3Y 
_pdbx_database_status.deposit_site                    RCSB 
_pdbx_database_status.process_site                    RCSB 
_pdbx_database_status.recvd_initial_deposition_date   2006-12-02 
_pdbx_database_status.status_code                     REL 
_pdbx_database_status.status_code_sf                  REL 
_pdbx_database_status.status_code_mr                  ? 
_pdbx_database_status.SG_entry                        ? 
_pdbx_database_status.pdb_format_compatible           Y 
_pdbx_database_status.status_code_cs                  ? 
_pdbx_database_status.status_code_nmr_data            ? 
_pdbx_database_status.methods_development_category    ? 
# 
loop_
_audit_author.name 
_audit_author.pdbx_ordinal 
'Kondo, J.'           1 
'Hainrichson, M.'     2 
'Nudelman, I.'        3 
'Shallom-Shezifi, D.' 4 
'Baasov, T.'          5 
'Westhof, E.'         6 
# 
_citation.id                        primary 
_citation.title                     
'Differential Selectivity of Natural and Synthetic Aminoglycosides towards the Eukaryotic and Prokaryotic Decoding A Sites.' 
_citation.journal_abbrev            Chembiochem 
_citation.journal_volume            8 
_citation.page_first                1700 
_citation.page_last                 1709 
_citation.year                      2007 
_citation.journal_id_ASTM           ? 
_citation.country                   GE 
_citation.journal_id_ISSN           1439-4227 
_citation.journal_id_CSD            ? 
_citation.book_publisher            ? 
_citation.pdbx_database_id_PubMed   17705310 
_citation.pdbx_database_id_DOI      10.1002/cbic.200700271 
# 
loop_
_citation_author.citation_id 
_citation_author.name 
_citation_author.ordinal 
_citation_author.identifier_ORCID 
primary 'Kondo, J.'           1 ? 
primary 'Hainrichson, M.'     2 ? 
primary 'Nudelman, I.'        3 ? 
primary 'Shallom-Shezifi, D.' 4 ? 
primary 'Barbieri, C.M.'      5 ? 
primary 'Pilch, D.S.'         6 ? 
primary 'Westhof, E.'         7 ? 
primary 'Baasov, T.'          8 ? 
# 
_cell.length_a           47.940 
_cell.length_b           49.230 
_cell.length_c           57.460 
_cell.angle_alpha        90.000 
_cell.angle_beta         90.000 
_cell.angle_gamma        90.000 
_cell.entry_id           2O3Y 
_cell.pdbx_unique_axis   ? 
_cell.Z_PDB              8 
_cell.length_a_esd       ? 
_cell.length_b_esd       ? 
_cell.length_c_esd       ? 
_cell.angle_alpha_esd    ? 
_cell.angle_beta_esd     ? 
_cell.angle_gamma_esd    ? 
# 
_symmetry.space_group_name_H-M             'P 21 21 2' 
_symmetry.entry_id                         2O3Y 
_symmetry.Int_Tables_number                18 
_symmetry.pdbx_full_space_group_name_H-M   ? 
_symmetry.cell_setting                     ? 
_symmetry.space_group_name_Hall            ? 
# 
loop_
_entity.id 
_entity.type 
_entity.src_method 
_entity.pdbx_description 
_entity.formula_weight 
_entity.pdbx_number_of_molecules 
_entity.pdbx_ec 
_entity.pdbx_mutation 
_entity.pdbx_fragment 
_entity.details 
1 polymer     syn 
;RNA (5'-R(*UP*UP*GP*CP*GP*UP*CP*GP*CP*UP*CP*CP*GP*GP*AP*AP*AP*AP*GP*UP*CP*GP*C)-3')
;
7355.409 2  ? ? ? ? 
2 non-polymer syn SPERMINE                                                                              202.340  1  ? ? ? ? 
3 water       nat water                                                                                 18.015   56 ? ? ? ? 
# 
_entity_poly.entity_id                      1 
_entity_poly.type                           polyribonucleotide 
_entity_poly.nstd_linkage                   no 
_entity_poly.nstd_monomer                   no 
_entity_poly.pdbx_seq_one_letter_code       UUGCGUCGCUCCGGAAAAGUCGC 
_entity_poly.pdbx_seq_one_letter_code_can   UUGCGUCGCUCCGGAAAAGUCGC 
_entity_poly.pdbx_strand_id                 A,B 
_entity_poly.pdbx_target_identifier         ? 
# 
loop_
_entity_poly_seq.entity_id 
_entity_poly_seq.num 
_entity_poly_seq.mon_id 
_entity_poly_seq.hetero 
1 1  U n 
1 2  U n 
1 3  G n 
1 4  C n 
1 5  G n 
1 6  U n 
1 7  C n 
1 8  G n 
1 9  C n 
1 10 U n 
1 11 C n 
1 12 C n 
1 13 G n 
1 14 G n 
1 15 A n 
1 16 A n 
1 17 A n 
1 18 A n 
1 19 G n 
1 20 U n 
1 21 C n 
1 22 G n 
1 23 C n 
# 
_pdbx_entity_src_syn.entity_id              1 
_pdbx_entity_src_syn.pdbx_src_id            1 
_pdbx_entity_src_syn.pdbx_alt_source_flag   sample 
_pdbx_entity_src_syn.pdbx_beg_seq_num       ? 
_pdbx_entity_src_syn.pdbx_end_seq_num       ? 
_pdbx_entity_src_syn.organism_scientific    ? 
_pdbx_entity_src_syn.organism_common_name   ? 
_pdbx_entity_src_syn.ncbi_taxonomy_id       ? 
_pdbx_entity_src_syn.details                'Chemically synthesized' 
# 
_struct_ref.id                         1 
_struct_ref.db_code                    2O3Y 
_struct_ref.db_name                    PDB 
_struct_ref.entity_id                  1 
_struct_ref.pdbx_db_accession          2O3Y 
_struct_ref.pdbx_align_begin           1 
_struct_ref.pdbx_seq_one_letter_code   UUGCGUCGCUCCGGAAAAGUCGC 
_struct_ref.pdbx_db_isoform            ? 
# 
loop_
_struct_ref_seq.align_id 
_struct_ref_seq.ref_id 
_struct_ref_seq.pdbx_PDB_id_code 
_struct_ref_seq.pdbx_strand_id 
_struct_ref_seq.seq_align_beg 
_struct_ref_seq.pdbx_seq_align_beg_ins_code 
_struct_ref_seq.seq_align_end 
_struct_ref_seq.pdbx_seq_align_end_ins_code 
_struct_ref_seq.pdbx_db_accession 
_struct_ref_seq.db_align_beg 
_struct_ref_seq.pdbx_db_align_beg_ins_code 
_struct_ref_seq.db_align_end 
_struct_ref_seq.pdbx_db_align_end_ins_code 
_struct_ref_seq.pdbx_auth_seq_align_beg 
_struct_ref_seq.pdbx_auth_seq_align_end 
1 1 2O3Y A 1 ? 23 ? 2O3Y 1  ? 23 ? 1  23 
2 1 2O3Y B 1 ? 23 ? 2O3Y 24 ? 46 ? 24 46 
# 
loop_
_chem_comp.id 
_chem_comp.type 
_chem_comp.mon_nstd_flag 
_chem_comp.name 
_chem_comp.pdbx_synonyms 
_chem_comp.formula 
_chem_comp.formula_weight 
A   'RNA linking' y "ADENOSINE-5'-MONOPHOSPHATE" ? 'C10 H14 N5 O7 P' 347.221 
C   'RNA linking' y "CYTIDINE-5'-MONOPHOSPHATE"  ? 'C9 H14 N3 O8 P'  323.197 
G   'RNA linking' y "GUANOSINE-5'-MONOPHOSPHATE" ? 'C10 H14 N5 O8 P' 363.221 
HOH non-polymer   . WATER                        ? 'H2 O'            18.015  
SPM non-polymer   . SPERMINE                     ? 'C10 H26 N4'      202.340 
U   'RNA linking' y "URIDINE-5'-MONOPHOSPHATE"   ? 'C9 H13 N2 O9 P'  324.181 
# 
_exptl.crystals_number   1 
_exptl.entry_id          2O3Y 
_exptl.method            'X-RAY DIFFRACTION' 
# 
_exptl_crystal.id                    1 
_exptl_crystal.density_Matthews      2.30 
_exptl_crystal.density_meas          ? 
_exptl_crystal.density_percent_sol   46.63 
_exptl_crystal.description           ? 
_exptl_crystal.F_000                 ? 
_exptl_crystal.preparation           ? 
# 
_exptl_crystal_grow.crystal_id      1 
_exptl_crystal_grow.method          'VAPOR DIFFUSION, HANGING DROP' 
_exptl_crystal_grow.pH              6.5 
_exptl_crystal_grow.temp            300 
_exptl_crystal_grow.temp_details    ? 
_exptl_crystal_grow.pdbx_details    
;Sodium Cacodylate, Potassium chloride, 2-methyl-2,4-pentanediol, hexammine cobalt chloride, spermine tetrahydrochloride , pH 6.5, VAPOR DIFFUSION, HANGING DROP, temperature 300K
;
_exptl_crystal_grow.pdbx_pH_range   . 
# 
loop_
_exptl_crystal_grow_comp.crystal_id 
_exptl_crystal_grow_comp.id 
_exptl_crystal_grow_comp.sol_id 
_exptl_crystal_grow_comp.name 
_exptl_crystal_grow_comp.conc 
_exptl_crystal_grow_comp.volume 
_exptl_crystal_grow_comp.details 
1 1  1 'Sodium Cacodylate'           ? ? ? 
1 2  1 'Potassium chloride'          ? ? ? 
1 3  1 2-methyl-2,4-pentanediol      ? ? ? 
1 4  1 'hexammine cobalt chloride'   ? ? ? 
1 5  1 'spermine tetrahydrochloride' ? ? ? 
1 6  2 'Sodium Cacodylate'           ? ? ? 
1 7  2 'Potassium chloride'          ? ? ? 
1 8  2 2-methyl-2,4-pentanediol      ? ? ? 
1 9  2 'hexammine cobalt chloride'   ? ? ? 
1 10 2 'spermine tetrahydrochloride' ? ? ? 
# 
_diffrn.id                     1 
_diffrn.ambient_temp           100 
_diffrn.ambient_temp_details   ? 
_diffrn.crystal_id             1 
# 
_diffrn_detector.diffrn_id              1 
_diffrn_detector.detector               CCD 
_diffrn_detector.type                   'MARMOSAIC 225 mm CCD' 
_diffrn_detector.pdbx_collection_date   2006-03-02 
_diffrn_detector.details                ? 
# 
_diffrn_radiation.diffrn_id                        1 
_diffrn_radiation.wavelength_id                    1 
_diffrn_radiation.pdbx_diffrn_protocol             'SINGLE WAVELENGTH' 
_diffrn_radiation.monochromator                    'horizontally side diffracting Silicon 111 crystal' 
_diffrn_radiation.pdbx_monochromatic_or_laue_m_l   M 
_diffrn_radiation.pdbx_scattering_type             x-ray 
# 
_diffrn_radiation_wavelength.id           1 
_diffrn_radiation_wavelength.wavelength   0.8730 
_diffrn_radiation_wavelength.wt           1.0 
# 
_diffrn_source.diffrn_id                   1 
_diffrn_source.source                      SYNCHROTRON 
_diffrn_source.type                        'ESRF BEAMLINE ID23-2' 
_diffrn_source.pdbx_wavelength             ? 
_diffrn_source.pdbx_wavelength_list        0.8730 
_diffrn_source.pdbx_synchrotron_site       ESRF 
_diffrn_source.pdbx_synchrotron_beamline   ID23-2 
# 
_reflns.entry_id                     2O3Y 
_reflns.d_resolution_high            2.700 
_reflns.d_resolution_low             37.380 
_reflns.number_obs                   3818 
_reflns.pdbx_scaling_rejects         99 
_reflns.pdbx_Rmerge_I_obs            0.086 
_reflns.pdbx_netI_over_sigmaI        7.800 
_reflns.pdbx_chi_squared             1.000 
_reflns.pdbx_redundancy              3.400 
_reflns.percent_possible_obs         94.700 
_reflns.observed_criterion_sigma_F   ? 
_reflns.observed_criterion_sigma_I   ? 
_reflns.number_all                   ? 
_reflns.pdbx_Rsym_value              ? 
_reflns.B_iso_Wilson_estimate        ? 
_reflns.R_free_details               ? 
_reflns.pdbx_diffrn_id               1 
_reflns.pdbx_ordinal                 1 
# 
loop_
_reflns_shell.d_res_high 
_reflns_shell.d_res_low 
_reflns_shell.number_measured_obs 
_reflns_shell.number_measured_all 
_reflns_shell.number_unique_obs 
_reflns_shell.Rmerge_I_obs 
_reflns_shell.meanI_over_sigI_obs 
_reflns_shell.pdbx_Rsym_value 
_reflns_shell.pdbx_chi_squared 
_reflns_shell.pdbx_redundancy 
_reflns_shell.percent_possible_obs 
_reflns_shell.number_unique_all 
_reflns_shell.percent_possible_all 
_reflns_shell.pdbx_diffrn_id 
_reflns_shell.pdbx_ordinal 
2.70 2.80  ? 1336 ? 0.387 2.7  ? 1.150 3.50 ? 382 96.70 ? 1  
2.80 2.91  ? 1300 ? 0.259 3.4  ? 1.200 3.48 ? 370 95.10 ? 2  
2.91 3.04  ? 1345 ? 0.131 4.7  ? 1.130 3.50 ? 381 97.20 ? 3  
3.04 3.20  ? 1321 ? 0.125 5.4  ? 1.060 3.44 ? 382 96.70 ? 4  
3.20 3.40  ? 1289 ? 0.121 6.2  ? 1.130 3.44 ? 374 95.90 ? 5  
3.40 3.66  ? 1283 ? 0.095 7.0  ? 0.970 3.41 ? 376 94.90 ? 6  
3.66 4.03  ? 1331 ? 0.081 9.5  ? 0.930 3.46 ? 381 94.30 ? 7  
4.03 4.61  ? 1303 ? 0.093 8.4  ? 0.850 3.44 ? 378 93.80 ? 8  
4.61 5.81  ? 1301 ? 0.09  10.9 ? 0.840 3.31 ? 390 93.30 ? 9  
5.81 37.38 ? 1285 ? 0.037 20.6 ? 0.760 3.09 ? 404 90.00 ? 10 
# 
_refine.entry_id                                 2O3Y 
_refine.ls_d_res_high                            2.700 
_refine.ls_d_res_low                             30.000 
_refine.pdbx_ls_sigma_F                          3 
_refine.ls_percent_reflns_obs                    80.300 
_refine.ls_number_reflns_obs                     3235 
_refine.ls_R_factor_R_work                       0.245 
_refine.ls_R_factor_R_free                       0.282 
_refine.ls_percent_reflns_R_free                 8.000 
_refine.ls_number_reflns_R_free                  324 
_refine.B_iso_mean                               64.225 
_refine.solvent_model_param_bsol                 50.512 
_refine.aniso_B[1][1]                            -3.125 
_refine.aniso_B[2][2]                            -25.980 
_refine.aniso_B[3][3]                            29.105 
_refine.aniso_B[1][2]                            0.000 
_refine.aniso_B[1][3]                            0.000 
_refine.aniso_B[2][3]                            0.000 
_refine.overall_FOM_work_R_set                   0.761 
_refine.pdbx_ls_sigma_I                          ? 
_refine.ls_number_reflns_all                     ? 
_refine.ls_R_factor_all                          ? 
_refine.ls_R_factor_obs                          ? 
_refine.ls_redundancy_reflns_obs                 ? 
_refine.pdbx_data_cutoff_high_absF               ? 
_refine.pdbx_data_cutoff_low_absF                ? 
_refine.ls_number_parameters                     ? 
_refine.ls_number_restraints                     ? 
_refine.ls_R_factor_R_free_error                 ? 
_refine.ls_R_factor_R_free_error_details         ? 
_refine.pdbx_method_to_determine_struct          'MOLECULAR REPLACEMENT' 
_refine.pdbx_starting_model                      2FQN 
_refine.pdbx_ls_cross_valid_method               ? 
_refine.pdbx_R_Free_selection_details            ? 
_refine.pdbx_stereochem_target_val_spec_case     ? 
_refine.pdbx_stereochemistry_target_values       
;G. Parkinson, J. Vojtechovsky, L. Clowney, A.T. Brunger, H.M. Berman, New Parameters for the Refinement of Nucleic Acid Containing Structures, Acta Cryst. D, 52, 57-64 (1996).
;
_refine.solvent_model_details                    ? 
_refine.solvent_model_param_ksol                 ? 
_refine.occupancy_max                            ? 
_refine.occupancy_min                            ? 
_refine.pdbx_isotropic_thermal_model             ? 
_refine.details                                  ? 
_refine.correlation_coeff_Fo_to_Fc               ? 
_refine.correlation_coeff_Fo_to_Fc_free          ? 
_refine.pdbx_solvent_vdw_probe_radii             ? 
_refine.pdbx_solvent_ion_probe_radii             ? 
_refine.pdbx_solvent_shrinkage_radii             ? 
_refine.overall_SU_R_Cruickshank_DPI             ? 
_refine.overall_SU_R_free                        ? 
_refine.overall_SU_ML                            ? 
_refine.overall_SU_B                             ? 
_refine.pdbx_overall_ESU_R_Free                  ? 
_refine.pdbx_data_cutoff_high_rms_absF           ? 
_refine.pdbx_overall_ESU_R                       ? 
_refine.ls_wR_factor_R_free                      ? 
_refine.ls_wR_factor_R_work                      ? 
_refine.overall_FOM_free_R_set                   ? 
_refine.pdbx_refine_id                           'X-RAY DIFFRACTION' 
_refine.pdbx_diffrn_id                           1 
_refine.pdbx_TLS_residual_ADP_flag               ? 
_refine.pdbx_overall_phase_error                 ? 
_refine.pdbx_overall_SU_R_free_Cruickshank_DPI   ? 
_refine.pdbx_overall_SU_R_Blow_DPI               ? 
_refine.pdbx_overall_SU_R_free_Blow_DPI          ? 
# 
_refine_hist.pdbx_refine_id                   'X-RAY DIFFRACTION' 
_refine_hist.cycle_id                         LAST 
_refine_hist.pdbx_number_atoms_protein        0 
_refine_hist.pdbx_number_atoms_nucleic_acid   918 
_refine_hist.pdbx_number_atoms_ligand         14 
_refine_hist.number_atoms_solvent             56 
_refine_hist.number_atoms_total               988 
_refine_hist.d_res_high                       2.700 
_refine_hist.d_res_low                        30.000 
# 
loop_
_refine_ls_restr.type 
_refine_ls_restr.number 
_refine_ls_restr.dev_ideal 
_refine_ls_restr.dev_ideal_target 
_refine_ls_restr.weight 
_refine_ls_restr.pdbx_refine_id 
_refine_ls_restr.pdbx_restraint_function 
c_bond_d    ? 0.005 1.500 ? 'X-RAY DIFFRACTION' ? 
c_angle_deg ? 1.0   2.000 ? 'X-RAY DIFFRACTION' ? 
# 
loop_
_refine_ls_shell.d_res_high 
_refine_ls_shell.d_res_low 
_refine_ls_shell.pdbx_total_number_of_bins_used 
_refine_ls_shell.percent_reflns_obs 
_refine_ls_shell.number_reflns_R_work 
_refine_ls_shell.R_factor_all 
_refine_ls_shell.R_factor_R_work 
_refine_ls_shell.R_factor_R_free 
_refine_ls_shell.percent_reflns_R_free 
_refine_ls_shell.number_reflns_R_free 
_refine_ls_shell.R_factor_R_free_error 
_refine_ls_shell.number_reflns_all 
_refine_ls_shell.number_reflns_obs 
_refine_ls_shell.redundancy_reflns_obs 
_refine_ls_shell.pdbx_refine_id 
2.700 2.820  8 . 253 . 0.41  0.432 . 38 . . 291 . 'X-RAY DIFFRACTION' 
2.820 2.970  8 . 317 . 0.353 0.44  . 34 . . 351 . 'X-RAY DIFFRACTION' 
2.970 3.160  8 . 328 . 0.21  0.342 . 29 . . 357 . 'X-RAY DIFFRACTION' 
3.160 3.400  8 . 370 . 0.301 0.275 . 45 . . 415 . 'X-RAY DIFFRACTION' 
3.400 3.740  8 . 375 . 0.239 0.282 . 48 . . 423 . 'X-RAY DIFFRACTION' 
3.740 4.280  8 . 392 . 0.178 0.291 . 40 . . 432 . 'X-RAY DIFFRACTION' 
4.280 5.390  8 . 430 . 0.21  0.256 . 41 . . 471 . 'X-RAY DIFFRACTION' 
5.390 30.000 8 . 446 . 0.268 0.254 . 49 . . 495 . 'X-RAY DIFFRACTION' 
# 
loop_
_pdbx_xplor_file.serial_no 
_pdbx_xplor_file.param_file 
_pdbx_xplor_file.topol_file 
_pdbx_xplor_file.pdbx_refine_id 
1 dna-rna_rep.param ? 'X-RAY DIFFRACTION' 
2 spm_xplor.param2  ? 'X-RAY DIFFRACTION' 
3 water_rep.param   ? 'X-RAY DIFFRACTION' 
# 
_struct.entry_id                  2O3Y 
_struct.title                     
'Crystal Structure of the Homo sapiens Cytoplasmic Ribosomal Decoding Site in Presence of Paromamine Derivative NB30' 
_struct.pdbx_model_details        ? 
_struct.pdbx_CASP_flag            ? 
_struct.pdbx_model_type_details   ? 
# 
_struct_keywords.entry_id        2O3Y 
_struct_keywords.pdbx_keywords   RNA 
_struct_keywords.text            
;aminoglycoside, antibiotics, ribosome, decoding site, Homo sapiens, Eukaryote, cytoplasmic, Translation inhibition, Stop codon readthrough, RNA
;
# 
loop_
_struct_asym.id 
_struct_asym.pdbx_blank_PDB_chainid_flag 
_struct_asym.pdbx_modified 
_struct_asym.entity_id 
_struct_asym.details 
A N N 1 ? 
B N N 1 ? 
C N N 2 ? 
D N N 3 ? 
E N N 3 ? 
# 
_struct_biol.id        1 
_struct_biol.details   ? 
# 
loop_
_struct_conn.id 
_struct_conn.conn_type_id 
_struct_conn.pdbx_leaving_atom_flag 
_struct_conn.pdbx_PDB_id 
_struct_conn.ptnr1_label_asym_id 
_struct_conn.ptnr1_label_comp_id 
_struct_conn.ptnr1_label_seq_id 
_struct_conn.ptnr1_label_atom_id 
_struct_conn.pdbx_ptnr1_label_alt_id 
_struct_conn.pdbx_ptnr1_PDB_ins_code 
_struct_conn.pdbx_ptnr1_standard_comp_id 
_struct_conn.ptnr1_symmetry 
_struct_conn.ptnr2_label_asym_id 
_struct_conn.ptnr2_label_comp_id 
_struct_conn.ptnr2_label_seq_id 
_struct_conn.ptnr2_label_atom_id 
_struct_conn.pdbx_ptnr2_label_alt_id 
_struct_conn.pdbx_ptnr2_PDB_ins_code 
_struct_conn.ptnr1_auth_asym_id 
_struct_conn.ptnr1_auth_comp_id 
_struct_conn.ptnr1_auth_seq_id 
_struct_conn.ptnr2_auth_asym_id 
_struct_conn.ptnr2_auth_comp_id 
_struct_conn.ptnr2_auth_seq_id 
_struct_conn.ptnr2_symmetry 
_struct_conn.pdbx_ptnr3_label_atom_id 
_struct_conn.pdbx_ptnr3_label_seq_id 
_struct_conn.pdbx_ptnr3_label_comp_id 
_struct_conn.pdbx_ptnr3_label_asym_id 
_struct_conn.pdbx_ptnr3_label_alt_id 
_struct_conn.pdbx_ptnr3_PDB_ins_code 
_struct_conn.details 
_struct_conn.pdbx_dist_value 
_struct_conn.pdbx_value_order 
_struct_conn.pdbx_role 
hydrog1  hydrog ? ? A G 3  N1 ? ? ? 1_555 B C 23 N3 ? ? A G 3  B C 46 1_555 ? ? ? ? ? ? WATSON-CRICK  ? ? ? 
hydrog2  hydrog ? ? A G 3  N2 ? ? ? 1_555 B C 23 O2 ? ? A G 3  B C 46 1_555 ? ? ? ? ? ? WATSON-CRICK  ? ? ? 
hydrog3  hydrog ? ? A G 3  O6 ? ? ? 1_555 B C 23 N4 ? ? A G 3  B C 46 1_555 ? ? ? ? ? ? WATSON-CRICK  ? ? ? 
hydrog4  hydrog ? ? A C 4  N3 ? ? ? 1_555 B G 22 N1 ? ? A C 4  B G 45 1_555 ? ? ? ? ? ? WATSON-CRICK  ? ? ? 
hydrog5  hydrog ? ? A C 4  N4 ? ? ? 1_555 B G 22 O6 ? ? A C 4  B G 45 1_555 ? ? ? ? ? ? WATSON-CRICK  ? ? ? 
hydrog6  hydrog ? ? A C 4  O2 ? ? ? 1_555 B G 22 N2 ? ? A C 4  B G 45 1_555 ? ? ? ? ? ? WATSON-CRICK  ? ? ? 
hydrog7  hydrog ? ? A G 5  N1 ? ? ? 1_555 B C 21 N3 ? ? A G 5  B C 44 1_555 ? ? ? ? ? ? WATSON-CRICK  ? ? ? 
hydrog8  hydrog ? ? A G 5  N2 ? ? ? 1_555 B C 21 O2 ? ? A G 5  B C 44 1_555 ? ? ? ? ? ? WATSON-CRICK  ? ? ? 
hydrog9  hydrog ? ? A G 5  O6 ? ? ? 1_555 B C 21 N4 ? ? A G 5  B C 44 1_555 ? ? ? ? ? ? WATSON-CRICK  ? ? ? 
hydrog10 hydrog ? ? A U 6  N3 ? ? ? 1_555 B U 20 O4 ? ? A U 6  B U 43 1_555 ? ? ? ? ? ? TYPE_16_PAIR  ? ? ? 
hydrog11 hydrog ? ? A U 6  O2 ? ? ? 1_555 B U 20 N3 ? ? A U 6  B U 43 1_555 ? ? ? ? ? ? TYPE_16_PAIR  ? ? ? 
hydrog12 hydrog ? ? A C 7  N3 ? ? ? 1_555 B G 19 N1 ? ? A C 7  B G 42 1_555 ? ? ? ? ? ? WATSON-CRICK  ? ? ? 
hydrog13 hydrog ? ? A C 7  N4 ? ? ? 1_555 B G 19 O6 ? ? A C 7  B G 42 1_555 ? ? ? ? ? ? WATSON-CRICK  ? ? ? 
hydrog14 hydrog ? ? A C 7  O2 ? ? ? 1_555 B G 19 N2 ? ? A C 7  B G 42 1_555 ? ? ? ? ? ? WATSON-CRICK  ? ? ? 
hydrog15 hydrog ? ? A C 9  N4 ? ? ? 1_555 B A 16 N1 ? ? A C 9  B A 39 1_555 ? ? ? ? ? ? 'C-A MISPAIR' ? ? ? 
hydrog16 hydrog ? ? A U 10 N3 ? ? ? 1_555 B A 15 N1 ? ? A U 10 B A 38 1_555 ? ? ? ? ? ? WATSON-CRICK  ? ? ? 
hydrog17 hydrog ? ? A U 10 O4 ? ? ? 1_555 B A 15 N6 ? ? A U 10 B A 38 1_555 ? ? ? ? ? ? WATSON-CRICK  ? ? ? 
hydrog18 hydrog ? ? A C 11 N3 ? ? ? 1_555 B G 14 N1 ? ? A C 11 B G 37 1_555 ? ? ? ? ? ? WATSON-CRICK  ? ? ? 
hydrog19 hydrog ? ? A C 11 N4 ? ? ? 1_555 B G 14 O6 ? ? A C 11 B G 37 1_555 ? ? ? ? ? ? WATSON-CRICK  ? ? ? 
hydrog20 hydrog ? ? A C 11 O2 ? ? ? 1_555 B G 14 N2 ? ? A C 11 B G 37 1_555 ? ? ? ? ? ? WATSON-CRICK  ? ? ? 
hydrog21 hydrog ? ? A C 12 N3 ? ? ? 1_555 B G 13 N1 ? ? A C 12 B G 36 1_555 ? ? ? ? ? ? WATSON-CRICK  ? ? ? 
hydrog22 hydrog ? ? A C 12 N4 ? ? ? 1_555 B G 13 O6 ? ? A C 12 B G 36 1_555 ? ? ? ? ? ? WATSON-CRICK  ? ? ? 
hydrog23 hydrog ? ? A C 12 O2 ? ? ? 1_555 B G 13 N2 ? ? A C 12 B G 36 1_555 ? ? ? ? ? ? WATSON-CRICK  ? ? ? 
hydrog24 hydrog ? ? A G 13 N1 ? ? ? 1_555 B C 12 N3 ? ? A G 13 B C 35 1_555 ? ? ? ? ? ? WATSON-CRICK  ? ? ? 
hydrog25 hydrog ? ? A G 13 N2 ? ? ? 1_555 B C 12 O2 ? ? A G 13 B C 35 1_555 ? ? ? ? ? ? WATSON-CRICK  ? ? ? 
hydrog26 hydrog ? ? A G 13 O6 ? ? ? 1_555 B C 12 N4 ? ? A G 13 B C 35 1_555 ? ? ? ? ? ? WATSON-CRICK  ? ? ? 
hydrog27 hydrog ? ? A G 14 N1 ? ? ? 1_555 B C 11 N3 ? ? A G 14 B C 34 1_555 ? ? ? ? ? ? WATSON-CRICK  ? ? ? 
hydrog28 hydrog ? ? A G 14 N2 ? ? ? 1_555 B C 11 O2 ? ? A G 14 B C 34 1_555 ? ? ? ? ? ? WATSON-CRICK  ? ? ? 
hydrog29 hydrog ? ? A G 14 O6 ? ? ? 1_555 B C 11 N4 ? ? A G 14 B C 34 1_555 ? ? ? ? ? ? WATSON-CRICK  ? ? ? 
hydrog30 hydrog ? ? A A 15 N1 ? ? ? 1_555 B U 10 N3 ? ? A A 15 B U 33 1_555 ? ? ? ? ? ? WATSON-CRICK  ? ? ? 
hydrog31 hydrog ? ? A A 15 N6 ? ? ? 1_555 B U 10 O4 ? ? A A 15 B U 33 1_555 ? ? ? ? ? ? WATSON-CRICK  ? ? ? 
hydrog32 hydrog ? ? A A 17 N3 ? ? ? 1_555 B C 9  N4 ? ? A A 17 B C 32 1_555 ? ? ? ? ? ? 'A-C MISPAIR' ? ? ? 
hydrog33 hydrog ? ? A A 18 N7 ? ? ? 1_555 B G 8  N2 ? ? A A 18 B G 31 1_555 ? ? ? ? ? ? 'A-G MISPAIR' ? ? ? 
hydrog34 hydrog ? ? A G 19 N1 ? ? ? 1_555 B C 7  N3 ? ? A G 19 B C 30 1_555 ? ? ? ? ? ? WATSON-CRICK  ? ? ? 
hydrog35 hydrog ? ? A G 19 N2 ? ? ? 1_555 B C 7  O2 ? ? A G 19 B C 30 1_555 ? ? ? ? ? ? WATSON-CRICK  ? ? ? 
hydrog36 hydrog ? ? A G 19 O6 ? ? ? 1_555 B C 7  N4 ? ? A G 19 B C 30 1_555 ? ? ? ? ? ? WATSON-CRICK  ? ? ? 
hydrog37 hydrog ? ? A U 20 N3 ? ? ? 1_555 B U 6  O2 ? ? A U 20 B U 29 1_555 ? ? ? ? ? ? TYPE_16_PAIR  ? ? ? 
hydrog38 hydrog ? ? A U 20 O4 ? ? ? 1_555 B U 6  N3 ? ? A U 20 B U 29 1_555 ? ? ? ? ? ? TYPE_16_PAIR  ? ? ? 
hydrog39 hydrog ? ? A C 21 N3 ? ? ? 1_555 B G 5  N1 ? ? A C 21 B G 28 1_555 ? ? ? ? ? ? WATSON-CRICK  ? ? ? 
hydrog40 hydrog ? ? A C 21 N4 ? ? ? 1_555 B G 5  O6 ? ? A C 21 B G 28 1_555 ? ? ? ? ? ? WATSON-CRICK  ? ? ? 
hydrog41 hydrog ? ? A C 21 O2 ? ? ? 1_555 B G 5  N2 ? ? A C 21 B G 28 1_555 ? ? ? ? ? ? WATSON-CRICK  ? ? ? 
hydrog42 hydrog ? ? A G 22 N1 ? ? ? 1_555 B C 4  N3 ? ? A G 22 B C 27 1_555 ? ? ? ? ? ? WATSON-CRICK  ? ? ? 
hydrog43 hydrog ? ? A G 22 N2 ? ? ? 1_555 B C 4  O2 ? ? A G 22 B C 27 1_555 ? ? ? ? ? ? WATSON-CRICK  ? ? ? 
hydrog44 hydrog ? ? A G 22 O6 ? ? ? 1_555 B C 4  N4 ? ? A G 22 B C 27 1_555 ? ? ? ? ? ? WATSON-CRICK  ? ? ? 
hydrog45 hydrog ? ? A C 23 N3 ? ? ? 1_555 B G 3  N1 ? ? A C 23 B G 26 1_555 ? ? ? ? ? ? WATSON-CRICK  ? ? ? 
hydrog46 hydrog ? ? A C 23 N4 ? ? ? 1_555 B G 3  O6 ? ? A C 23 B G 26 1_555 ? ? ? ? ? ? WATSON-CRICK  ? ? ? 
hydrog47 hydrog ? ? A C 23 O2 ? ? ? 1_555 B G 3  N2 ? ? A C 23 B G 26 1_555 ? ? ? ? ? ? WATSON-CRICK  ? ? ? 
# 
_struct_conn_type.id          hydrog 
_struct_conn_type.criteria    ? 
_struct_conn_type.reference   ? 
# 
_struct_site.id                   AC1 
_struct_site.pdbx_evidence_code   Software 
_struct_site.pdbx_auth_asym_id    A 
_struct_site.pdbx_auth_comp_id    SPM 
_struct_site.pdbx_auth_seq_id     51 
_struct_site.pdbx_auth_ins_code   ? 
_struct_site.pdbx_num_residues    3 
_struct_site.details              'BINDING SITE FOR RESIDUE SPM A 51' 
# 
loop_
_struct_site_gen.id 
_struct_site_gen.site_id 
_struct_site_gen.pdbx_num_res 
_struct_site_gen.label_comp_id 
_struct_site_gen.label_asym_id 
_struct_site_gen.label_seq_id 
_struct_site_gen.pdbx_auth_ins_code 
_struct_site_gen.auth_comp_id 
_struct_site_gen.auth_asym_id 
_struct_site_gen.auth_seq_id 
_struct_site_gen.label_atom_id 
_struct_site_gen.label_alt_id 
_struct_site_gen.symmetry 
_struct_site_gen.details 
1 AC1 3 G A 13 ? G A 13 . ? 1_555 ? 
2 AC1 3 G A 14 ? G A 14 . ? 1_555 ? 
3 AC1 3 C B 9  ? C B 32 . ? 1_555 ? 
# 
_atom_sites.entry_id                    2O3Y 
_atom_sites.fract_transf_matrix[1][1]   0.00910644 
_atom_sites.fract_transf_matrix[1][2]   -0.00487108 
_atom_sites.fract_transf_matrix[1][3]   0.01812300 
_atom_sites.fract_transf_matrix[2][1]   0.01729016 
_atom_sites.fract_transf_matrix[2][2]   0.00853058 
_atom_sites.fract_transf_matrix[2][3]   -0.00639511 
_atom_sites.fract_transf_matrix[3][1]   -0.00507041 
_atom_sites.fract_transf_matrix[3][2]   0.01526217 
_atom_sites.fract_transf_matrix[3][3]   0.00664993 
_atom_sites.fract_transf_vector[1]      0.346546 
_atom_sites.fract_transf_vector[2]      0.203181 
_atom_sites.fract_transf_vector[3]      0.118507 
# 
loop_
_atom_type.symbol 
C 
N 
O 
P 
# 
loop_
_atom_site.group_PDB 
_atom_site.id 
_atom_site.type_symbol 
_atom_site.label_atom_id 
_atom_site.label_alt_id 
_atom_site.label_comp_id 
_atom_site.label_asym_id 
_atom_site.label_entity_id 
_atom_site.label_seq_id 
_atom_site.pdbx_PDB_ins_code 
_atom_site.Cartn_x 
_atom_site.Cartn_y 
_atom_site.Cartn_z 
_atom_site.occupancy 
_atom_site.B_iso_or_equiv 
_atom_site.pdbx_formal_charge 
_atom_site.auth_seq_id 
_atom_site.auth_comp_id 
_atom_site.auth_asym_id 
_atom_site.auth_atom_id 
_atom_site.pdbx_PDB_model_num 
ATOM   1   P P     . U   A 1 2  ? 0.563   -18.949 -20.589 1.00 101.06 ? 2  U   A P     1 
ATOM   2   O OP1   . U   A 1 2  ? 1.512   -17.759 -20.552 1.00 100.87 ? 2  U   A OP1   1 
ATOM   3   O OP2   . U   A 1 2  ? 1.151   -20.163 -21.304 1.00 101.70 ? 2  U   A OP2   1 
ATOM   4   O "O5'" . U   A 1 2  ? 0.404   -19.412 -19.036 1.00 99.55  ? 2  U   A "O5'" 1 
ATOM   5   C "C5'" . U   A 1 2  ? 1.374   -19.009 -18.059 1.00 97.44  ? 2  U   A "C5'" 1 
ATOM   6   C "C4'" . U   A 1 2  ? 2.158   -20.200 -17.565 1.00 95.59  ? 2  U   A "C4'" 1 
ATOM   7   O "O4'" . U   A 1 2  ? 2.636   -20.999 -18.677 1.00 93.87  ? 2  U   A "O4'" 1 
ATOM   8   C "C3'" . U   A 1 2  ? 3.412   -19.818 -16.797 1.00 95.00  ? 2  U   A "C3'" 1 
ATOM   9   O "O3'" . U   A 1 2  ? 3.089   -19.603 -15.433 1.00 96.09  ? 2  U   A "O3'" 1 
ATOM   10  C "C2'" . U   A 1 2  ? 4.283   -21.058 -16.946 1.00 93.82  ? 2  U   A "C2'" 1 
ATOM   11  O "O2'" . U   A 1 2  ? 3.971   -22.062 -16.001 1.00 94.22  ? 2  U   A "O2'" 1 
ATOM   12  C "C1'" . U   A 1 2  ? 3.904   -21.531 -18.350 1.00 92.91  ? 2  U   A "C1'" 1 
ATOM   13  N N1    . U   A 1 2  ? 4.845   -21.241 -19.446 1.00 90.89  ? 2  U   A N1    1 
ATOM   14  C C2    . U   A 1 2  ? 5.758   -20.203 -19.306 1.00 88.89  ? 2  U   A C2    1 
ATOM   15  O O2    . U   A 1 2  ? 5.781   -19.452 -18.350 1.00 86.93  ? 2  U   A O2    1 
ATOM   16  N N3    . U   A 1 2  ? 6.638   -20.071 -20.347 1.00 88.51  ? 2  U   A N3    1 
ATOM   17  C C4    . U   A 1 2  ? 6.691   -20.829 -21.493 1.00 88.23  ? 2  U   A C4    1 
ATOM   18  O O4    . U   A 1 2  ? 7.558   -20.595 -22.330 1.00 87.22  ? 2  U   A O4    1 
ATOM   19  C C5    . U   A 1 2  ? 5.700   -21.852 -21.579 1.00 88.71  ? 2  U   A C5    1 
ATOM   20  C C6    . U   A 1 2  ? 4.834   -22.018 -20.582 1.00 89.89  ? 2  U   A C6    1 
ATOM   21  P P     . G   A 1 3  ? 2.942   -18.108 -14.867 1.00 95.66  ? 3  G   A P     1 
ATOM   22  O OP1   . G   A 1 3  ? 2.276   -17.270 -15.890 1.00 96.40  ? 3  G   A OP1   1 
ATOM   23  O OP2   . G   A 1 3  ? 4.259   -17.690 -14.327 1.00 96.48  ? 3  G   A OP2   1 
ATOM   24  O "O5'" . G   A 1 3  ? 1.928   -18.300 -13.654 1.00 96.46  ? 3  G   A "O5'" 1 
ATOM   25  C "C5'" . G   A 1 3  ? 0.659   -18.917 -13.861 1.00 94.48  ? 3  G   A "C5'" 1 
ATOM   26  C "C4'" . G   A 1 3  ? 0.502   -20.121 -12.958 1.00 93.93  ? 3  G   A "C4'" 1 
ATOM   27  O "O4'" . G   A 1 3  ? 1.424   -21.166 -13.366 1.00 94.06  ? 3  G   A "O4'" 1 
ATOM   28  C "C3'" . G   A 1 3  ? 0.822   -19.890 -11.491 1.00 93.79  ? 3  G   A "C3'" 1 
ATOM   29  O "O3'" . G   A 1 3  ? -0.293  -19.330 -10.810 1.00 93.53  ? 3  G   A "O3'" 1 
ATOM   30  C "C2'" . G   A 1 3  ? 1.143   -21.299 -11.004 1.00 93.89  ? 3  G   A "C2'" 1 
ATOM   31  O "O2'" . G   A 1 3  ? 0.002   -22.071 -10.686 1.00 93.48  ? 3  G   A "O2'" 1 
ATOM   32  C "C1'" . G   A 1 3  ? 1.860   -21.886 -12.224 1.00 94.24  ? 3  G   A "C1'" 1 
ATOM   33  N N9    . G   A 1 3  ? 3.308   -21.743 -12.124 1.00 93.99  ? 3  G   A N9    1 
ATOM   34  C C8    . G   A 1 3  ? 4.149   -21.126 -13.020 1.00 93.54  ? 3  G   A C8    1 
ATOM   35  N N7    . G   A 1 3  ? 5.397   -21.137 -12.640 1.00 93.74  ? 3  G   A N7    1 
ATOM   36  C C5    . G   A 1 3  ? 5.379   -21.807 -11.420 1.00 93.68  ? 3  G   A C5    1 
ATOM   37  C C6    . G   A 1 3  ? 6.438   -22.129 -10.523 1.00 93.94  ? 3  G   A C6    1 
ATOM   38  O O6    . G   A 1 3  ? 7.645   -21.878 -10.631 1.00 94.71  ? 3  G   A O6    1 
ATOM   39  N N1    . G   A 1 3  ? 5.972   -22.817 -9.405  1.00 93.29  ? 3  G   A N1    1 
ATOM   40  C C2    . G   A 1 3  ? 4.662   -23.157 -9.174  1.00 93.34  ? 3  G   A C2    1 
ATOM   41  N N2    . G   A 1 3  ? 4.417   -23.829 -8.034  1.00 91.45  ? 3  G   A N2    1 
ATOM   42  N N3    . G   A 1 3  ? 3.666   -22.859 -9.999  1.00 93.15  ? 3  G   A N3    1 
ATOM   43  C C4    . G   A 1 3  ? 4.096   -22.190 -11.093 1.00 93.31  ? 3  G   A C4    1 
ATOM   44  P P     . C   A 1 4  ? -0.070  -18.123 -9.774  1.00 92.49  ? 4  C   A P     1 
ATOM   45  O OP1   . C   A 1 4  ? -1.346  -17.369 -9.710  1.00 92.89  ? 4  C   A OP1   1 
ATOM   46  O OP2   . C   A 1 4  ? 1.182   -17.409 -10.140 1.00 92.46  ? 4  C   A OP2   1 
ATOM   47  O "O5'" . C   A 1 4  ? 0.142   -18.870 -8.383  1.00 90.59  ? 4  C   A "O5'" 1 
ATOM   48  C "C5'" . C   A 1 4  ? -0.814  -19.817 -7.921  1.00 85.79  ? 4  C   A "C5'" 1 
ATOM   49  C "C4'" . C   A 1 4  ? -0.191  -20.747 -6.911  1.00 83.19  ? 4  C   A "C4'" 1 
ATOM   50  O "O4'" . C   A 1 4  ? 0.904   -21.468 -7.534  1.00 80.50  ? 4  C   A "O4'" 1 
ATOM   51  C "C3'" . C   A 1 4  ? 0.471   -20.092 -5.711  1.00 82.37  ? 4  C   A "C3'" 1 
ATOM   52  O "O3'" . C   A 1 4  ? -0.461  -19.722 -4.705  1.00 81.78  ? 4  C   A "O3'" 1 
ATOM   53  C "C2'" . C   A 1 4  ? 1.379   -21.210 -5.233  1.00 81.71  ? 4  C   A "C2'" 1 
ATOM   54  O "O2'" . C   A 1 4  ? 0.657   -22.228 -4.571  1.00 80.48  ? 4  C   A "O2'" 1 
ATOM   55  C "C1'" . C   A 1 4  ? 1.906   -21.734 -6.565  1.00 80.73  ? 4  C   A "C1'" 1 
ATOM   56  N N1    . C   A 1 4  ? 3.139   -21.038 -6.958  1.00 81.34  ? 4  C   A N1    1 
ATOM   57  C C2    . C   A 1 4  ? 4.344   -21.413 -6.346  1.00 80.92  ? 4  C   A C2    1 
ATOM   58  O O2    . C   A 1 4  ? 4.331   -22.320 -5.501  1.00 81.23  ? 4  C   A O2    1 
ATOM   59  N N3    . C   A 1 4  ? 5.487   -20.784 -6.694  1.00 80.44  ? 4  C   A N3    1 
ATOM   60  C C4    . C   A 1 4  ? 5.462   -19.818 -7.613  1.00 80.70  ? 4  C   A C4    1 
ATOM   61  N N4    . C   A 1 4  ? 6.618   -19.233 -7.927  1.00 81.15  ? 4  C   A N4    1 
ATOM   62  C C5    . C   A 1 4  ? 4.251   -19.412 -8.252  1.00 80.31  ? 4  C   A C5    1 
ATOM   63  C C6    . C   A 1 4  ? 3.123   -20.043 -7.898  1.00 80.99  ? 4  C   A C6    1 
ATOM   64  P P     . G   A 1 5  ? -0.208  -18.389 -3.843  1.00 81.90  ? 5  G   A P     1 
ATOM   65  O OP1   . G   A 1 5  ? -1.424  -18.169 -3.024  1.00 82.39  ? 5  G   A OP1   1 
ATOM   66  O OP2   . G   A 1 5  ? 0.264   -17.321 -4.760  1.00 82.16  ? 5  G   A OP2   1 
ATOM   67  O "O5'" . G   A 1 5  ? 0.984   -18.767 -2.854  1.00 79.77  ? 5  G   A "O5'" 1 
ATOM   68  C "C5'" . G   A 1 5  ? 0.725   -19.527 -1.678  1.00 76.34  ? 5  G   A "C5'" 1 
ATOM   69  C "C4'" . G   A 1 5  ? 2.014   -19.924 -0.994  1.00 72.66  ? 5  G   A "C4'" 1 
ATOM   70  O "O4'" . G   A 1 5  ? 2.896   -20.540 -1.971  1.00 69.86  ? 5  G   A "O4'" 1 
ATOM   71  C "C3'" . G   A 1 5  ? 2.877   -18.813 -0.416  1.00 71.24  ? 5  G   A "C3'" 1 
ATOM   72  O "O3'" . G   A 1 5  ? 2.441   -18.362 0.858   1.00 70.56  ? 5  G   A "O3'" 1 
ATOM   73  C "C2'" . G   A 1 5  ? 4.228   -19.503 -0.296  1.00 70.12  ? 5  G   A "C2'" 1 
ATOM   74  O "O2'" . G   A 1 5  ? 4.325   -20.326 0.849   1.00 69.02  ? 5  G   A "O2'" 1 
ATOM   75  C "C1'" . G   A 1 5  ? 4.244   -20.345 -1.572  1.00 68.36  ? 5  G   A "C1'" 1 
ATOM   76  N N9    . G   A 1 5  ? 4.961   -19.653 -2.633  1.00 65.19  ? 5  G   A N9    1 
ATOM   77  C C8    . G   A 1 5  ? 4.474   -19.185 -3.832  1.00 65.49  ? 5  G   A C8    1 
ATOM   78  N N7    . G   A 1 5  ? 5.387   -18.602 -4.561  1.00 64.21  ? 5  G   A N7    1 
ATOM   79  C C5    . G   A 1 5  ? 6.542   -18.694 -3.795  1.00 62.32  ? 5  G   A C5    1 
ATOM   80  C C6    . G   A 1 5  ? 7.858   -18.248 -4.058  1.00 60.98  ? 5  G   A C6    1 
ATOM   81  O O6    . G   A 1 5  ? 8.288   -17.673 -5.056  1.00 60.21  ? 5  G   A O6    1 
ATOM   82  N N1    . G   A 1 5  ? 8.718   -18.544 -3.004  1.00 60.81  ? 5  G   A N1    1 
ATOM   83  C C2    . G   A 1 5  ? 8.355   -19.194 -1.849  1.00 60.83  ? 5  G   A C2    1 
ATOM   84  N N2    . G   A 1 5  ? 9.319   -19.393 -0.951  1.00 60.16  ? 5  G   A N2    1 
ATOM   85  N N3    . G   A 1 5  ? 7.135   -19.617 -1.596  1.00 61.17  ? 5  G   A N3    1 
ATOM   86  C C4    . G   A 1 5  ? 6.287   -19.336 -2.604  1.00 63.08  ? 5  G   A C4    1 
ATOM   87  P P     . U   A 1 6  ? 2.777   -16.859 1.309   1.00 72.31  ? 6  U   A P     1 
ATOM   88  O OP1   . U   A 1 6  ? 2.140   -16.580 2.618   1.00 71.00  ? 6  U   A OP1   1 
ATOM   89  O OP2   . U   A 1 6  ? 2.449   -16.004 0.131   1.00 70.77  ? 6  U   A OP2   1 
ATOM   90  O "O5'" . U   A 1 6  ? 4.360   -16.848 1.503   1.00 68.06  ? 6  U   A "O5'" 1 
ATOM   91  C "C5'" . U   A 1 6  ? 4.983   -17.674 2.484   1.00 64.93  ? 6  U   A "C5'" 1 
ATOM   92  C "C4'" . U   A 1 6  ? 6.465   -17.374 2.564   1.00 62.90  ? 6  U   A "C4'" 1 
ATOM   93  O "O4'" . U   A 1 6  ? 7.118   -17.786 1.334   1.00 61.95  ? 6  U   A "O4'" 1 
ATOM   94  C "C3'" . U   A 1 6  ? 6.820   -15.904 2.699   1.00 62.04  ? 6  U   A "C3'" 1 
ATOM   95  O "O3'" . U   A 1 6  ? 6.721   -15.471 4.048   1.00 60.74  ? 6  U   A "O3'" 1 
ATOM   96  C "C2'" . U   A 1 6  ? 8.242   -15.868 2.147   1.00 61.63  ? 6  U   A "C2'" 1 
ATOM   97  O "O2'" . U   A 1 6  ? 9.220   -16.344 3.051   1.00 59.99  ? 6  U   A "O2'" 1 
ATOM   98  C "C1'" . U   A 1 6  ? 8.128   -16.851 0.984   1.00 59.80  ? 6  U   A "C1'" 1 
ATOM   99  N N1    . U   A 1 6  ? 7.740   -16.232 -0.290  1.00 57.05  ? 6  U   A N1    1 
ATOM   100 C C2    . U   A 1 6  ? 8.736   -15.733 -1.117  1.00 56.58  ? 6  U   A C2    1 
ATOM   101 O O2    . U   A 1 6  ? 9.917   -15.716 -0.813  1.00 53.92  ? 6  U   A O2    1 
ATOM   102 N N3    . U   A 1 6  ? 8.291   -15.245 -2.321  1.00 56.49  ? 6  U   A N3    1 
ATOM   103 C C4    . U   A 1 6  ? 6.984   -15.186 -2.766  1.00 54.98  ? 6  U   A C4    1 
ATOM   104 O O4    . U   A 1 6  ? 6.752   -14.781 -3.902  1.00 54.20  ? 6  U   A O4    1 
ATOM   105 C C5    . U   A 1 6  ? 6.016   -15.679 -1.839  1.00 56.25  ? 6  U   A C5    1 
ATOM   106 C C6    . U   A 1 6  ? 6.417   -16.174 -0.662  1.00 57.04  ? 6  U   A C6    1 
ATOM   107 P P     . C   A 1 7  ? 5.912   -14.123 4.389   1.00 63.44  ? 7  C   A P     1 
ATOM   108 O OP1   . C   A 1 7  ? 5.532   -14.179 5.823   1.00 62.37  ? 7  C   A OP1   1 
ATOM   109 O OP2   . C   A 1 7  ? 4.852   -13.946 3.356   1.00 65.34  ? 7  C   A OP2   1 
ATOM   110 O "O5'" . C   A 1 7  ? 6.995   -12.964 4.222   1.00 61.27  ? 7  C   A "O5'" 1 
ATOM   111 C "C5'" . C   A 1 7  ? 8.013   -12.785 5.205   1.00 59.51  ? 7  C   A "C5'" 1 
ATOM   112 C "C4'" . C   A 1 7  ? 9.266   -12.187 4.594   1.00 58.01  ? 7  C   A "C4'" 1 
ATOM   113 O "O4'" . C   A 1 7  ? 9.712   -13.011 3.477   1.00 55.64  ? 7  C   A "O4'" 1 
ATOM   114 C "C3'" . C   A 1 7  ? 9.164   -10.792 3.992   1.00 57.86  ? 7  C   A "C3'" 1 
ATOM   115 O "O3'" . C   A 1 7  ? 9.231   -9.772  4.992   1.00 59.68  ? 7  C   A "O3'" 1 
ATOM   116 C "C2'" . C   A 1 7  ? 10.394  -10.778 3.093   1.00 56.20  ? 7  C   A "C2'" 1 
ATOM   117 O "O2'" . C   A 1 7  ? 11.581  -10.624 3.841   1.00 55.39  ? 7  C   A "O2'" 1 
ATOM   118 C "C1'" . C   A 1 7  ? 10.350  -12.193 2.509   1.00 54.79  ? 7  C   A "C1'" 1 
ATOM   119 N N1    . C   A 1 7  ? 9.576   -12.253 1.253   1.00 52.11  ? 7  C   A N1    1 
ATOM   120 C C2    . C   A 1 7  ? 10.221  -11.922 0.053   1.00 50.00  ? 7  C   A C2    1 
ATOM   121 O O2    . C   A 1 7  ? 11.428  -11.642 0.079   1.00 46.84  ? 7  C   A O2    1 
ATOM   122 N N3    . C   A 1 7  ? 9.513   -11.924 -1.102  1.00 48.45  ? 7  C   A N3    1 
ATOM   123 C C4    . C   A 1 7  ? 8.221   -12.249 -1.090  1.00 48.15  ? 7  C   A C4    1 
ATOM   124 N N4    . C   A 1 7  ? 7.563   -12.206 -2.247  1.00 45.88  ? 7  C   A N4    1 
ATOM   125 C C5    . C   A 1 7  ? 7.545   -12.622 0.112   1.00 49.47  ? 7  C   A C5    1 
ATOM   126 C C6    . C   A 1 7  ? 8.253   -12.606 1.250   1.00 50.08  ? 7  C   A C6    1 
ATOM   127 P P     . G   A 1 8  ? 8.374   -8.411  4.822   1.00 62.56  ? 8  G   A P     1 
ATOM   128 O OP1   . G   A 1 8  ? 8.716   -7.552  5.981   1.00 62.79  ? 8  G   A OP1   1 
ATOM   129 O OP2   . G   A 1 8  ? 6.940   -8.723  4.538   1.00 62.70  ? 8  G   A OP2   1 
ATOM   130 O "O5'" . G   A 1 8  ? 8.999   -7.712  3.530   1.00 64.16  ? 8  G   A "O5'" 1 
ATOM   131 C "C5'" . G   A 1 8  ? 10.336  -7.231  3.551   1.00 63.83  ? 8  G   A "C5'" 1 
ATOM   132 C "C4'" . G   A 1 8  ? 10.817  -6.890  2.155   1.00 63.72  ? 8  G   A "C4'" 1 
ATOM   133 O "O4'" . G   A 1 8  ? 10.657  -8.032  1.267   1.00 63.94  ? 8  G   A "O4'" 1 
ATOM   134 C "C3'" . G   A 1 8  ? 10.091  -5.805  1.384   1.00 64.18  ? 8  G   A "C3'" 1 
ATOM   135 O "O3'" . G   A 1 8  ? 10.389  -4.501  1.859   1.00 63.26  ? 8  G   A "O3'" 1 
ATOM   136 C "C2'" . G   A 1 8  ? 10.645  -6.043  -0.017  1.00 63.72  ? 8  G   A "C2'" 1 
ATOM   137 O "O2'" . G   A 1 8  ? 11.991  -5.613  -0.144  1.00 63.55  ? 8  G   A "O2'" 1 
ATOM   138 C "C1'" . G   A 1 8  ? 10.615  -7.570  -0.078  1.00 62.35  ? 8  G   A "C1'" 1 
ATOM   139 N N9    . G   A 1 8  ? 9.393   -8.041  -0.718  1.00 60.62  ? 8  G   A N9    1 
ATOM   140 C C8    . G   A 1 8  ? 8.281   -8.605  -0.139  1.00 60.16  ? 8  G   A C8    1 
ATOM   141 N N7    . G   A 1 8  ? 7.347   -8.894  -1.007  1.00 59.28  ? 8  G   A N7    1 
ATOM   142 C C5    . G   A 1 8  ? 7.880   -8.498  -2.227  1.00 58.59  ? 8  G   A C5    1 
ATOM   143 C C6    . G   A 1 8  ? 7.334   -8.550  -3.537  1.00 58.65  ? 8  G   A C6    1 
ATOM   144 O O6    . G   A 1 8  ? 6.220   -8.966  -3.901  1.00 58.24  ? 8  G   A O6    1 
ATOM   145 N N1    . G   A 1 8  ? 8.223   -8.041  -4.479  1.00 59.52  ? 8  G   A N1    1 
ATOM   146 C C2    . G   A 1 8  ? 9.467   -7.534  -4.201  1.00 59.28  ? 8  G   A C2    1 
ATOM   147 N N2    . G   A 1 8  ? 10.169  -7.068  -5.243  1.00 59.98  ? 8  G   A N2    1 
ATOM   148 N N3    . G   A 1 8  ? 9.982   -7.480  -2.992  1.00 59.67  ? 8  G   A N3    1 
ATOM   149 C C4    . G   A 1 8  ? 9.142   -7.974  -2.061  1.00 59.66  ? 8  G   A C4    1 
ATOM   150 P P     . C   A 1 9  ? 9.327   -3.316  1.626   1.00 63.38  ? 9  C   A P     1 
ATOM   151 O OP1   . C   A 1 9  ? 9.792   -2.174  2.438   1.00 66.98  ? 9  C   A OP1   1 
ATOM   152 O OP2   . C   A 1 9  ? 7.935   -3.829  1.801   1.00 63.56  ? 9  C   A OP2   1 
ATOM   153 O "O5'" . C   A 1 9  ? 9.507   -2.926  0.097   1.00 61.90  ? 9  C   A "O5'" 1 
ATOM   154 C "C5'" . C   A 1 9  ? 10.732  -2.411  -0.368  1.00 58.40  ? 9  C   A "C5'" 1 
ATOM   155 C "C4'" . C   A 1 9  ? 10.675  -2.228  -1.860  1.00 58.33  ? 9  C   A "C4'" 1 
ATOM   156 O "O4'" . C   A 1 9  ? 10.468  -3.514  -2.505  1.00 58.00  ? 9  C   A "O4'" 1 
ATOM   157 C "C3'" . C   A 1 9  ? 9.530   -1.397  -2.398  1.00 56.21  ? 9  C   A "C3'" 1 
ATOM   158 O "O3'" . C   A 1 9  ? 9.807   -0.013  -2.233  1.00 55.04  ? 9  C   A "O3'" 1 
ATOM   159 C "C2'" . C   A 1 9  ? 9.558   -1.818  -3.862  1.00 59.23  ? 9  C   A "C2'" 1 
ATOM   160 O "O2'" . C   A 1 9  ? 10.660  -1.267  -4.560  1.00 61.90  ? 9  C   A "O2'" 1 
ATOM   161 C "C1'" . C   A 1 9  ? 9.792   -3.323  -3.731  1.00 57.10  ? 9  C   A "C1'" 1 
ATOM   162 N N1    . C   A 1 9  ? 8.531   -4.069  -3.689  1.00 56.81  ? 9  C   A N1    1 
ATOM   163 C C2    . C   A 1 9  ? 7.830   -4.245  -4.879  1.00 57.67  ? 9  C   A C2    1 
ATOM   164 O O2    . C   A 1 9  ? 8.315   -3.794  -5.934  1.00 60.31  ? 9  C   A O2    1 
ATOM   165 N N3    . C   A 1 9  ? 6.646   -4.896  -4.859  1.00 56.65  ? 9  C   A N3    1 
ATOM   166 C C4    . C   A 1 9  ? 6.163   -5.364  -3.710  1.00 53.94  ? 9  C   A C4    1 
ATOM   167 N N4    . C   A 1 9  ? 4.981   -5.984  -3.738  1.00 52.36  ? 9  C   A N4    1 
ATOM   168 C C5    . C   A 1 9  ? 6.869   -5.214  -2.483  1.00 53.92  ? 9  C   A C5    1 
ATOM   169 C C6    . C   A 1 9  ? 8.040   -4.568  -2.518  1.00 55.59  ? 9  C   A C6    1 
ATOM   170 P P     . U   A 1 10 ? 8.616   1.012   -1.862  1.00 56.37  ? 10 U   A P     1 
ATOM   171 O OP1   . U   A 1 10 ? 9.254   2.298   -1.523  1.00 54.73  ? 10 U   A OP1   1 
ATOM   172 O OP2   . U   A 1 10 ? 7.640   0.411   -0.916  1.00 56.57  ? 10 U   A OP2   1 
ATOM   173 O "O5'" . U   A 1 10 ? 7.876   1.228   -3.247  1.00 57.74  ? 10 U   A "O5'" 1 
ATOM   174 C "C5'" . U   A 1 10 ? 8.600   1.685   -4.373  1.00 57.84  ? 10 U   A "C5'" 1 
ATOM   175 C "C4'" . U   A 1 10 ? 7.809   1.436   -5.620  1.00 58.40  ? 10 U   A "C4'" 1 
ATOM   176 O "O4'" . U   A 1 10 ? 7.700   0.007   -5.850  1.00 57.61  ? 10 U   A "O4'" 1 
ATOM   177 C "C3'" . U   A 1 10 ? 6.364   1.900   -5.573  1.00 58.94  ? 10 U   A "C3'" 1 
ATOM   178 O "O3'" . U   A 1 10 ? 6.277   3.306   -5.820  1.00 61.23  ? 10 U   A "O3'" 1 
ATOM   179 C "C2'" . U   A 1 10 ? 5.770   1.082   -6.709  1.00 58.81  ? 10 U   A "C2'" 1 
ATOM   180 O "O2'" . U   A 1 10 ? 6.150   1.623   -7.958  1.00 61.33  ? 10 U   A "O2'" 1 
ATOM   181 C "C1'" . U   A 1 10 ? 6.473   -0.267  -6.508  1.00 57.87  ? 10 U   A "C1'" 1 
ATOM   182 N N1    . U   A 1 10 ? 5.690   -1.196  -5.679  1.00 57.89  ? 10 U   A N1    1 
ATOM   183 C C2    . U   A 1 10 ? 4.693   -1.920  -6.304  1.00 56.47  ? 10 U   A C2    1 
ATOM   184 O O2    . U   A 1 10 ? 4.491   -1.863  -7.504  1.00 57.63  ? 10 U   A O2    1 
ATOM   185 N N3    . U   A 1 10 ? 3.950   -2.718  -5.473  1.00 54.46  ? 10 U   A N3    1 
ATOM   186 C C4    . U   A 1 10 ? 4.114   -2.880  -4.114  1.00 54.73  ? 10 U   A C4    1 
ATOM   187 O O4    . U   A 1 10 ? 3.366   -3.639  -3.503  1.00 56.37  ? 10 U   A O4    1 
ATOM   188 C C5    . U   A 1 10 ? 5.183   -2.129  -3.547  1.00 55.02  ? 10 U   A C5    1 
ATOM   189 C C6    . U   A 1 10 ? 5.918   -1.331  -4.328  1.00 56.90  ? 10 U   A C6    1 
ATOM   190 P P     . C   A 1 11 ? 5.124   4.191   -5.104  1.00 60.09  ? 11 C   A P     1 
ATOM   191 O OP1   . C   A 1 11 ? 5.627   5.591   -5.127  1.00 58.21  ? 11 C   A OP1   1 
ATOM   192 O OP2   . C   A 1 11 ? 4.722   3.579   -3.809  1.00 59.49  ? 11 C   A OP2   1 
ATOM   193 O "O5'" . C   A 1 11 ? 3.890   4.067   -6.106  1.00 58.41  ? 11 C   A "O5'" 1 
ATOM   194 C "C5'" . C   A 1 11 ? 4.071   4.254   -7.508  1.00 54.74  ? 11 C   A "C5'" 1 
ATOM   195 C "C4'" . C   A 1 11 ? 2.979   3.547   -8.284  1.00 53.18  ? 11 C   A "C4'" 1 
ATOM   196 O "O4'" . C   A 1 11 ? 3.117   2.104   -8.166  1.00 50.92  ? 11 C   A "O4'" 1 
ATOM   197 C "C3'" . C   A 1 11 ? 1.555   3.809   -7.821  1.00 51.97  ? 11 C   A "C3'" 1 
ATOM   198 O "O3'" . C   A 1 11 ? 1.054   5.027   -8.342  1.00 49.49  ? 11 C   A "O3'" 1 
ATOM   199 C "C2'" . C   A 1 11 ? 0.809   2.627   -8.422  1.00 51.64  ? 11 C   A "C2'" 1 
ATOM   200 O "O2'" . C   A 1 11 ? 0.490   2.826   -9.784  1.00 53.33  ? 11 C   A "O2'" 1 
ATOM   201 C "C1'" . C   A 1 11 ? 1.832   1.502   -8.253  1.00 50.17  ? 11 C   A "C1'" 1 
ATOM   202 N N1    . C   A 1 11 ? 1.584   0.725   -7.026  1.00 49.45  ? 11 C   A N1    1 
ATOM   203 C C2    . C   A 1 11 ? 0.491   -0.144  -7.004  1.00 47.32  ? 11 C   A C2    1 
ATOM   204 O O2    . C   A 1 11 ? -0.203  -0.248  -8.024  1.00 44.91  ? 11 C   A O2    1 
ATOM   205 N N3    . C   A 1 11 ? 0.227   -0.857  -5.879  1.00 45.34  ? 11 C   A N3    1 
ATOM   206 C C4    . C   A 1 11 ? 1.022   -0.737  -4.815  1.00 44.72  ? 11 C   A C4    1 
ATOM   207 N N4    . C   A 1 11 ? 0.726   -1.453  -3.731  1.00 43.67  ? 11 C   A N4    1 
ATOM   208 C C5    . C   A 1 11 ? 2.156   0.130   -4.814  1.00 45.96  ? 11 C   A C5    1 
ATOM   209 C C6    . C   A 1 11 ? 2.393   0.843   -5.928  1.00 47.98  ? 11 C   A C6    1 
ATOM   210 P P     . C   A 1 12 ? -0.068  5.836   -7.526  1.00 50.33  ? 12 C   A P     1 
ATOM   211 O OP1   . C   A 1 12 ? -0.059  7.233   -8.040  1.00 49.70  ? 12 C   A OP1   1 
ATOM   212 O OP2   . C   A 1 12 ? 0.113   5.599   -6.074  1.00 53.01  ? 12 C   A OP2   1 
ATOM   213 O "O5'" . C   A 1 12 ? -1.421  5.099   -7.922  1.00 49.73  ? 12 C   A "O5'" 1 
ATOM   214 C "C5'" . C   A 1 12 ? -1.898  5.095   -9.259  1.00 44.69  ? 12 C   A "C5'" 1 
ATOM   215 C "C4'" . C   A 1 12 ? -3.173  4.305   -9.343  1.00 42.91  ? 12 C   A "C4'" 1 
ATOM   216 O "O4'" . C   A 1 12 ? -2.907  2.888   -9.125  1.00 42.34  ? 12 C   A "O4'" 1 
ATOM   217 C "C3'" . C   A 1 12 ? -4.198  4.636   -8.279  1.00 42.71  ? 12 C   A "C3'" 1 
ATOM   218 O "O3'" . C   A 1 12 ? -4.902  5.820   -8.612  1.00 43.64  ? 12 C   A "O3'" 1 
ATOM   219 C "C2'" . C   A 1 12 ? -5.076  3.397   -8.319  1.00 41.23  ? 12 C   A "C2'" 1 
ATOM   220 O "O2'" . C   A 1 12 ? -5.887  3.408   -9.468  1.00 42.90  ? 12 C   A "O2'" 1 
ATOM   221 C "C1'" . C   A 1 12 ? -4.022  2.294   -8.470  1.00 42.65  ? 12 C   A "C1'" 1 
ATOM   222 N N1    . C   A 1 12 ? -3.567  1.734   -7.184  1.00 42.45  ? 12 C   A N1    1 
ATOM   223 C C2    . C   A 1 12 ? -4.363  0.780   -6.530  1.00 43.34  ? 12 C   A C2    1 
ATOM   224 O O2    . C   A 1 12 ? -5.439  0.444   -7.040  1.00 46.44  ? 12 C   A O2    1 
ATOM   225 N N3    . C   A 1 12 ? -3.940  0.259   -5.358  1.00 43.11  ? 12 C   A N3    1 
ATOM   226 C C4    . C   A 1 12 ? -2.776  0.653   -4.837  1.00 42.44  ? 12 C   A C4    1 
ATOM   227 N N4    . C   A 1 12 ? -2.381  0.105   -3.694  1.00 41.41  ? 12 C   A N4    1 
ATOM   228 C C5    . C   A 1 12 ? -1.958  1.629   -5.471  1.00 43.72  ? 12 C   A C5    1 
ATOM   229 C C6    . C   A 1 12 ? -2.387  2.138   -6.631  1.00 42.72  ? 12 C   A C6    1 
ATOM   230 P P     . G   A 1 13 ? -5.579  6.712   -7.449  1.00 46.16  ? 13 G   A P     1 
ATOM   231 O OP1   . G   A 1 13 ? -6.244  7.839   -8.154  1.00 46.38  ? 13 G   A OP1   1 
ATOM   232 O OP2   . G   A 1 13 ? -4.595  7.002   -6.369  1.00 43.50  ? 13 G   A OP2   1 
ATOM   233 O "O5'" . G   A 1 13 ? -6.746  5.780   -6.884  1.00 45.36  ? 13 G   A "O5'" 1 
ATOM   234 C "C5'" . G   A 1 13 ? -7.899  5.519   -7.681  1.00 43.86  ? 13 G   A "C5'" 1 
ATOM   235 C "C4'" . G   A 1 13 ? -8.863  4.602   -6.956  1.00 45.54  ? 13 G   A "C4'" 1 
ATOM   236 O "O4'" . G   A 1 13 ? -8.279  3.274   -6.752  1.00 41.87  ? 13 G   A "O4'" 1 
ATOM   237 C "C3'" . G   A 1 13 ? -9.263  5.023   -5.551  1.00 46.06  ? 13 G   A "C3'" 1 
ATOM   238 O "O3'" . G   A 1 13 ? -10.202 6.100   -5.515  1.00 49.15  ? 13 G   A "O3'" 1 
ATOM   239 C "C2'" . G   A 1 13 ? -9.819  3.714   -5.005  1.00 45.69  ? 13 G   A "C2'" 1 
ATOM   240 O "O2'" . G   A 1 13 ? -11.097 3.380   -5.509  1.00 46.01  ? 13 G   A "O2'" 1 
ATOM   241 C "C1'" . G   A 1 13 ? -8.795  2.715   -5.547  1.00 44.00  ? 13 G   A "C1'" 1 
ATOM   242 N N9    . G   A 1 13 ? -7.690  2.493   -4.600  1.00 42.93  ? 13 G   A N9    1 
ATOM   243 C C8    . G   A 1 13 ? -6.435  3.046   -4.633  1.00 41.69  ? 13 G   A C8    1 
ATOM   244 N N7    . G   A 1 13 ? -5.683  2.669   -3.633  1.00 41.12  ? 13 G   A N7    1 
ATOM   245 C C5    . G   A 1 13 ? -6.493  1.823   -2.896  1.00 40.70  ? 13 G   A C5    1 
ATOM   246 C C6    . G   A 1 13 ? -6.239  1.126   -1.664  1.00 41.31  ? 13 G   A C6    1 
ATOM   247 O O6    . G   A 1 13 ? -5.213  1.138   -0.958  1.00 37.95  ? 13 G   A O6    1 
ATOM   248 N N1    . G   A 1 13 ? -7.340  0.376   -1.272  1.00 39.66  ? 13 G   A N1    1 
ATOM   249 C C2    . G   A 1 13 ? -8.533  0.307   -1.952  1.00 39.46  ? 13 G   A C2    1 
ATOM   250 N N2    . G   A 1 13 ? -9.479  -0.477  -1.415  1.00 38.04  ? 13 G   A N2    1 
ATOM   251 N N3    . G   A 1 13 ? -8.783  0.958   -3.079  1.00 38.25  ? 13 G   A N3    1 
ATOM   252 C C4    . G   A 1 13 ? -7.732  1.687   -3.485  1.00 38.62  ? 13 G   A C4    1 
ATOM   253 P P     . G   A 1 14 ? -10.216 7.091   -4.244  1.00 49.88  ? 14 G   A P     1 
ATOM   254 O OP1   . G   A 1 14 ? -11.181 8.192   -4.456  1.00 48.55  ? 14 G   A OP1   1 
ATOM   255 O OP2   . G   A 1 14 ? -8.808  7.422   -3.944  1.00 53.49  ? 14 G   A OP2   1 
ATOM   256 O "O5'" . G   A 1 14 ? -10.773 6.151   -3.081  1.00 50.71  ? 14 G   A "O5'" 1 
ATOM   257 C "C5'" . G   A 1 14 ? -12.027 5.483   -3.231  1.00 50.34  ? 14 G   A "C5'" 1 
ATOM   258 C "C4'" . G   A 1 14 ? -12.272 4.517   -2.090  1.00 50.57  ? 14 G   A "C4'" 1 
ATOM   259 O "O4'" . G   A 1 14 ? -11.271 3.461   -2.100  1.00 48.72  ? 14 G   A "O4'" 1 
ATOM   260 C "C3'" . G   A 1 14 ? -12.179 5.048   -0.672  1.00 49.47  ? 14 G   A "C3'" 1 
ATOM   261 O "O3'" . G   A 1 14 ? -13.326 5.784   -0.280  1.00 49.51  ? 14 G   A "O3'" 1 
ATOM   262 C "C2'" . G   A 1 14 ? -12.059 3.744   0.103   1.00 50.79  ? 14 G   A "C2'" 1 
ATOM   263 O "O2'" . G   A 1 14 ? -13.281 3.028   0.161   1.00 51.69  ? 14 G   A "O2'" 1 
ATOM   264 C "C1'" . G   A 1 14 ? -11.085 2.970   -0.785  1.00 48.21  ? 14 G   A "C1'" 1 
ATOM   265 N N9    . G   A 1 14 ? -9.689  3.174   -0.403  1.00 47.68  ? 14 G   A N9    1 
ATOM   266 C C8    . G   A 1 14 ? -8.770  3.953   -1.052  1.00 46.86  ? 14 G   A C8    1 
ATOM   267 N N7    . G   A 1 14 ? -7.594  3.936   -0.490  1.00 47.14  ? 14 G   A N7    1 
ATOM   268 C C5    . G   A 1 14 ? -7.743  3.097   0.605   1.00 48.46  ? 14 G   A C5    1 
ATOM   269 C C6    . G   A 1 14 ? -6.797  2.693   1.600   1.00 49.48  ? 14 G   A C6    1 
ATOM   270 O O6    . G   A 1 14 ? -5.600  2.989   1.695   1.00 48.41  ? 14 G   A O6    1 
ATOM   271 N N1    . G   A 1 14 ? -7.375  1.847   2.541   1.00 48.59  ? 14 G   A N1    1 
ATOM   272 C C2    . G   A 1 14 ? -8.678  1.428   2.529   1.00 47.69  ? 14 G   A C2    1 
ATOM   273 N N2    . G   A 1 14 ? -9.032  0.604   3.523   1.00 46.44  ? 14 G   A N2    1 
ATOM   274 N N3    . G   A 1 14 ? -9.567  1.786   1.608   1.00 47.97  ? 14 G   A N3    1 
ATOM   275 C C4    . G   A 1 14 ? -9.032  2.619   0.681   1.00 48.37  ? 14 G   A C4    1 
ATOM   276 P P     . A   A 1 15 ? -13.242 6.745   1.008   1.00 55.71  ? 15 A   A P     1 
ATOM   277 O OP1   . A   A 1 15 ? -14.533 7.474   1.150   1.00 52.20  ? 15 A   A OP1   1 
ATOM   278 O OP2   . A   A 1 15 ? -11.971 7.512   0.930   1.00 55.52  ? 15 A   A OP2   1 
ATOM   279 O "O5'" . A   A 1 15 ? -13.120 5.738   2.236   1.00 53.00  ? 15 A   A "O5'" 1 
ATOM   280 C "C5'" . A   A 1 15 ? -14.242 4.992   2.667   1.00 51.01  ? 15 A   A "C5'" 1 
ATOM   281 C "C4'" . A   A 1 15 ? -13.950 4.333   3.991   1.00 51.25  ? 15 A   A "C4'" 1 
ATOM   282 O "O4'" . A   A 1 15 ? -12.839 3.411   3.836   1.00 51.49  ? 15 A   A "O4'" 1 
ATOM   283 C "C3'" . A   A 1 15 ? -13.544 5.254   5.130   1.00 50.51  ? 15 A   A "C3'" 1 
ATOM   284 O "O3'" . A   A 1 15 ? -14.733 5.756   5.750   1.00 50.23  ? 15 A   A "O3'" 1 
ATOM   285 C "C2'" . A   A 1 15 ? -12.780 4.289   6.033   1.00 51.88  ? 15 A   A "C2'" 1 
ATOM   286 O "O2'" . A   A 1 15 ? -13.662 3.462   6.760   1.00 54.19  ? 15 A   A "O2'" 1 
ATOM   287 C "C1'" . A   A 1 15 ? -12.050 3.409   5.009   1.00 50.19  ? 15 A   A "C1'" 1 
ATOM   288 N N9    . A   A 1 15 ? -10.703 3.855   4.641   1.00 49.16  ? 15 A   A N9    1 
ATOM   289 C C8    . A   A 1 15 ? -10.347 4.584   3.531   1.00 48.10  ? 15 A   A C8    1 
ATOM   290 N N7    . A   A 1 15 ? -9.069  4.858   3.467   1.00 45.90  ? 15 A   A N7    1 
ATOM   291 C C5    . A   A 1 15 ? -8.547  4.274   4.607   1.00 46.49  ? 15 A   A C5    1 
ATOM   292 C C6    . A   A 1 15 ? -7.247  4.219   5.121   1.00 48.11  ? 15 A   A C6    1 
ATOM   293 N N6    . A   A 1 15 ? -6.204  4.811   4.535   1.00 47.71  ? 15 A   A N6    1 
ATOM   294 N N1    . A   A 1 15 ? -7.050  3.535   6.276   1.00 47.00  ? 15 A   A N1    1 
ATOM   295 C C2    . A   A 1 15 ? -8.104  2.965   6.864   1.00 45.77  ? 15 A   A C2    1 
ATOM   296 N N3    . A   A 1 15 ? -9.380  2.961   6.484   1.00 47.28  ? 15 A   A N3    1 
ATOM   297 C C4    . A   A 1 15 ? -9.538  3.640   5.335   1.00 47.79  ? 15 A   A C4    1 
ATOM   298 P P     . A   A 1 16 ? -14.661 6.968   6.815   1.00 51.66  ? 16 A   A P     1 
ATOM   299 O OP1   . A   A 1 16 ? -16.056 7.393   7.108   1.00 50.76  ? 16 A   A OP1   1 
ATOM   300 O OP2   . A   A 1 16 ? -13.698 7.961   6.287   1.00 48.58  ? 16 A   A OP2   1 
ATOM   301 O "O5'" . A   A 1 16 ? -14.092 6.277   8.145   1.00 52.20  ? 16 A   A "O5'" 1 
ATOM   302 C "C5'" . A   A 1 16 ? -13.979 7.001   9.385   1.00 51.91  ? 16 A   A "C5'" 1 
ATOM   303 C "C4'" . A   A 1 16 ? -13.691 6.046   10.530  1.00 49.84  ? 16 A   A "C4'" 1 
ATOM   304 O "O4'" . A   A 1 16 ? -14.781 5.114   10.626  1.00 51.05  ? 16 A   A "O4'" 1 
ATOM   305 C "C3'" . A   A 1 16 ? -12.459 5.174   10.333  1.00 51.67  ? 16 A   A "C3'" 1 
ATOM   306 O "O3'" . A   A 1 16 ? -11.290 5.708   10.980  1.00 52.49  ? 16 A   A "O3'" 1 
ATOM   307 C "C2'" . A   A 1 16 ? -12.783 3.861   11.057  1.00 51.48  ? 16 A   A "C2'" 1 
ATOM   308 O "O2'" . A   A 1 16 ? -12.151 3.777   12.337  1.00 54.13  ? 16 A   A "O2'" 1 
ATOM   309 C "C1'" . A   A 1 16 ? -14.311 3.905   11.172  1.00 50.18  ? 16 A   A "C1'" 1 
ATOM   310 N N9    . A   A 1 16 ? -15.064 2.789   10.603  1.00 48.08  ? 16 A   A N9    1 
ATOM   311 C C8    . A   A 1 16 ? -15.676 2.674   9.383   1.00 47.08  ? 16 A   A C8    1 
ATOM   312 N N7    . A   A 1 16 ? -16.271 1.517   9.200   1.00 46.97  ? 16 A   A N7    1 
ATOM   313 C C5    . A   A 1 16 ? -16.033 0.828   10.374  1.00 47.66  ? 16 A   A C5    1 
ATOM   314 C C6    . A   A 1 16 ? -16.386 -0.466  10.806  1.00 48.47  ? 16 A   A C6    1 
ATOM   315 N N6    . A   A 1 16 ? -17.048 -1.336  10.055  1.00 49.25  ? 16 A   A N6    1 
ATOM   316 N N1    . A   A 1 16 ? -16.015 -0.840  12.049  1.00 48.37  ? 16 A   A N1    1 
ATOM   317 C C2    . A   A 1 16 ? -15.322 0.030   12.800  1.00 48.60  ? 16 A   A C2    1 
ATOM   318 N N3    . A   A 1 16 ? -14.912 1.262   12.501  1.00 47.92  ? 16 A   A N3    1 
ATOM   319 C C4    . A   A 1 16 ? -15.301 1.604   11.257  1.00 49.05  ? 16 A   A C4    1 
ATOM   320 P P     . A   A 1 17 ? -11.377 6.947   12.027  1.00 50.73  ? 17 A   A P     1 
ATOM   321 O OP1   . A   A 1 17 ? -11.995 6.512   13.298  1.00 52.21  ? 17 A   A OP1   1 
ATOM   322 O OP2   . A   A 1 17 ? -11.850 8.197   11.389  1.00 52.27  ? 17 A   A OP2   1 
ATOM   323 O "O5'" . A   A 1 17 ? -9.827  7.113   12.336  1.00 52.68  ? 17 A   A "O5'" 1 
ATOM   324 C "C5'" . A   A 1 17 ? -9.074  6.011   12.860  1.00 49.68  ? 17 A   A "C5'" 1 
ATOM   325 C "C4'" . A   A 1 17 ? -7.886  5.700   11.977  1.00 47.04  ? 17 A   A "C4'" 1 
ATOM   326 O "O4'" . A   A 1 17 ? -8.259  4.866   10.849  1.00 45.78  ? 17 A   A "O4'" 1 
ATOM   327 C "C3'" . A   A 1 17 ? -7.168  6.890   11.372  1.00 47.38  ? 17 A   A "C3'" 1 
ATOM   328 O "O3'" . A   A 1 17 ? -6.274  7.435   12.331  1.00 50.66  ? 17 A   A "O3'" 1 
ATOM   329 C "C2'" . A   A 1 17 ? -6.437  6.230   10.212  1.00 45.02  ? 17 A   A "C2'" 1 
ATOM   330 O "O2'" . A   A 1 17 ? -5.347  5.477   10.680  1.00 42.79  ? 17 A   A "O2'" 1 
ATOM   331 C "C1'" . A   A 1 17 ? -7.501  5.250   9.713   1.00 43.67  ? 17 A   A "C1'" 1 
ATOM   332 N N9    . A   A 1 17 ? -8.427  5.827   8.731   1.00 38.10  ? 17 A   A N9    1 
ATOM   333 C C8    . A   A 1 17 ? -9.800  5.790   8.763   1.00 37.28  ? 17 A   A C8    1 
ATOM   334 N N7    . A   A 1 17 ? -10.377 6.397   7.758   1.00 33.39  ? 17 A   A N7    1 
ATOM   335 C C5    . A   A 1 17 ? -9.309  6.860   7.007   1.00 33.55  ? 17 A   A C5    1 
ATOM   336 C C6    . A   A 1 17 ? -9.243  7.572   5.809   1.00 27.13  ? 17 A   A C6    1 
ATOM   337 N N6    . A   A 1 17 ? -10.311 7.953   5.137   1.00 23.90  ? 17 A   A N6    1 
ATOM   338 N N1    . A   A 1 17 ? -8.024  7.875   5.322   1.00 26.30  ? 17 A   A N1    1 
ATOM   339 C C2    . A   A 1 17 ? -6.948  7.476   6.000   1.00 25.77  ? 17 A   A C2    1 
ATOM   340 N N3    . A   A 1 17 ? -6.876  6.797   7.138   1.00 30.30  ? 17 A   A N3    1 
ATOM   341 C C4    . A   A 1 17 ? -8.100  6.516   7.595   1.00 33.38  ? 17 A   A C4    1 
ATOM   342 P P     . A   A 1 18 ? -5.801  8.963   12.214  1.00 52.72  ? 18 A   A P     1 
ATOM   343 O OP1   . A   A 1 18 ? -6.984  9.838   12.382  1.00 52.62  ? 18 A   A OP1   1 
ATOM   344 O OP2   . A   A 1 18 ? -4.948  9.094   11.000  1.00 52.90  ? 18 A   A OP2   1 
ATOM   345 O "O5'" . A   A 1 18 ? -4.899  9.152   13.512  1.00 55.73  ? 18 A   A "O5'" 1 
ATOM   346 C "C5'" . A   A 1 18 ? -5.480  9.068   14.812  1.00 57.62  ? 18 A   A "C5'" 1 
ATOM   347 C "C4'" . A   A 1 18 ? -4.408  8.902   15.858  1.00 57.71  ? 18 A   A "C4'" 1 
ATOM   348 O "O4'" . A   A 1 18 ? -3.467  7.912   15.372  1.00 60.16  ? 18 A   A "O4'" 1 
ATOM   349 C "C3'" . A   A 1 18 ? -3.519  10.102  16.143  1.00 57.77  ? 18 A   A "C3'" 1 
ATOM   350 O "O3'" . A   A 1 18 ? -4.119  10.955  17.108  1.00 55.00  ? 18 A   A "O3'" 1 
ATOM   351 C "C2'" . A   A 1 18 ? -2.300  9.436   16.770  1.00 60.23  ? 18 A   A "C2'" 1 
ATOM   352 O "O2'" . A   A 1 18 ? -2.501  9.104   18.133  1.00 62.61  ? 18 A   A "O2'" 1 
ATOM   353 C "C1'" . A   A 1 18 ? -2.203  8.140   15.967  1.00 60.11  ? 18 A   A "C1'" 1 
ATOM   354 N N9    . A   A 1 18 ? -1.188  8.194   14.923  1.00 60.91  ? 18 A   A N9    1 
ATOM   355 C C8    . A   A 1 18 ? -1.255  8.786   13.687  1.00 60.98  ? 18 A   A C8    1 
ATOM   356 N N7    . A   A 1 18 ? -0.156  8.662   12.983  1.00 60.61  ? 18 A   A N7    1 
ATOM   357 C C5    . A   A 1 18 ? 0.692   7.940   13.814  1.00 61.28  ? 18 A   A C5    1 
ATOM   358 C C6    . A   A 1 18 ? 2.015   7.487   13.656  1.00 60.82  ? 18 A   A C6    1 
ATOM   359 N N6    . A   A 1 18 ? 2.754   7.717   12.567  1.00 59.40  ? 18 A   A N6    1 
ATOM   360 N N1    . A   A 1 18 ? 2.563   6.786   14.673  1.00 61.20  ? 18 A   A N1    1 
ATOM   361 C C2    . A   A 1 18 ? 1.831   6.577   15.776  1.00 62.24  ? 18 A   A C2    1 
ATOM   362 N N3    . A   A 1 18 ? 0.585   6.964   16.048  1.00 62.61  ? 18 A   A N3    1 
ATOM   363 C C4    . A   A 1 18 ? 0.066   7.646   15.010  1.00 61.49  ? 18 A   A C4    1 
ATOM   364 P P     . G   A 1 19 ? -4.614  12.423  16.683  1.00 57.04  ? 19 G   A P     1 
ATOM   365 O OP1   . G   A 1 19 ? -4.856  13.165  17.936  1.00 56.85  ? 19 G   A OP1   1 
ATOM   366 O OP2   . G   A 1 19 ? -5.710  12.296  15.678  1.00 55.62  ? 19 G   A OP2   1 
ATOM   367 O "O5'" . G   A 1 19 ? -3.367  13.094  15.957  1.00 56.96  ? 19 G   A "O5'" 1 
ATOM   368 C "C5'" . G   A 1 19 ? -2.128  13.257  16.623  1.00 57.01  ? 19 G   A "C5'" 1 
ATOM   369 C "C4'" . G   A 1 19 ? -1.001  13.121  15.633  1.00 57.30  ? 19 G   A "C4'" 1 
ATOM   370 O "O4'" . G   A 1 19 ? -1.342  12.026  14.741  1.00 57.34  ? 19 G   A "O4'" 1 
ATOM   371 C "C3'" . G   A 1 19 ? -0.788  14.279  14.672  1.00 57.72  ? 19 G   A "C3'" 1 
ATOM   372 O "O3'" . G   A 1 19 ? 0.015   15.298  15.236  1.00 62.22  ? 19 G   A "O3'" 1 
ATOM   373 C "C2'" . G   A 1 19 ? -0.062  13.581  13.541  1.00 56.77  ? 19 G   A "C2'" 1 
ATOM   374 O "O2'" . G   A 1 19 ? 1.248   13.199  13.887  1.00 54.58  ? 19 G   A "O2'" 1 
ATOM   375 C "C1'" . G   A 1 19 ? -0.916  12.331  13.420  1.00 56.42  ? 19 G   A "C1'" 1 
ATOM   376 N N9    . G   A 1 19 ? -2.089  12.624  12.604  1.00 54.87  ? 19 G   A N9    1 
ATOM   377 C C8    . G   A 1 19 ? -3.410  12.613  12.979  1.00 54.22  ? 19 G   A C8    1 
ATOM   378 N N7    . G   A 1 19 ? -4.219  12.926  12.003  1.00 56.02  ? 19 G   A N7    1 
ATOM   379 C C5    . G   A 1 19 ? -3.375  13.151  10.925  1.00 55.12  ? 19 G   A C5    1 
ATOM   380 C C6    . G   A 1 19 ? -3.667  13.513  9.582   1.00 54.48  ? 19 G   A C6    1 
ATOM   381 O O6    . G   A 1 19 ? -4.764  13.701  9.057   1.00 56.68  ? 19 G   A O6    1 
ATOM   382 N N1    . G   A 1 19 ? -2.509  13.648  8.825   1.00 53.35  ? 19 G   A N1    1 
ATOM   383 C C2    . G   A 1 19 ? -1.235  13.459  9.297   1.00 54.48  ? 19 G   A C2    1 
ATOM   384 N N2    . G   A 1 19 ? -0.241  13.643  8.426   1.00 53.00  ? 19 G   A N2    1 
ATOM   385 N N3    . G   A 1 19 ? -0.953  13.113  10.540  1.00 54.35  ? 19 G   A N3    1 
ATOM   386 C C4    . G   A 1 19 ? -2.061  12.978  11.287  1.00 53.93  ? 19 G   A C4    1 
ATOM   387 P P     . U   A 1 20 ? -0.262  16.832  14.851  1.00 64.29  ? 20 U   A P     1 
ATOM   388 O OP1   . U   A 1 20 ? 0.377   17.607  15.940  1.00 63.06  ? 20 U   A OP1   1 
ATOM   389 O OP2   . U   A 1 20 ? -1.707  17.029  14.540  1.00 61.51  ? 20 U   A OP2   1 
ATOM   390 O "O5'" . U   A 1 20 ? 0.550   17.064  13.502  1.00 64.56  ? 20 U   A "O5'" 1 
ATOM   391 C "C5'" . U   A 1 20 ? 1.932   16.739  13.403  1.00 64.11  ? 20 U   A "C5'" 1 
ATOM   392 C "C4'" . U   A 1 20 ? 2.403   16.961  11.988  1.00 64.14  ? 20 U   A "C4'" 1 
ATOM   393 O "O4'" . U   A 1 20 ? 1.650   16.081  11.118  1.00 63.97  ? 20 U   A "O4'" 1 
ATOM   394 C "C3'" . U   A 1 20 ? 2.114   18.345  11.429  1.00 66.17  ? 20 U   A "C3'" 1 
ATOM   395 O "O3'" . U   A 1 20 ? 3.121   19.283  11.821  1.00 70.57  ? 20 U   A "O3'" 1 
ATOM   396 C "C2'" . U   A 1 20 ? 2.088   18.087  9.924   1.00 63.56  ? 20 U   A "C2'" 1 
ATOM   397 O "O2'" . U   A 1 20 ? 3.365   18.021  9.338   1.00 62.55  ? 20 U   A "O2'" 1 
ATOM   398 C "C1'" . U   A 1 20 ? 1.446   16.704  9.861   1.00 62.77  ? 20 U   A "C1'" 1 
ATOM   399 N N1    . U   A 1 20 ? 0.008   16.712  9.554   1.00 61.10  ? 20 U   A N1    1 
ATOM   400 C C2    . U   A 1 20 ? -0.360  16.942  8.236   1.00 60.91  ? 20 U   A C2    1 
ATOM   401 O O2    . U   A 1 20 ? 0.452   17.119  7.349   1.00 61.60  ? 20 U   A O2    1 
ATOM   402 N N3    . U   A 1 20 ? -1.715  16.951  7.999   1.00 59.07  ? 20 U   A N3    1 
ATOM   403 C C4    . U   A 1 20 ? -2.715  16.747  8.925   1.00 58.77  ? 20 U   A C4    1 
ATOM   404 O O4    . U   A 1 20 ? -3.885  16.770  8.561   1.00 58.68  ? 20 U   A O4    1 
ATOM   405 C C5    . U   A 1 20 ? -2.257  16.507  10.262  1.00 59.27  ? 20 U   A C5    1 
ATOM   406 C C6    . U   A 1 20 ? -0.943  16.499  10.526  1.00 60.43  ? 20 U   A C6    1 
ATOM   407 P P     . C   A 1 21 ? 2.695   20.745  12.370  1.00 73.96  ? 21 C   A P     1 
ATOM   408 O OP1   . C   A 1 21 ? 3.905   21.350  12.988  1.00 74.88  ? 21 C   A OP1   1 
ATOM   409 O OP2   . C   A 1 21 ? 1.440   20.638  13.164  1.00 72.64  ? 21 C   A OP2   1 
ATOM   410 O "O5'" . C   A 1 21 ? 2.342   21.576  11.057  1.00 74.92  ? 21 C   A "O5'" 1 
ATOM   411 C "C5'" . C   A 1 21 ? 3.268   21.680  9.984   1.00 76.03  ? 21 C   A "C5'" 1 
ATOM   412 C "C4'" . C   A 1 21 ? 2.527   21.805  8.676   1.00 78.01  ? 21 C   A "C4'" 1 
ATOM   413 O "O4'" . C   A 1 21 ? 1.665   20.644  8.518   1.00 77.67  ? 21 C   A "O4'" 1 
ATOM   414 C "C3'" . C   A 1 21 ? 1.538   22.955  8.575   1.00 80.84  ? 21 C   A "C3'" 1 
ATOM   415 O "O3'" . C   A 1 21 ? 2.180   24.198  8.310   1.00 84.39  ? 21 C   A "O3'" 1 
ATOM   416 C "C2'" . C   A 1 21 ? 0.638   22.491  7.433   1.00 78.60  ? 21 C   A "C2'" 1 
ATOM   417 O "O2'" . C   A 1 21 ? 1.223   22.653  6.155   1.00 78.83  ? 21 C   A "O2'" 1 
ATOM   418 C "C1'" . C   A 1 21 ? 0.530   20.996  7.737   1.00 75.81  ? 21 C   A "C1'" 1 
ATOM   419 N N1    . C   A 1 21 ? -0.703  20.619  8.461   1.00 71.87  ? 21 C   A N1    1 
ATOM   420 C C2    . C   A 1 21 ? -1.898  20.597  7.746   1.00 69.67  ? 21 C   A C2    1 
ATOM   421 O O2    . C   A 1 21 ? -1.880  20.926  6.558   1.00 69.29  ? 21 C   A O2    1 
ATOM   422 N N3    . C   A 1 21 ? -3.040  20.227  8.364   1.00 68.16  ? 21 C   A N3    1 
ATOM   423 C C4    . C   A 1 21 ? -3.019  19.891  9.653   1.00 68.59  ? 21 C   A C4    1 
ATOM   424 N N4    . C   A 1 21 ? -4.175  19.515  10.213  1.00 68.04  ? 21 C   A N4    1 
ATOM   425 C C5    . C   A 1 21 ? -1.814  19.922  10.421  1.00 68.31  ? 21 C   A C5    1 
ATOM   426 C C6    . C   A 1 21 ? -0.687  20.289  9.789   1.00 69.49  ? 21 C   A C6    1 
ATOM   427 P P     . G   A 1 22 ? 1.693   25.521  9.084   1.00 86.87  ? 22 G   A P     1 
ATOM   428 O OP1   . G   A 1 22 ? 2.770   26.523  8.887   1.00 88.77  ? 22 G   A OP1   1 
ATOM   429 O OP2   . G   A 1 22 ? 1.283   25.146  10.469  1.00 85.89  ? 22 G   A OP2   1 
ATOM   430 O "O5'" . G   A 1 22 ? 0.408   25.993  8.261   1.00 85.68  ? 22 G   A "O5'" 1 
ATOM   431 C "C5'" . G   A 1 22 ? 0.550   26.463  6.922   1.00 84.79  ? 22 G   A "C5'" 1 
ATOM   432 C "C4'" . G   A 1 22 ? -0.771  26.419  6.180   1.00 83.68  ? 22 G   A "C4'" 1 
ATOM   433 O "O4'" . G   A 1 22 ? -1.283  25.060  6.156   1.00 80.75  ? 22 G   A "O4'" 1 
ATOM   434 C "C3'" . G   A 1 22 ? -1.931  27.220  6.750   1.00 84.74  ? 22 G   A "C3'" 1 
ATOM   435 O "O3'" . G   A 1 22 ? -1.836  28.611  6.441   1.00 88.97  ? 22 G   A "O3'" 1 
ATOM   436 C "C2'" . G   A 1 22 ? -3.126  26.561  6.063   1.00 82.33  ? 22 G   A "C2'" 1 
ATOM   437 O "O2'" . G   A 1 22 ? -3.373  27.002  4.740   1.00 82.92  ? 22 G   A "O2'" 1 
ATOM   438 C "C1'" . G   A 1 22 ? -2.697  25.094  6.052   1.00 77.65  ? 22 G   A "C1'" 1 
ATOM   439 N N9    . G   A 1 22 ? -3.274  24.376  7.180   1.00 72.26  ? 22 G   A N9    1 
ATOM   440 C C8    . G   A 1 22 ? -2.640  23.899  8.305   1.00 71.50  ? 22 G   A C8    1 
ATOM   441 N N7    . G   A 1 22 ? -3.458  23.322  9.148   1.00 69.00  ? 22 G   A N7    1 
ATOM   442 C C5    . G   A 1 22 ? -4.702  23.421  8.536   1.00 68.14  ? 22 G   A C5    1 
ATOM   443 C C6    . G   A 1 22 ? -5.986  22.983  8.966   1.00 66.06  ? 22 G   A C6    1 
ATOM   444 O O6    . G   A 1 22 ? -6.301  22.411  10.020  1.00 61.89  ? 22 G   A O6    1 
ATOM   445 N N1    . G   A 1 22 ? -6.966  23.284  8.021   1.00 65.26  ? 22 G   A N1    1 
ATOM   446 C C2    . G   A 1 22 ? -6.746  23.929  6.829   1.00 65.16  ? 22 G   A C2    1 
ATOM   447 N N2    . G   A 1 22 ? -7.817  24.131  6.052   1.00 65.38  ? 22 G   A N2    1 
ATOM   448 N N3    . G   A 1 22 ? -5.564  24.346  6.425   1.00 66.32  ? 22 G   A N3    1 
ATOM   449 C C4    . G   A 1 22 ? -4.596  24.062  7.318   1.00 68.99  ? 22 G   A C4    1 
ATOM   450 P P     . C   A 1 23 ? -2.623  29.687  7.350   1.00 92.36  ? 23 C   A P     1 
ATOM   451 O OP1   . C   A 1 23 ? -2.195  31.038  6.898   1.00 92.85  ? 23 C   A OP1   1 
ATOM   452 O OP2   . C   A 1 23 ? -2.443  29.307  8.776   1.00 92.09  ? 23 C   A OP2   1 
ATOM   453 O "O5'" . C   A 1 23 ? -4.161  29.469  6.967   1.00 92.99  ? 23 C   A "O5'" 1 
ATOM   454 C "C5'" . C   A 1 23 ? -4.612  29.634  5.621   1.00 93.95  ? 23 C   A "C5'" 1 
ATOM   455 C "C4'" . C   A 1 23 ? -6.090  29.307  5.496   1.00 94.98  ? 23 C   A "C4'" 1 
ATOM   456 O "O4'" . C   A 1 23 ? -6.324  27.895  5.744   1.00 94.63  ? 23 C   A "O4'" 1 
ATOM   457 C "C3'" . C   A 1 23 ? -7.059  30.000  6.444   1.00 95.49  ? 23 C   A "C3'" 1 
ATOM   458 O "O3'" . C   A 1 23 ? -7.332  31.385  6.180   1.00 95.38  ? 23 C   A "O3'" 1 
ATOM   459 C "C2'" . C   A 1 23 ? -8.285  29.100  6.336   1.00 95.31  ? 23 C   A "C2'" 1 
ATOM   460 O "O2'" . C   A 1 23 ? -9.005  29.307  5.134   1.00 95.90  ? 23 C   A "O2'" 1 
ATOM   461 C "C1'" . C   A 1 23 ? -7.631  27.717  6.282   1.00 94.42  ? 23 C   A "C1'" 1 
ATOM   462 N N1    . C   A 1 23 ? -7.502  27.081  7.605   1.00 92.52  ? 23 C   A N1    1 
ATOM   463 C C2    . C   A 1 23 ? -8.643  26.525  8.228   1.00 91.71  ? 23 C   A C2    1 
ATOM   464 O O2    . C   A 1 23 ? -9.746  26.589  7.654   1.00 91.55  ? 23 C   A O2    1 
ATOM   465 N N3    . C   A 1 23 ? -8.506  25.934  9.438   1.00 91.00  ? 23 C   A N3    1 
ATOM   466 C C4    . C   A 1 23 ? -7.303  25.882  10.024  1.00 91.07  ? 23 C   A C4    1 
ATOM   467 N N4    . C   A 1 23 ? -7.206  25.283  11.215  1.00 89.92  ? 23 C   A N4    1 
ATOM   468 C C5    . C   A 1 23 ? -6.140  26.441  9.416   1.00 90.81  ? 23 C   A C5    1 
ATOM   469 C C6    . C   A 1 23 ? -6.284  27.025  8.222   1.00 91.48  ? 23 C   A C6    1 
ATOM   470 P P     . G   B 1 3  ? -15.151 18.683  15.865  1.00 111.19 ? 26 G   B P     1 
ATOM   471 O OP1   . G   B 1 3  ? -15.097 17.184  15.611  1.00 110.73 ? 26 G   B OP1   1 
ATOM   472 O OP2   . G   B 1 3  ? -13.799 19.355  15.680  1.00 111.11 ? 26 G   B OP2   1 
ATOM   473 O "O5'" . G   B 1 3  ? -16.108 19.289  14.687  1.00 109.63 ? 26 G   B "O5'" 1 
ATOM   474 C "C5'" . G   B 1 3  ? -15.856 18.979  13.301  1.00 106.78 ? 26 G   B "C5'" 1 
ATOM   475 C "C4'" . G   B 1 3  ? -16.204 20.160  12.421  1.00 105.36 ? 26 G   B "C4'" 1 
ATOM   476 O "O4'" . G   B 1 3  ? -15.733 21.392  13.034  1.00 104.44 ? 26 G   B "O4'" 1 
ATOM   477 C "C3'" . G   B 1 3  ? -15.559 20.128  11.043  1.00 104.35 ? 26 G   B "C3'" 1 
ATOM   478 O "O3'" . G   B 1 3  ? -16.367 19.374  10.138  1.00 103.39 ? 26 G   B "O3'" 1 
ATOM   479 C "C2'" . G   B 1 3  ? -15.474 21.609  10.675  1.00 103.93 ? 26 G   B "C2'" 1 
ATOM   480 O "O2'" . G   B 1 3  ? -16.669 22.134  10.131  1.00 103.97 ? 26 G   B "O2'" 1 
ATOM   481 C "C1'" . G   B 1 3  ? -15.209 22.256  12.039  1.00 103.38 ? 26 G   B "C1'" 1 
ATOM   482 N N9    . G   B 1 3  ? -13.797 22.460  12.339  1.00 103.11 ? 26 G   B N9    1 
ATOM   483 C C8    . G   B 1 3  ? -13.093 21.855  13.352  1.00 103.05 ? 26 G   B C8    1 
ATOM   484 N N7    . G   B 1 3  ? -11.842 22.218  13.396  1.00 102.96 ? 26 G   B N7    1 
ATOM   485 C C5    . G   B 1 3  ? -11.707 23.116  12.345  1.00 103.24 ? 26 G   B C5    1 
ATOM   486 C C6    . G   B 1 3  ? -10.570 23.834  11.898  1.00 103.60 ? 26 G   B C6    1 
ATOM   487 O O6    . G   B 1 3  ? -9.419  23.812  12.352  1.00 104.54 ? 26 G   B O6    1 
ATOM   488 N N1    . G   B 1 3  ? -10.868 24.640  10.803  1.00 103.10 ? 26 G   B N1    1 
ATOM   489 C C2    . G   B 1 3  ? -12.099 24.739  10.209  1.00 103.08 ? 26 G   B C2    1 
ATOM   490 N N2    . G   B 1 3  ? -12.173 25.575  9.155   1.00 103.72 ? 26 G   B N2    1 
ATOM   491 N N3    . G   B 1 3  ? -13.174 24.070  10.615  1.00 103.36 ? 26 G   B N3    1 
ATOM   492 C C4    . G   B 1 3  ? -12.905 23.281  11.682  1.00 103.18 ? 26 G   B C4    1 
ATOM   493 P P     . C   B 1 4  ? -15.673 18.386  9.071   1.00 103.13 ? 27 C   B P     1 
ATOM   494 O OP1   . C   B 1 4  ? -16.773 17.668  8.366   1.00 103.19 ? 27 C   B OP1   1 
ATOM   495 O OP2   . C   B 1 4  ? -14.610 17.600  9.753   1.00 101.94 ? 27 C   B OP2   1 
ATOM   496 O "O5'" . C   B 1 4  ? -14.983 19.377  8.029   1.00 101.63 ? 27 C   B "O5'" 1 
ATOM   497 C "C5'" . C   B 1 4  ? -15.771 20.186  7.161   1.00 98.75  ? 27 C   B "C5'" 1 
ATOM   498 C "C4'" . C   B 1 4  ? -14.890 21.086  6.326   1.00 97.19  ? 27 C   B "C4'" 1 
ATOM   499 O "O4'" . C   B 1 4  ? -14.240 22.063  7.180   1.00 96.98  ? 27 C   B "O4'" 1 
ATOM   500 C "C3'" . C   B 1 4  ? -13.736 20.414  5.597   1.00 96.25  ? 27 C   B "C3'" 1 
ATOM   501 O "O3'" . C   B 1 4  ? -14.170 19.790  4.391   1.00 95.24  ? 27 C   B "O3'" 1 
ATOM   502 C "C2'" . C   B 1 4  ? -12.791 21.588  5.350   1.00 96.16  ? 27 C   B "C2'" 1 
ATOM   503 O "O2'" . C   B 1 4  ? -13.122 22.396  4.238   1.00 94.97  ? 27 C   B "O2'" 1 
ATOM   504 C "C1'" . C   B 1 4  ? -12.972 22.398  6.636   1.00 96.42  ? 27 C   B "C1'" 1 
ATOM   505 N N1    . C   B 1 4  ? -11.940 22.095  7.637   1.00 95.67  ? 27 C   B N1    1 
ATOM   506 C C2    . C   B 1 4  ? -10.714 22.772  7.566   1.00 95.45  ? 27 C   B C2    1 
ATOM   507 O O2    . C   B 1 4  ? -10.531 23.598  6.650   1.00 94.77  ? 27 C   B O2    1 
ATOM   508 N N3    . C   B 1 4  ? -9.761  22.511  8.492   1.00 94.89  ? 27 C   B N3    1 
ATOM   509 C C4    . C   B 1 4  ? -9.991  21.616  9.454   1.00 94.42  ? 27 C   B C4    1 
ATOM   510 N N4    . C   B 1 4  ? -9.021  21.400  10.346  1.00 93.69  ? 27 C   B N4    1 
ATOM   511 C C5    . C   B 1 4  ? -11.226 20.906  9.544   1.00 94.89  ? 27 C   B C5    1 
ATOM   512 C C6    . C   B 1 4  ? -12.163 21.174  8.623   1.00 94.86  ? 27 C   B C6    1 
ATOM   513 P P     . G   B 1 5  ? -13.461 18.430  3.891   1.00 94.35  ? 28 G   B P     1 
ATOM   514 O OP1   . G   B 1 5  ? -14.338 17.865  2.842   1.00 95.31  ? 28 G   B OP1   1 
ATOM   515 O OP2   . G   B 1 5  ? -13.093 17.593  5.064   1.00 94.98  ? 28 G   B OP2   1 
ATOM   516 O "O5'" . G   B 1 5  ? -12.113 18.926  3.201   1.00 93.29  ? 28 G   B "O5'" 1 
ATOM   517 C "C5'" . G   B 1 5  ? -12.151 19.836  2.106   1.00 91.42  ? 28 G   B "C5'" 1 
ATOM   518 C "C4'" . G   B 1 5  ? -10.802 20.484  1.911   1.00 89.92  ? 28 G   B "C4'" 1 
ATOM   519 O "O4'" . G   B 1 5  ? -10.468 21.263  3.089   1.00 89.58  ? 28 G   B "O4'" 1 
ATOM   520 C "C3'" . G   B 1 5  ? -9.621  19.540  1.750   1.00 89.56  ? 28 G   B "C3'" 1 
ATOM   521 O "O3'" . G   B 1 5  ? -9.492  19.108  0.402   1.00 89.40  ? 28 G   B "O3'" 1 
ATOM   522 C "C2'" . G   B 1 5  ? -8.453  20.432  2.142   1.00 89.66  ? 28 G   B "C2'" 1 
ATOM   523 O "O2'" . G   B 1 5  ? -8.055  21.277  1.083   1.00 89.25  ? 28 G   B "O2'" 1 
ATOM   524 C "C1'" . G   B 1 5  ? -9.063  21.259  3.276   1.00 89.32  ? 28 G   B "C1'" 1 
ATOM   525 N N9    . G   B 1 5  ? -8.774  20.712  4.598   1.00 88.64  ? 28 G   B N9    1 
ATOM   526 C C8    . G   B 1 5  ? -9.645  20.068  5.443   1.00 88.50  ? 28 G   B C8    1 
ATOM   527 N N7    . G   B 1 5  ? -9.084  19.676  6.556   1.00 88.86  ? 28 G   B N7    1 
ATOM   528 C C5    . G   B 1 5  ? -7.765  20.092  6.441   1.00 88.18  ? 28 G   B C5    1 
ATOM   529 C C6    . G   B 1 5  ? -6.671  19.950  7.340   1.00 88.06  ? 28 G   B C6    1 
ATOM   530 O O6    . G   B 1 5  ? -6.649  19.407  8.462   1.00 87.83  ? 28 G   B O6    1 
ATOM   531 N N1    . G   B 1 5  ? -5.512  20.519  6.821   1.00 87.18  ? 28 G   B N1    1 
ATOM   532 C C2    . G   B 1 5  ? -5.415  21.141  5.601   1.00 86.95  ? 28 G   B C2    1 
ATOM   533 N N2    . G   B 1 5  ? -4.212  21.626  5.277   1.00 86.68  ? 28 G   B N2    1 
ATOM   534 N N3    . G   B 1 5  ? -6.423  21.278  4.759   1.00 87.65  ? 28 G   B N3    1 
ATOM   535 C C4    . G   B 1 5  ? -7.558  20.734  5.239   1.00 88.23  ? 28 G   B C4    1 
ATOM   536 P P     . U   B 1 6  ? -8.759  17.714  0.074   1.00 88.77  ? 29 U   B P     1 
ATOM   537 O OP1   . U   B 1 6  ? -8.699  17.603  -1.409  1.00 89.28  ? 29 U   B OP1   1 
ATOM   538 O OP2   . U   B 1 6  ? -9.415  16.639  0.865   1.00 88.58  ? 29 U   B OP2   1 
ATOM   539 O "O5'" . U   B 1 6  ? -7.272  17.920  0.615   1.00 87.15  ? 29 U   B "O5'" 1 
ATOM   540 C "C5'" . U   B 1 6  ? -6.332  18.707  -0.115  1.00 84.54  ? 29 U   B "C5'" 1 
ATOM   541 C "C4'" . U   B 1 6  ? -4.962  18.648  0.534   1.00 83.65  ? 29 U   B "C4'" 1 
ATOM   542 O "O4'" . U   B 1 6  ? -5.022  19.246  1.858   1.00 81.44  ? 29 U   B "O4'" 1 
ATOM   543 C "C3'" . U   B 1 6  ? -4.362  17.270  0.780   1.00 83.54  ? 29 U   B "C3'" 1 
ATOM   544 O "O3'" . U   B 1 6  ? -3.730  16.741  -0.387  1.00 83.46  ? 29 U   B "O3'" 1 
ATOM   545 C "C2'" . U   B 1 6  ? -3.340  17.568  1.872   1.00 82.94  ? 29 U   B "C2'" 1 
ATOM   546 O "O2'" . U   B 1 6  ? -2.143  18.120  1.356   1.00 83.83  ? 29 U   B "O2'" 1 
ATOM   547 C "C1'" . U   B 1 6  ? -4.080  18.615  2.712   1.00 81.01  ? 29 U   B "C1'" 1 
ATOM   548 N N1    . U   B 1 6  ? -4.807  18.044  3.857   1.00 79.73  ? 29 U   B N1    1 
ATOM   549 C C2    . U   B 1 6  ? -4.087  17.723  5.001   1.00 78.28  ? 29 U   B C2    1 
ATOM   550 O O2    . U   B 1 6  ? -2.887  17.909  5.117   1.00 77.81  ? 29 U   B O2    1 
ATOM   551 N N3    . U   B 1 6  ? -4.831  17.170  6.013   1.00 77.43  ? 29 U   B N3    1 
ATOM   552 C C4    . U   B 1 6  ? -6.183  16.913  6.012   1.00 77.14  ? 29 U   B C4    1 
ATOM   553 O O4    . U   B 1 6  ? -6.699  16.393  7.000   1.00 75.77  ? 29 U   B O4    1 
ATOM   554 C C5    . U   B 1 6  ? -6.859  17.284  4.805   1.00 77.96  ? 29 U   B C5    1 
ATOM   555 C C6    . U   B 1 6  ? -6.167  17.824  3.796   1.00 79.15  ? 29 U   B C6    1 
ATOM   556 P P     . C   B 1 7  ? -3.796  15.157  -0.681  1.00 85.08  ? 30 C   B P     1 
ATOM   557 O OP1   . C   B 1 7  ? -3.652  14.947  -2.144  1.00 86.49  ? 30 C   B OP1   1 
ATOM   558 O OP2   . C   B 1 7  ? -4.990  14.616  0.020   1.00 85.85  ? 30 C   B OP2   1 
ATOM   559 O "O5'" . C   B 1 7  ? -2.493  14.553  0.014   1.00 83.31  ? 30 C   B "O5'" 1 
ATOM   560 C "C5'" . C   B 1 7  ? -1.191  14.970  -0.383  1.00 79.56  ? 30 C   B "C5'" 1 
ATOM   561 C "C4'" . C   B 1 7  ? -0.236  14.878  0.782   1.00 77.38  ? 30 C   B "C4'" 1 
ATOM   562 O "O4'" . C   B 1 7  ? -0.766  15.637  1.903   1.00 78.19  ? 30 C   B "O4'" 1 
ATOM   563 C "C3'" . C   B 1 7  ? -0.051  13.488  1.353   1.00 76.00  ? 30 C   B "C3'" 1 
ATOM   564 O "O3'" . C   B 1 7  ? 0.910   12.776  0.590   1.00 75.44  ? 30 C   B "O3'" 1 
ATOM   565 C "C2'" . C   B 1 7  ? 0.431   13.776  2.771   1.00 75.66  ? 30 C   B "C2'" 1 
ATOM   566 O "O2'" . C   B 1 7  ? 1.808   14.080  2.851   1.00 74.87  ? 30 C   B "O2'" 1 
ATOM   567 C "C1'" . C   B 1 7  ? -0.400  15.010  3.124   1.00 76.27  ? 30 C   B "C1'" 1 
ATOM   568 N N1    . C   B 1 7  ? -1.624  14.682  3.875   1.00 75.60  ? 30 C   B N1    1 
ATOM   569 C C2    . C   B 1 7  ? -1.504  14.339  5.221   1.00 74.60  ? 30 C   B C2    1 
ATOM   570 O O2    . C   B 1 7  ? -0.379  14.353  5.739   1.00 74.12  ? 30 C   B O2    1 
ATOM   571 N N3    . C   B 1 7  ? -2.614  14.002  5.923   1.00 73.65  ? 30 C   B N3    1 
ATOM   572 C C4    . C   B 1 7  ? -3.807  14.005  5.328   1.00 72.15  ? 30 C   B C4    1 
ATOM   573 N N4    . C   B 1 7  ? -4.868  13.645  6.053   1.00 68.99  ? 30 C   B N4    1 
ATOM   574 C C5    . C   B 1 7  ? -3.962  14.373  3.958   1.00 73.31  ? 30 C   B C5    1 
ATOM   575 C C6    . C   B 1 7  ? -2.853  14.700  3.275   1.00 74.44  ? 30 C   B C6    1 
ATOM   576 P P     . G   B 1 8  ? 1.069   11.194  0.793   1.00 71.70  ? 31 G   B P     1 
ATOM   577 O OP1   . G   B 1 8  ? 1.936   10.709  -0.312  1.00 72.48  ? 31 G   B OP1   1 
ATOM   578 O OP2   . G   B 1 8  ? -0.297  10.628  0.964   1.00 71.59  ? 31 G   B OP2   1 
ATOM   579 O "O5'" . G   B 1 8  ? 1.871   11.085  2.166   1.00 69.39  ? 31 G   B "O5'" 1 
ATOM   580 C "C5'" . G   B 1 8  ? 1.853   9.891   2.931   1.00 66.41  ? 31 G   B "C5'" 1 
ATOM   581 C "C4'" . G   B 1 8  ? 2.193   10.177  4.380   1.00 64.19  ? 31 G   B "C4'" 1 
ATOM   582 O "O4'" . G   B 1 8  ? 1.359   11.247  4.905   1.00 63.11  ? 31 G   B "O4'" 1 
ATOM   583 C "C3'" . G   B 1 8  ? 1.933   8.984   5.281   1.00 64.02  ? 31 G   B "C3'" 1 
ATOM   584 O "O3'" . G   B 1 8  ? 3.089   8.155   5.313   1.00 63.55  ? 31 G   B "O3'" 1 
ATOM   585 C "C2'" . G   B 1 8  ? 1.636   9.633   6.626   1.00 63.58  ? 31 G   B "C2'" 1 
ATOM   586 O "O2'" . G   B 1 8  ? 2.825   9.959   7.308   1.00 66.35  ? 31 G   B "O2'" 1 
ATOM   587 C "C1'" . G   B 1 8  ? 0.904   10.913  6.208   1.00 61.63  ? 31 G   B "C1'" 1 
ATOM   588 N N9    . G   B 1 8  ? -0.558  10.821  6.153   1.00 59.32  ? 31 G   B N9    1 
ATOM   589 C C8    . G   B 1 8  ? -1.319  11.021  5.029   1.00 58.14  ? 31 G   B C8    1 
ATOM   590 N N7    . G   B 1 8  ? -2.598  10.881  5.239   1.00 55.87  ? 31 G   B N7    1 
ATOM   591 C C5    . G   B 1 8  ? -2.699  10.568  6.583   1.00 54.40  ? 31 G   B C5    1 
ATOM   592 C C6    . G   B 1 8  ? -3.843  10.292  7.366   1.00 53.36  ? 31 G   B C6    1 
ATOM   593 O O6    . G   B 1 8  ? -5.028  10.269  7.015   1.00 52.01  ? 31 G   B O6    1 
ATOM   594 N N1    . G   B 1 8  ? -3.506  10.019  8.686   1.00 53.23  ? 31 G   B N1    1 
ATOM   595 C C2    . G   B 1 8  ? -2.237  10.004  9.186   1.00 52.45  ? 31 G   B C2    1 
ATOM   596 N N2    . G   B 1 8  ? -2.139  9.715   10.482  1.00 50.66  ? 31 G   B N2    1 
ATOM   597 N N3    . G   B 1 8  ? -1.148  10.256  8.463   1.00 54.79  ? 31 G   B N3    1 
ATOM   598 C C4    . G   B 1 8  ? -1.452  10.529  7.175   1.00 56.45  ? 31 G   B C4    1 
ATOM   599 P P     . C   B 1 9  ? 2.960   6.582   4.995   1.00 64.02  ? 32 C   B P     1 
ATOM   600 O OP1   . C   B 1 9  ? 4.307   6.086   4.606   1.00 63.57  ? 32 C   B OP1   1 
ATOM   601 O OP2   . C   B 1 9  ? 1.812   6.352   4.086   1.00 64.27  ? 32 C   B OP2   1 
ATOM   602 O "O5'" . C   B 1 9  ? 2.589   5.951   6.408   1.00 62.13  ? 32 C   B "O5'" 1 
ATOM   603 C "C5'" . C   B 1 9  ? 3.439   6.124   7.532   1.00 57.43  ? 32 C   B "C5'" 1 
ATOM   604 C "C4'" . C   B 1 9  ? 2.673   5.859   8.804   1.00 55.55  ? 32 C   B "C4'" 1 
ATOM   605 O "O4'" . C   B 1 9  ? 1.697   6.915   9.011   1.00 52.19  ? 32 C   B "O4'" 1 
ATOM   606 C "C3'" . C   B 1 9  ? 1.840   4.584   8.831   1.00 54.96  ? 32 C   B "C3'" 1 
ATOM   607 O "O3'" . C   B 1 9  ? 2.602   3.425   9.144   1.00 56.41  ? 32 C   B "O3'" 1 
ATOM   608 C "C2'" . C   B 1 9  ? 0.834   4.896   9.928   1.00 52.06  ? 32 C   B "C2'" 1 
ATOM   609 O "O2'" . C   B 1 9  ? 1.375   4.719   11.215  1.00 48.20  ? 32 C   B "O2'" 1 
ATOM   610 C "C1'" . C   B 1 9  ? 0.552   6.378   9.663   1.00 51.58  ? 32 C   B "C1'" 1 
ATOM   611 N N1    . C   B 1 9  ? -0.628  6.579   8.798   1.00 50.28  ? 32 C   B N1    1 
ATOM   612 C C2    . C   B 1 9  ? -1.898  6.338   9.330   1.00 50.48  ? 32 C   B C2    1 
ATOM   613 O O2    . C   B 1 9  ? -1.991  5.951   10.506  1.00 50.50  ? 32 C   B O2    1 
ATOM   614 N N3    . C   B 1 9  ? -2.989  6.525   8.552   1.00 49.14  ? 32 C   B N3    1 
ATOM   615 C C4    . C   B 1 9  ? -2.844  6.932   7.294   1.00 48.70  ? 32 C   B C4    1 
ATOM   616 N N4    . C   B 1 9  ? -3.941  7.117   6.567   1.00 48.08  ? 32 C   B N4    1 
ATOM   617 C C5    . C   B 1 9  ? -1.562  7.174   6.724   1.00 48.77  ? 32 C   B C5    1 
ATOM   618 C C6    . C   B 1 9  ? -0.492  6.990   7.503   1.00 48.17  ? 32 C   B C6    1 
ATOM   619 P P     . U   B 1 10 ? 2.199   2.009   8.495   1.00 59.15  ? 33 U   B P     1 
ATOM   620 O OP1   . U   B 1 10 ? 3.166   0.979   8.962   1.00 61.05  ? 33 U   B OP1   1 
ATOM   621 O OP2   . U   B 1 10 ? 2.018   2.233   7.039   1.00 61.56  ? 33 U   B OP2   1 
ATOM   622 O "O5'" . U   B 1 10 ? 0.791   1.651   9.149   1.00 58.46  ? 33 U   B "O5'" 1 
ATOM   623 C "C5'" . U   B 1 10 ? 0.709   1.227   10.506  1.00 58.80  ? 33 U   B "C5'" 1 
ATOM   624 C "C4'" . U   B 1 10 ? -0.714  0.882   10.863  1.00 59.29  ? 33 U   B "C4'" 1 
ATOM   625 O "O4'" . U   B 1 10 ? -1.552  2.072   10.824  1.00 59.94  ? 33 U   B "O4'" 1 
ATOM   626 C "C3'" . U   B 1 10 ? -1.400  -0.090  9.922   1.00 59.23  ? 33 U   B "C3'" 1 
ATOM   627 O "O3'" . U   B 1 10 ? -1.043  -1.418  10.269  1.00 57.95  ? 33 U   B "O3'" 1 
ATOM   628 C "C2'" . U   B 1 10 ? -2.870  0.214   10.191  1.00 60.50  ? 33 U   B "C2'" 1 
ATOM   629 O "O2'" . U   B 1 10 ? -3.314  -0.339  11.413  1.00 62.25  ? 33 U   B "O2'" 1 
ATOM   630 C "C1'" . U   B 1 10 ? -2.838  1.739   10.332  1.00 59.69  ? 33 U   B "C1'" 1 
ATOM   631 N N1    . U   B 1 10 ? -3.031  2.447   9.058   1.00 60.43  ? 33 U   B N1    1 
ATOM   632 C C2    . U   B 1 10 ? -4.323  2.647   8.629   1.00 61.90  ? 33 U   B C2    1 
ATOM   633 O O2    . U   B 1 10 ? -5.291  2.245   9.258   1.00 63.40  ? 33 U   B O2    1 
ATOM   634 N N3    . U   B 1 10 ? -4.440  3.320   7.434   1.00 60.42  ? 33 U   B N3    1 
ATOM   635 C C4    . U   B 1 10 ? -3.412  3.777   6.636   1.00 60.07  ? 33 U   B C4    1 
ATOM   636 O O4    . U   B 1 10 ? -3.665  4.249   5.523   1.00 57.56  ? 33 U   B O4    1 
ATOM   637 C C5    . U   B 1 10 ? -2.106  3.529   7.155   1.00 59.07  ? 33 U   B C5    1 
ATOM   638 C C6    . U   B 1 10 ? -1.963  2.893   8.316   1.00 59.89  ? 33 U   B C6    1 
ATOM   639 P P     . C   B 1 11 ? -1.117  -2.578  9.163   1.00 58.98  ? 34 C   B P     1 
ATOM   640 O OP1   . C   B 1 11 ? -0.843  -3.867  9.859   1.00 57.49  ? 34 C   B OP1   1 
ATOM   641 O OP2   . C   B 1 11 ? -0.300  -2.205  7.983   1.00 57.44  ? 34 C   B OP2   1 
ATOM   642 O "O5'" . C   B 1 11 ? -2.652  -2.558  8.735   1.00 58.88  ? 34 C   B "O5'" 1 
ATOM   643 C "C5'" . C   B 1 11 ? -3.664  -2.969  9.647   1.00 55.88  ? 34 C   B "C5'" 1 
ATOM   644 C "C4'" . C   B 1 11 ? -5.026  -2.766  9.044   1.00 53.16  ? 34 C   B "C4'" 1 
ATOM   645 O "O4'" . C   B 1 11 ? -5.233  -1.355  8.780   1.00 52.21  ? 34 C   B "O4'" 1 
ATOM   646 C "C3'" . C   B 1 11 ? -5.275  -3.401  7.686   1.00 52.89  ? 34 C   B "C3'" 1 
ATOM   647 O "O3'" . C   B 1 11 ? -5.600  -4.769  7.807   1.00 51.50  ? 34 C   B "O3'" 1 
ATOM   648 C "C2'" . C   B 1 11 ? -6.493  -2.624  7.225   1.00 53.46  ? 34 C   B "C2'" 1 
ATOM   649 O "O2'" . C   B 1 11 ? -7.647  -3.063  7.905   1.00 54.76  ? 34 C   B "O2'" 1 
ATOM   650 C "C1'" . C   B 1 11 ? -6.126  -1.213  7.682   1.00 52.13  ? 34 C   B "C1'" 1 
ATOM   651 N N1    . C   B 1 11 ? -5.449  -0.456  6.619   1.00 51.67  ? 34 C   B N1    1 
ATOM   652 C C2    . C   B 1 11 ? -6.233  0.251   5.706   1.00 51.80  ? 34 C   B C2    1 
ATOM   653 O O2    . C   B 1 11 ? -7.460  0.171   5.799   1.00 52.53  ? 34 C   B O2    1 
ATOM   654 N N3    . C   B 1 11 ? -5.635  0.994   4.748   1.00 51.08  ? 34 C   B N3    1 
ATOM   655 C C4    . C   B 1 11 ? -4.303  1.030   4.672   1.00 50.57  ? 34 C   B C4    1 
ATOM   656 N N4    . C   B 1 11 ? -3.750  1.790   3.717   1.00 49.06  ? 34 C   B N4    1 
ATOM   657 C C5    . C   B 1 11 ? -3.477  0.294   5.576   1.00 49.78  ? 34 C   B C5    1 
ATOM   658 C C6    . C   B 1 11 ? -4.086  -0.429  6.522   1.00 49.36  ? 34 C   B C6    1 
ATOM   659 P P     . C   B 1 12 ? -5.390  -5.750  6.557   1.00 54.24  ? 35 C   B P     1 
ATOM   660 O OP1   . C   B 1 12 ? -5.684  -7.111  7.075   1.00 56.42  ? 35 C   B OP1   1 
ATOM   661 O OP2   . C   B 1 12 ? -4.090  -5.491  5.874   1.00 53.46  ? 35 C   B OP2   1 
ATOM   662 O "O5'" . C   B 1 12 ? -6.569  -5.346  5.571   1.00 55.55  ? 35 C   B "O5'" 1 
ATOM   663 C "C5'" . C   B 1 12 ? -7.919  -5.618  5.919   1.00 55.11  ? 35 C   B "C5'" 1 
ATOM   664 C "C4'" . C   B 1 12 ? -8.850  -5.171  4.823   1.00 55.16  ? 35 C   B "C4'" 1 
ATOM   665 O "O4'" . C   B 1 12 ? -8.830  -3.721  4.697   1.00 53.50  ? 35 C   B "O4'" 1 
ATOM   666 C "C3'" . C   B 1 12 ? -8.523  -5.631  3.412   1.00 55.38  ? 35 C   B "C3'" 1 
ATOM   667 O "O3'" . C   B 1 12 ? -8.905  -6.978  3.177   1.00 56.33  ? 35 C   B "O3'" 1 
ATOM   668 C "C2'" . C   B 1 12 ? -9.374  -4.666  2.605   1.00 53.59  ? 35 C   B "C2'" 1 
ATOM   669 O "O2'" . C   B 1 12 ? -10.747 -4.973  2.755   1.00 51.06  ? 35 C   B "O2'" 1 
ATOM   670 C "C1'" . C   B 1 12 ? -9.091  -3.362  3.346   1.00 52.21  ? 35 C   B "C1'" 1 
ATOM   671 N N1    . C   B 1 12 ? -7.919  -2.645  2.811   1.00 52.65  ? 35 C   B N1    1 
ATOM   672 C C2    . C   B 1 12 ? -8.044  -1.983  1.586   1.00 49.80  ? 35 C   B C2    1 
ATOM   673 O O2    . C   B 1 12 ? -9.102  -2.088  0.965   1.00 49.14  ? 35 C   B O2    1 
ATOM   674 N N3    . C   B 1 12 ? -7.007  -1.258  1.110   1.00 47.87  ? 35 C   B N3    1 
ATOM   675 C C4    . C   B 1 12 ? -5.869  -1.200  1.794   1.00 48.90  ? 35 C   B C4    1 
ATOM   676 N N4    . C   B 1 12 ? -4.881  -0.468  1.292   1.00 48.41  ? 35 C   B N4    1 
ATOM   677 C C5    . C   B 1 12 ? -5.695  -1.894  3.029   1.00 50.82  ? 35 C   B C5    1 
ATOM   678 C C6    . C   B 1 12 ? -6.736  -2.600  3.497   1.00 51.89  ? 35 C   B C6    1 
ATOM   679 P P     . G   B 1 13 ? -8.036  -7.880  2.169   1.00 57.68  ? 36 G   B P     1 
ATOM   680 O OP1   . G   B 1 13 ? -8.510  -9.273  2.384   1.00 56.83  ? 36 G   B OP1   1 
ATOM   681 O OP2   . G   B 1 13 ? -6.595  -7.558  2.363   1.00 56.96  ? 36 G   B OP2   1 
ATOM   682 O "O5'" . G   B 1 13 ? -8.445  -7.361  0.710   1.00 56.20  ? 36 G   B "O5'" 1 
ATOM   683 C "C5'" . G   B 1 13 ? -9.787  -7.460  0.232   1.00 53.18  ? 36 G   B "C5'" 1 
ATOM   684 C "C4'" . G   B 1 13 ? -9.962  -6.670  -1.053  1.00 53.28  ? 36 G   B "C4'" 1 
ATOM   685 O "O4'" . G   B 1 13 ? -9.749  -5.248  -0.818  1.00 50.84  ? 36 G   B "O4'" 1 
ATOM   686 C "C3'" . G   B 1 13 ? -9.008  -6.963  -2.203  1.00 53.61  ? 36 G   B "C3'" 1 
ATOM   687 O "O3'" . G   B 1 13 ? -9.340  -8.152  -2.907  1.00 55.50  ? 36 G   B "O3'" 1 
ATOM   688 C "C2'" . G   B 1 13 ? -9.204  -5.731  -3.081  1.00 51.85  ? 36 G   B "C2'" 1 
ATOM   689 O "O2'" . G   B 1 13 ? -10.396 -5.762  -3.847  1.00 54.16  ? 36 G   B "O2'" 1 
ATOM   690 C "C1'" . G   B 1 13 ? -9.296  -4.628  -2.025  1.00 50.26  ? 36 G   B "C1'" 1 
ATOM   691 N N9    . G   B 1 13 ? -7.975  -4.041  -1.803  1.00 47.50  ? 36 G   B N9    1 
ATOM   692 C C8    . G   B 1 13 ? -7.078  -4.353  -0.804  1.00 43.99  ? 36 G   B C8    1 
ATOM   693 N N7    . G   B 1 13 ? -5.944  -3.718  -0.916  1.00 40.60  ? 36 G   B N7    1 
ATOM   694 C C5    . G   B 1 13 ? -6.105  -2.927  -2.049  1.00 41.98  ? 36 G   B C5    1 
ATOM   695 C C6    . G   B 1 13 ? -5.201  -2.034  -2.682  1.00 40.59  ? 36 G   B C6    1 
ATOM   696 O O6    . G   B 1 13 ? -4.045  -1.749  -2.358  1.00 38.14  ? 36 G   B O6    1 
ATOM   697 N N1    . G   B 1 13 ? -5.768  -1.444  -3.807  1.00 43.02  ? 36 G   B N1    1 
ATOM   698 C C2    . G   B 1 13 ? -7.043  -1.670  -4.261  1.00 43.11  ? 36 G   B C2    1 
ATOM   699 N N2    . G   B 1 13 ? -7.397  -0.987  -5.362  1.00 40.07  ? 36 G   B N2    1 
ATOM   700 N N3    . G   B 1 13 ? -7.901  -2.500  -3.677  1.00 41.72  ? 36 G   B N3    1 
ATOM   701 C C4    . G   B 1 13 ? -7.364  -3.094  -2.592  1.00 42.76  ? 36 G   B C4    1 
ATOM   702 P P     . G   B 1 14 ? -8.204  -8.919  -3.747  1.00 58.76  ? 37 G   B P     1 
ATOM   703 O OP1   . G   B 1 14 ? -8.880  -10.075 -4.371  1.00 59.77  ? 37 G   B OP1   1 
ATOM   704 O OP2   . G   B 1 14 ? -7.012  -9.139  -2.885  1.00 58.07  ? 37 G   B OP2   1 
ATOM   705 O "O5'" . G   B 1 14 ? -7.787  -7.899  -4.900  1.00 58.38  ? 37 G   B "O5'" 1 
ATOM   706 C "C5'" . G   B 1 14 ? -8.667  -7.631  -5.978  1.00 58.99  ? 37 G   B "C5'" 1 
ATOM   707 C "C4'" . G   B 1 14 ? -8.110  -6.543  -6.870  1.00 60.91  ? 37 G   B "C4'" 1 
ATOM   708 O "O4'" . G   B 1 14 ? -7.864  -5.331  -6.096  1.00 60.66  ? 37 G   B "O4'" 1 
ATOM   709 C "C3'" . G   B 1 14 ? -6.773  -6.780  -7.557  1.00 61.13  ? 37 G   B "C3'" 1 
ATOM   710 O "O3'" . G   B 1 14 ? -6.907  -7.652  -8.681  1.00 62.47  ? 37 G   B "O3'" 1 
ATOM   711 C "C2'" . G   B 1 14 ? -6.431  -5.351  -7.976  1.00 61.71  ? 37 G   B "C2'" 1 
ATOM   712 O "O2'" . G   B 1 14 ? -7.228  -4.872  -9.046  1.00 60.25  ? 37 G   B "O2'" 1 
ATOM   713 C "C1'" . G   B 1 14 ? -6.832  -4.575  -6.719  1.00 58.91  ? 37 G   B "C1'" 1 
ATOM   714 N N9    . G   B 1 14 ? -5.708  -4.469  -5.798  1.00 56.41  ? 37 G   B N9    1 
ATOM   715 C C8    . G   B 1 14 ? -5.574  -5.068  -4.568  1.00 55.91  ? 37 G   B C8    1 
ATOM   716 N N7    . G   B 1 14 ? -4.426  -4.817  -3.998  1.00 55.08  ? 37 G   B N7    1 
ATOM   717 C C5    . G   B 1 14 ? -3.762  -3.999  -4.907  1.00 55.27  ? 37 G   B C5    1 
ATOM   718 C C6    . G   B 1 14 ? -2.464  -3.404  -4.848  1.00 52.67  ? 37 G   B C6    1 
ATOM   719 O O6    . G   B 1 14 ? -1.607  -3.496  -3.960  1.00 55.32  ? 37 G   B O6    1 
ATOM   720 N N1    . G   B 1 14 ? -2.203  -2.637  -5.974  1.00 51.37  ? 37 G   B N1    1 
ATOM   721 C C2    . G   B 1 14 ? -3.064  -2.460  -7.027  1.00 51.52  ? 37 G   B C2    1 
ATOM   722 N N2    . G   B 1 14 ? -2.629  -1.673  -8.019  1.00 48.45  ? 37 G   B N2    1 
ATOM   723 N N3    . G   B 1 14 ? -4.267  -3.010  -7.102  1.00 53.69  ? 37 G   B N3    1 
ATOM   724 C C4    . G   B 1 14 ? -4.547  -3.762  -6.015  1.00 55.35  ? 37 G   B C4    1 
ATOM   725 P P     . A   B 1 15 ? -5.766  -8.754  -9.001  1.00 64.30  ? 38 A   B P     1 
ATOM   726 O OP1   . A   B 1 15 ? -6.368  -9.646  -10.024 1.00 63.09  ? 38 A   B OP1   1 
ATOM   727 O OP2   . A   B 1 15 ? -5.217  -9.345  -7.749  1.00 63.44  ? 38 A   B OP2   1 
ATOM   728 O "O5'" . A   B 1 15 ? -4.629  -7.912  -9.730  1.00 62.40  ? 38 A   B "O5'" 1 
ATOM   729 C "C5'" . A   B 1 15 ? -4.966  -7.127  -10.865 1.00 61.90  ? 38 A   B "C5'" 1 
ATOM   730 C "C4'" . A   B 1 15 ? -3.889  -6.113  -11.165 1.00 61.69  ? 38 A   B "C4'" 1 
ATOM   731 O "O4'" . A   B 1 15 ? -3.682  -5.251  -10.016 1.00 58.78  ? 38 A   B "O4'" 1 
ATOM   732 C "C3'" . A   B 1 15 ? -2.501  -6.645  -11.486 1.00 61.95  ? 38 A   B "C3'" 1 
ATOM   733 O "O3'" . A   B 1 15 ? -2.442  -7.055  -12.857 1.00 63.24  ? 38 A   B "O3'" 1 
ATOM   734 C "C2'" . A   B 1 15 ? -1.642  -5.406  -11.232 1.00 61.26  ? 38 A   B "C2'" 1 
ATOM   735 O "O2'" . A   B 1 15 ? -1.699  -4.486  -12.309 1.00 60.24  ? 38 A   B "O2'" 1 
ATOM   736 C "C1'" . A   B 1 15 ? -2.345  -4.776  -10.021 1.00 58.72  ? 38 A   B "C1'" 1 
ATOM   737 N N9    . A   B 1 15 ? -1.746  -5.049  -8.707  1.00 56.70  ? 38 A   B N9    1 
ATOM   738 C C8    . A   B 1 15 ? -2.273  -5.822  -7.701  1.00 55.98  ? 38 A   B C8    1 
ATOM   739 N N7    . A   B 1 15 ? -1.546  -5.844  -6.612  1.00 54.71  ? 38 A   B N7    1 
ATOM   740 C C5    . A   B 1 15 ? -0.459  -5.041  -6.919  1.00 54.08  ? 38 A   B C5    1 
ATOM   741 C C6    . A   B 1 15 ? 0.665   -4.646  -6.170  1.00 54.14  ? 38 A   B C6    1 
ATOM   742 N N6    . A   B 1 15 ? 0.876   -5.000  -4.898  1.00 54.62  ? 38 A   B N6    1 
ATOM   743 N N1    . A   B 1 15 ? 1.571   -3.853  -6.774  1.00 54.14  ? 38 A   B N1    1 
ATOM   744 C C2    . A   B 1 15 ? 1.347   -3.475  -8.039  1.00 55.53  ? 38 A   B C2    1 
ATOM   745 N N3    . A   B 1 15 ? 0.323   -3.764  -8.839  1.00 55.17  ? 38 A   B N3    1 
ATOM   746 C C4    . A   B 1 15 ? -0.557  -4.560  -8.213  1.00 54.73  ? 38 A   B C4    1 
ATOM   747 P P     . A   B 1 16 ? -1.531  -8.318  -13.290 1.00 65.96  ? 39 A   B P     1 
ATOM   748 O OP1   . A   B 1 16 ? -1.857  -8.632  -14.710 1.00 64.28  ? 39 A   B OP1   1 
ATOM   749 O OP2   . A   B 1 16 ? -1.629  -9.393  -12.265 1.00 65.01  ? 39 A   B OP2   1 
ATOM   750 O "O5'" . A   B 1 16 ? -0.045  -7.737  -13.249 1.00 65.59  ? 39 A   B "O5'" 1 
ATOM   751 C "C5'" . A   B 1 16 ? 0.359   -6.695  -14.141 1.00 64.27  ? 39 A   B "C5'" 1 
ATOM   752 C "C4'" . A   B 1 16 ? 1.715   -6.147  -13.744 1.00 63.46  ? 39 A   B "C4'" 1 
ATOM   753 O "O4'" . A   B 1 16 ? 1.616   -5.464  -12.472 1.00 62.69  ? 39 A   B "O4'" 1 
ATOM   754 C "C3'" . A   B 1 16 ? 2.825   -7.167  -13.552 1.00 63.65  ? 39 A   B "C3'" 1 
ATOM   755 O "O3'" . A   B 1 16 ? 3.447   -7.420  -14.807 1.00 67.12  ? 39 A   B "O3'" 1 
ATOM   756 C "C2'" . A   B 1 16 ? 3.781   -6.429  -12.625 1.00 62.03  ? 39 A   B "C2'" 1 
ATOM   757 O "O2'" . A   B 1 16 ? 4.610   -5.532  -13.333 1.00 61.43  ? 39 A   B "O2'" 1 
ATOM   758 C "C1'" . A   B 1 16 ? 2.815   -5.634  -11.745 1.00 60.32  ? 39 A   B "C1'" 1 
ATOM   759 N N9    . A   B 1 16 ? 2.477   -6.275  -10.480 1.00 58.36  ? 39 A   B N9    1 
ATOM   760 C C8    . A   B 1 16 ? 1.412   -7.104  -10.232 1.00 55.89  ? 39 A   B C8    1 
ATOM   761 N N7    . A   B 1 16 ? 1.354   -7.537  -8.996  1.00 57.28  ? 39 A   B N7    1 
ATOM   762 C C5    . A   B 1 16 ? 2.457   -6.950  -8.384  1.00 57.76  ? 39 A   B C5    1 
ATOM   763 C C6    . A   B 1 16 ? 2.952   -7.011  -7.070  1.00 55.10  ? 39 A   B C6    1 
ATOM   764 N N6    . A   B 1 16 ? 2.387   -7.732  -6.106  1.00 54.11  ? 39 A   B N6    1 
ATOM   765 N N1    . A   B 1 16 ? 4.064   -6.298  -6.783  1.00 55.97  ? 39 A   B N1    1 
ATOM   766 C C2    . A   B 1 16 ? 4.638   -5.584  -7.762  1.00 57.41  ? 39 A   B C2    1 
ATOM   767 N N3    . A   B 1 16 ? 4.272   -5.453  -9.038  1.00 58.05  ? 39 A   B N3    1 
ATOM   768 C C4    . A   B 1 16 ? 3.158   -6.169  -9.288  1.00 58.95  ? 39 A   B C4    1 
ATOM   769 P P     . A   B 1 17 ? 3.711   -8.927  -15.283 1.00 68.38  ? 40 A   B P     1 
ATOM   770 O OP1   . A   B 1 17 ? 3.679   -8.914  -16.769 1.00 68.46  ? 40 A   B OP1   1 
ATOM   771 O OP2   . A   B 1 17 ? 2.778   -9.811  -14.532 1.00 68.79  ? 40 A   B OP2   1 
ATOM   772 O "O5'" . A   B 1 17 ? 5.208   -9.214  -14.813 1.00 68.26  ? 40 A   B "O5'" 1 
ATOM   773 C "C5'" . A   B 1 17 ? 5.471   -9.960  -13.630 1.00 67.06  ? 40 A   B "C5'" 1 
ATOM   774 C "C4'" . A   B 1 17 ? 6.629   -10.914 -13.843 1.00 66.53  ? 40 A   B "C4'" 1 
ATOM   775 O "O4'" . A   B 1 17 ? 6.457   -11.590 -15.115 1.00 66.87  ? 40 A   B "O4'" 1 
ATOM   776 C "C3'" . A   B 1 17 ? 8.032   -10.336 -13.935 1.00 65.30  ? 40 A   B "C3'" 1 
ATOM   777 O "O3'" . A   B 1 17 ? 8.564   -10.158 -12.625 1.00 65.82  ? 40 A   B "O3'" 1 
ATOM   778 C "C2'" . A   B 1 17 ? 8.778   -11.463 -14.639 1.00 65.07  ? 40 A   B "C2'" 1 
ATOM   779 O "O2'" . A   B 1 17 ? 9.101   -12.528 -13.769 1.00 66.15  ? 40 A   B "O2'" 1 
ATOM   780 C "C1'" . A   B 1 17 ? 7.722   -11.965 -15.622 1.00 65.82  ? 40 A   B "C1'" 1 
ATOM   781 N N9    . A   B 1 17 ? 7.876   -11.419 -16.968 1.00 67.38  ? 40 A   B N9    1 
ATOM   782 C C8    . A   B 1 17 ? 7.010   -10.626 -17.683 1.00 67.02  ? 40 A   B C8    1 
ATOM   783 N N7    . A   B 1 17 ? 7.451   -10.304 -18.877 1.00 66.70  ? 40 A   B N7    1 
ATOM   784 C C5    . A   B 1 17 ? 8.688   -10.932 -18.956 1.00 67.63  ? 40 A   B C5    1 
ATOM   785 C C6    . A   B 1 17 ? 9.659   -10.987 -19.971 1.00 67.46  ? 40 A   B C6    1 
ATOM   786 N N6    . A   B 1 17 ? 9.523   -10.392 -21.155 1.00 69.09  ? 40 A   B N6    1 
ATOM   787 N N1    . A   B 1 17 ? 10.787  -11.689 -19.725 1.00 66.57  ? 40 A   B N1    1 
ATOM   788 C C2    . A   B 1 17 ? 10.916  -12.297 -18.540 1.00 68.07  ? 40 A   B C2    1 
ATOM   789 N N3    . A   B 1 17 ? 10.073  -12.328 -17.511 1.00 68.25  ? 40 A   B N3    1 
ATOM   790 C C4    . A   B 1 17 ? 8.964   -11.617 -17.786 1.00 68.27  ? 40 A   B C4    1 
ATOM   791 P P     . A   B 1 18 ? 9.656   -9.009  -12.343 1.00 64.60  ? 41 A   B P     1 
ATOM   792 O OP1   . A   B 1 18 ? 10.132  -9.178  -10.946 1.00 65.83  ? 41 A   B OP1   1 
ATOM   793 O OP2   . A   B 1 18 ? 9.044   -7.721  -12.756 1.00 64.72  ? 41 A   B OP2   1 
ATOM   794 O "O5'" . A   B 1 18 ? 10.855  -9.325  -13.346 1.00 63.38  ? 41 A   B "O5'" 1 
ATOM   795 C "C5'" . A   B 1 18 ? 11.917  -10.213 -13.001 1.00 62.56  ? 41 A   B "C5'" 1 
ATOM   796 C "C4'" . A   B 1 18 ? 13.032  -10.112 -14.027 1.00 63.60  ? 41 A   B "C4'" 1 
ATOM   797 O "O4'" . A   B 1 18 ? 12.488  -10.415 -15.334 1.00 64.59  ? 41 A   B "O4'" 1 
ATOM   798 C "C3'" . A   B 1 18 ? 13.697  -8.740  -14.153 1.00 62.84  ? 41 A   B "C3'" 1 
ATOM   799 O "O3'" . A   B 1 18 ? 14.887  -8.737  -13.355 1.00 62.96  ? 41 A   B "O3'" 1 
ATOM   800 C "C2'" . A   B 1 18 ? 14.091  -8.667  -15.632 1.00 61.19  ? 41 A   B "C2'" 1 
ATOM   801 O "O2'" . A   B 1 18 ? 15.355  -9.250  -15.895 1.00 56.10  ? 41 A   B "O2'" 1 
ATOM   802 C "C1'" . A   B 1 18 ? 13.010  -9.519  -16.299 1.00 62.25  ? 41 A   B "C1'" 1 
ATOM   803 N N9    . A   B 1 18 ? 11.882  -8.810  -16.903 1.00 61.86  ? 41 A   B N9    1 
ATOM   804 C C8    . A   B 1 18 ? 10.651  -8.587  -16.340 1.00 62.31  ? 41 A   B C8    1 
ATOM   805 N N7    . A   B 1 18 ? 9.793   -8.011  -17.149 1.00 63.15  ? 41 A   B N7    1 
ATOM   806 C C5    . A   B 1 18 ? 10.512  -7.827  -18.318 1.00 61.85  ? 41 A   B C5    1 
ATOM   807 C C6    . A   B 1 18 ? 10.161  -7.294  -19.564 1.00 60.70  ? 41 A   B C6    1 
ATOM   808 N N6    . A   B 1 18 ? 8.937   -6.859  -19.869 1.00 59.30  ? 41 A   B N6    1 
ATOM   809 N N1    . A   B 1 18 ? 11.121  -7.235  -20.508 1.00 61.02  ? 41 A   B N1    1 
ATOM   810 C C2    . A   B 1 18 ? 12.342  -7.699  -20.213 1.00 61.38  ? 41 A   B C2    1 
ATOM   811 N N3    . A   B 1 18 ? 12.787  -8.243  -19.089 1.00 60.90  ? 41 A   B N3    1 
ATOM   812 C C4    . A   B 1 18 ? 11.812  -8.283  -18.170 1.00 61.70  ? 41 A   B C4    1 
ATOM   813 P P     . G   B 1 19 ? 15.130  -7.599  -12.250 1.00 61.43  ? 42 G   B P     1 
ATOM   814 O OP1   . G   B 1 19 ? 14.550  -6.316  -12.696 1.00 62.42  ? 42 G   B OP1   1 
ATOM   815 O OP2   . G   B 1 19 ? 16.569  -7.658  -11.906 1.00 63.80  ? 42 G   B OP2   1 
ATOM   816 O "O5'" . G   B 1 19 ? 14.281  -8.102  -10.992 1.00 63.38  ? 42 G   B "O5'" 1 
ATOM   817 C "C5'" . G   B 1 19 ? 14.542  -9.365  -10.360 1.00 59.47  ? 42 G   B "C5'" 1 
ATOM   818 C "C4'" . G   B 1 19 ? 15.015  -9.151  -8.935  1.00 59.63  ? 42 G   B "C4'" 1 
ATOM   819 O "O4'" . G   B 1 19 ? 14.086  -8.278  -8.228  1.00 58.39  ? 42 G   B "O4'" 1 
ATOM   820 C "C3'" . G   B 1 19 ? 15.111  -10.395 -8.060  1.00 59.24  ? 42 G   B "C3'" 1 
ATOM   821 O "O3'" . G   B 1 19 ? 16.360  -11.056 -8.237  1.00 61.14  ? 42 G   B "O3'" 1 
ATOM   822 C "C2'" . G   B 1 19 ? 15.021  -9.796  -6.664  1.00 58.36  ? 42 G   B "C2'" 1 
ATOM   823 O "O2'" . G   B 1 19 ? 16.261  -9.256  -6.241  1.00 58.74  ? 42 G   B "O2'" 1 
ATOM   824 C "C1'" . G   B 1 19 ? 13.979  -8.689  -6.873  1.00 55.76  ? 42 G   B "C1'" 1 
ATOM   825 N N9    . G   B 1 19 ? 12.628  -9.197  -6.663  1.00 53.94  ? 42 G   B N9    1 
ATOM   826 C C8    . G   B 1 19 ? 11.634  -9.305  -7.601  1.00 53.80  ? 42 G   B C8    1 
ATOM   827 N N7    . G   B 1 19 ? 10.550  -9.867  -7.137  1.00 52.75  ? 42 G   B N7    1 
ATOM   828 C C5    . G   B 1 19 ? 10.842  -10.136 -5.810  1.00 52.03  ? 42 G   B C5    1 
ATOM   829 C C6    . G   B 1 19 ? 10.056  -10.761 -4.798  1.00 51.54  ? 42 G   B C6    1 
ATOM   830 O O6    . G   B 1 19 ? 8.909   -11.229 -4.883  1.00 48.27  ? 42 G   B O6    1 
ATOM   831 N N1    . G   B 1 19 ? 10.743  -10.822 -3.588  1.00 50.94  ? 42 G   B N1    1 
ATOM   832 C C2    . G   B 1 19 ? 12.018  -10.353 -3.382  1.00 52.81  ? 42 G   B C2    1 
ATOM   833 N N2    . G   B 1 19 ? 12.518  -10.502 -2.153  1.00 55.94  ? 42 G   B N2    1 
ATOM   834 N N3    . G   B 1 19 ? 12.758  -9.781  -4.315  1.00 54.22  ? 42 G   B N3    1 
ATOM   835 C C4    . G   B 1 19 ? 12.114  -9.707  -5.496  1.00 54.03  ? 42 G   B C4    1 
ATOM   836 P P     . U   B 1 20 ? 16.426  -12.667 -8.231  1.00 65.85  ? 43 U   B P     1 
ATOM   837 O OP1   . U   B 1 20 ? 17.713  -13.042 -8.883  1.00 64.27  ? 43 U   B OP1   1 
ATOM   838 O OP2   . U   B 1 20 ? 15.147  -13.214 -8.770  1.00 64.39  ? 43 U   B OP2   1 
ATOM   839 O "O5'" . U   B 1 20 ? 16.509  -13.038 -6.677  1.00 63.68  ? 43 U   B "O5'" 1 
ATOM   840 C "C5'" . U   B 1 20 ? 17.406  -12.345 -5.805  1.00 59.74  ? 43 U   B "C5'" 1 
ATOM   841 C "C4'" . U   B 1 20 ? 17.177  -12.750 -4.357  1.00 59.27  ? 43 U   B "C4'" 1 
ATOM   842 O "O4'" . U   B 1 20 ? 15.958  -12.154 -3.823  1.00 59.05  ? 43 U   B "O4'" 1 
ATOM   843 C "C3'" . U   B 1 20 ? 16.994  -14.234 -4.089  1.00 57.39  ? 43 U   B "C3'" 1 
ATOM   844 O "O3'" . U   B 1 20 ? 18.227  -14.939 -4.098  1.00 52.54  ? 43 U   B "O3'" 1 
ATOM   845 C "C2'" . U   B 1 20 ? 16.334  -14.227 -2.714  1.00 56.90  ? 43 U   B "C2'" 1 
ATOM   846 O "O2'" . U   B 1 20 ? 17.270  -14.010 -1.676  1.00 56.08  ? 43 U   B "O2'" 1 
ATOM   847 C "C1'" . U   B 1 20 ? 15.404  -13.014 -2.834  1.00 57.84  ? 43 U   B "C1'" 1 
ATOM   848 N N1    . U   B 1 20 ? 14.039  -13.380 -3.241  1.00 58.09  ? 43 U   B N1    1 
ATOM   849 C C2    . U   B 1 20 ? 13.170  -13.825 -2.253  1.00 58.77  ? 43 U   B C2    1 
ATOM   850 O O2    . U   B 1 20 ? 13.489  -13.912 -1.080  1.00 60.24  ? 43 U   B O2    1 
ATOM   851 N N3    . U   B 1 20 ? 11.909  -14.156 -2.690  1.00 57.97  ? 43 U   B N3    1 
ATOM   852 C C4    . U   B 1 20 ? 11.435  -14.074 -3.983  1.00 56.79  ? 43 U   B C4    1 
ATOM   853 O O4    . U   B 1 20 ? 10.252  -14.331 -4.206  1.00 55.34  ? 43 U   B O4    1 
ATOM   854 C C5    . U   B 1 20 ? 12.393  -13.608 -4.947  1.00 56.81  ? 43 U   B C5    1 
ATOM   855 C C6    . U   B 1 20 ? 13.632  -13.287 -4.553  1.00 56.18  ? 43 U   B C6    1 
ATOM   856 P P     . C   B 1 21 ? 18.277  -16.418 -4.708  1.00 52.27  ? 44 C   B P     1 
ATOM   857 O OP1   . C   B 1 21 ? 19.688  -16.854 -4.677  1.00 54.78  ? 44 C   B OP1   1 
ATOM   858 O OP2   . C   B 1 21 ? 17.541  -16.438 -5.999  1.00 58.21  ? 44 C   B OP2   1 
ATOM   859 O "O5'" . C   B 1 21 ? 17.416  -17.279 -3.682  1.00 53.85  ? 44 C   B "O5'" 1 
ATOM   860 C "C5'" . C   B 1 21 ? 17.911  -17.582 -2.384  1.00 53.28  ? 44 C   B "C5'" 1 
ATOM   861 C "C4'" . C   B 1 21 ? 16.843  -18.252 -1.556  1.00 53.04  ? 44 C   B "C4'" 1 
ATOM   862 O "O4'" . C   B 1 21 ? 15.713  -17.352 -1.414  1.00 55.34  ? 44 C   B "O4'" 1 
ATOM   863 C "C3'" . C   B 1 21 ? 16.206  -19.502 -2.129  1.00 54.35  ? 44 C   B "C3'" 1 
ATOM   864 O "O3'" . C   B 1 21 ? 17.015  -20.651 -1.932  1.00 55.91  ? 44 C   B "O3'" 1 
ATOM   865 C "C2'" . C   B 1 21 ? 14.926  -19.572 -1.312  1.00 54.43  ? 44 C   B "C2'" 1 
ATOM   866 O "O2'" . C   B 1 21 ? 15.172  -19.972 0.021   1.00 56.98  ? 44 C   B "O2'" 1 
ATOM   867 C "C1'" . C   B 1 21 ? 14.517  -18.105 -1.302  1.00 54.36  ? 44 C   B "C1'" 1 
ATOM   868 N N1    . C   B 1 21 ? 13.648  -17.785 -2.441  1.00 56.20  ? 44 C   B N1    1 
ATOM   869 C C2    . C   B 1 21 ? 12.298  -18.106 -2.341  1.00 55.47  ? 44 C   B C2    1 
ATOM   870 O O2    . C   B 1 21 ? 11.895  -18.635 -1.299  1.00 57.41  ? 44 C   B O2    1 
ATOM   871 N N3    . C   B 1 21 ? 11.472  -17.836 -3.379  1.00 52.84  ? 44 C   B N3    1 
ATOM   872 C C4    . C   B 1 21 ? 11.957  -17.268 -4.483  1.00 50.88  ? 44 C   B C4    1 
ATOM   873 N N4    . C   B 1 21 ? 11.113  -17.029 -5.478  1.00 49.47  ? 44 C   B N4    1 
ATOM   874 C C5    . C   B 1 21 ? 13.334  -16.922 -4.614  1.00 52.59  ? 44 C   B C5    1 
ATOM   875 C C6    . C   B 1 21 ? 14.138  -17.195 -3.577  1.00 54.65  ? 44 C   B C6    1 
ATOM   876 P P     . G   B 1 22 ? 16.810  -21.935 -2.869  1.00 59.29  ? 45 G   B P     1 
ATOM   877 O OP1   . G   B 1 22 ? 17.788  -22.972 -2.446  1.00 62.38  ? 45 G   B OP1   1 
ATOM   878 O OP2   . G   B 1 22 ? 16.805  -21.467 -4.271  1.00 61.17  ? 45 G   B OP2   1 
ATOM   879 O "O5'" . G   B 1 22 ? 15.347  -22.469 -2.520  1.00 62.35  ? 45 G   B "O5'" 1 
ATOM   880 C "C5'" . G   B 1 22 ? 15.083  -23.099 -1.269  1.00 64.83  ? 45 G   B "C5'" 1 
ATOM   881 C "C4'" . G   B 1 22 ? 13.622  -23.477 -1.151  1.00 66.92  ? 45 G   B "C4'" 1 
ATOM   882 O "O4'" . G   B 1 22 ? 12.788  -22.292 -1.281  1.00 66.72  ? 45 G   B "O4'" 1 
ATOM   883 C "C3'" . G   B 1 22 ? 13.041  -24.414 -2.197  1.00 69.57  ? 45 G   B "C3'" 1 
ATOM   884 O "O3'" . G   B 1 22 ? 13.382  -25.772 -1.937  1.00 74.37  ? 45 G   B "O3'" 1 
ATOM   885 C "C2'" . G   B 1 22 ? 11.547  -24.176 -2.001  1.00 68.55  ? 45 G   B "C2'" 1 
ATOM   886 O "O2'" . G   B 1 22 ? 11.040  -24.815 -0.843  1.00 69.76  ? 45 G   B "O2'" 1 
ATOM   887 C "C1'" . G   B 1 22 ? 11.508  -22.664 -1.779  1.00 64.97  ? 45 G   B "C1'" 1 
ATOM   888 N N9    . G   B 1 22 ? 11.245  -21.939 -3.021  1.00 61.23  ? 45 G   B N9    1 
ATOM   889 C C8    . G   B 1 22 ? 12.133  -21.198 -3.761  1.00 59.03  ? 45 G   B C8    1 
ATOM   890 N N7    . G   B 1 22 ? 11.603  -20.702 -4.846  1.00 56.79  ? 45 G   B N7    1 
ATOM   891 C C5    . G   B 1 22 ? 10.285  -21.136 -4.816  1.00 56.20  ? 45 G   B C5    1 
ATOM   892 C C6    . G   B 1 22 ? 9.222   -20.920 -5.735  1.00 56.38  ? 45 G   B C6    1 
ATOM   893 O O6    . G   B 1 22 ? 9.236   -20.286 -6.801  1.00 55.51  ? 45 G   B O6    1 
ATOM   894 N N1    . G   B 1 22 ? 8.048   -21.534 -5.312  1.00 56.36  ? 45 G   B N1    1 
ATOM   895 C C2    . G   B 1 22 ? 7.911   -22.262 -4.160  1.00 57.79  ? 45 G   B C2    1 
ATOM   896 N N2    . G   B 1 22 ? 6.694   -22.773 -3.925  1.00 58.95  ? 45 G   B N2    1 
ATOM   897 N N3    . G   B 1 22 ? 8.893   -22.474 -3.298  1.00 58.25  ? 45 G   B N3    1 
ATOM   898 C C4    . G   B 1 22 ? 10.044  -21.888 -3.690  1.00 58.13  ? 45 G   B C4    1 
ATOM   899 P P     . C   B 1 23 ? 13.358  -26.850 -3.138  1.00 79.61  ? 46 C   B P     1 
ATOM   900 O OP1   . C   B 1 23 ? 13.762  -28.143 -2.525  1.00 78.84  ? 46 C   B OP1   1 
ATOM   901 O OP2   . C   B 1 23 ? 14.108  -26.335 -4.317  1.00 79.35  ? 46 C   B OP2   1 
ATOM   902 O "O5'" . C   B 1 23 ? 11.819  -26.948 -3.552  1.00 81.23  ? 46 C   B "O5'" 1 
ATOM   903 C "C5'" . C   B 1 23 ? 10.885  -27.613 -2.705  1.00 83.28  ? 46 C   B "C5'" 1 
ATOM   904 C "C4'" . C   B 1 23 ? 9.506   -27.615 -3.323  1.00 83.99  ? 46 C   B "C4'" 1 
ATOM   905 O "O4'" . C   B 1 23 ? 9.088   -26.251 -3.579  1.00 83.97  ? 46 C   B "O4'" 1 
ATOM   906 C "C3'" . C   B 1 23 ? 9.358   -28.268 -4.686  1.00 84.84  ? 46 C   B "C3'" 1 
ATOM   907 O "O3'" . C   B 1 23 ? 9.423   -29.699 -4.684  1.00 86.25  ? 46 C   B "O3'" 1 
ATOM   908 C "C2'" . C   B 1 23 ? 8.039   -27.674 -5.168  1.00 85.00  ? 46 C   B "C2'" 1 
ATOM   909 O "O2'" . C   B 1 23 ? 6.898   -28.275 -4.594  1.00 86.44  ? 46 C   B "O2'" 1 
ATOM   910 C "C1'" . C   B 1 23 ? 8.151   -26.244 -4.643  1.00 84.60  ? 46 C   B "C1'" 1 
ATOM   911 N N1    . C   B 1 23 ? 8.617   -25.326 -5.685  1.00 84.67  ? 46 C   B N1    1 
ATOM   912 C C2    . C   B 1 23 ? 7.664   -24.745 -6.517  1.00 84.99  ? 46 C   B C2    1 
ATOM   913 O O2    . C   B 1 23 ? 6.465   -25.005 -6.323  1.00 86.36  ? 46 C   B O2    1 
ATOM   914 N N3    . C   B 1 23 ? 8.064   -23.916 -7.509  1.00 84.27  ? 46 C   B N3    1 
ATOM   915 C C4    . C   B 1 23 ? 9.363   -23.658 -7.676  1.00 83.16  ? 46 C   B C4    1 
ATOM   916 N N4    . C   B 1 23 ? 9.710   -22.834 -8.669  1.00 82.17  ? 46 C   B N4    1 
ATOM   917 C C5    . C   B 1 23 ? 10.360  -24.230 -6.831  1.00 83.33  ? 46 C   B C5    1 
ATOM   918 C C6    . C   B 1 23 ? 9.946   -25.051 -5.854  1.00 84.34  ? 46 C   B C6    1 
HETATM 919 N N1    . SPM C 2 .  ? -0.905  9.870   -3.887  1.00 86.72  ? 51 SPM A N1    1 
HETATM 920 C C2    . SPM C 2 .  ? -1.658  9.662   -2.643  1.00 86.49  ? 51 SPM A C2    1 
HETATM 921 C C3    . SPM C 2 .  ? -1.934  8.173   -2.464  1.00 86.60  ? 51 SPM A C3    1 
HETATM 922 C C4    . SPM C 2 .  ? -2.290  7.915   -1.009  1.00 87.75  ? 51 SPM A C4    1 
HETATM 923 N N5    . SPM C 2 .  ? -3.685  7.468   -0.931  1.00 89.43  ? 51 SPM A N5    1 
HETATM 924 C C6    . SPM C 2 .  ? -3.705  6.268   -0.076  1.00 89.68  ? 51 SPM A C6    1 
HETATM 925 C C7    . SPM C 2 .  ? -4.010  5.018   -0.910  1.00 91.95  ? 51 SPM A C7    1 
HETATM 926 C C8    . SPM C 2 .  ? -3.290  3.823   -0.267  1.00 92.64  ? 51 SPM A C8    1 
HETATM 927 C C9    . SPM C 2 .  ? -2.485  3.115   -1.276  1.00 93.32  ? 51 SPM A C9    1 
HETATM 928 N N10   . SPM C 2 .  ? -1.175  3.792   -1.356  1.00 93.67  ? 51 SPM A N10   1 
HETATM 929 C C11   . SPM C 2 .  ? -0.236  3.259   -0.268  1.00 93.24  ? 51 SPM A C11   1 
HETATM 930 C C12   . SPM C 2 .  ? 0.791   4.336   0.101   1.00 93.22  ? 51 SPM A C12   1 
HETATM 931 C C13   . SPM C 2 .  ? 1.103   4.255   1.541   1.00 94.55  ? 51 SPM A C13   1 
HETATM 932 N N14   . SPM C 2 .  ? 2.107   5.283   1.891   1.00 96.92  ? 51 SPM A N14   1 
HETATM 933 O O     . HOH D 3 .  ? 11.531  -16.622 1.338   1.00 32.62  ? 52 HOH A O     1 
HETATM 934 O O     . HOH D 3 .  ? 4.264   -15.781 -6.254  1.00 89.59  ? 53 HOH A O     1 
HETATM 935 O O     . HOH D 3 .  ? 9.173   -6.576  -8.417  1.00 66.58  ? 54 HOH A O     1 
HETATM 936 O O     . HOH D 3 .  ? -3.850  5.732   12.675  1.00 16.50  ? 55 HOH A O     1 
HETATM 937 O O     . HOH D 3 .  ? -0.182  0.372   -10.843 1.00 45.32  ? 56 HOH A O     1 
HETATM 938 O O     . HOH D 3 .  ? 12.972  -9.651  1.795   1.00 57.94  ? 57 HOH A O     1 
HETATM 939 O O     . HOH D 3 .  ? 5.186   -12.463 -1.578  1.00 41.40  ? 58 HOH A O     1 
HETATM 940 O O     . HOH D 3 .  ? 4.158   10.649  -12.098 1.00 41.02  ? 59 HOH A O     1 
HETATM 941 O O     . HOH D 3 .  ? 3.273   1.568   2.178   1.00 56.69  ? 60 HOH A O     1 
HETATM 942 O O     . HOH D 3 .  ? -8.190  8.985   2.699   1.00 25.48  ? 61 HOH A O     1 
HETATM 943 O O     . HOH D 3 .  ? -7.765  17.635  12.852  1.00 43.97  ? 62 HOH A O     1 
HETATM 944 O O     . HOH D 3 .  ? 4.133   7.671   -4.327  1.00 46.52  ? 63 HOH A O     1 
HETATM 945 O O     . HOH D 3 .  ? -2.361  -15.199 -8.514  1.00 31.27  ? 64 HOH A O     1 
HETATM 946 O O     . HOH D 3 .  ? -2.452  19.016  17.135  1.00 76.04  ? 65 HOH A O     1 
HETATM 947 O O     . HOH D 3 .  ? 0.595   10.130  -11.686 1.00 55.47  ? 66 HOH A O     1 
HETATM 948 O O     . HOH D 3 .  ? 10.007  -3.222  -9.982  1.00 46.01  ? 67 HOH A O     1 
HETATM 949 O O     . HOH D 3 .  ? -4.917  10.733  -4.603  1.00 54.15  ? 68 HOH A O     1 
HETATM 950 O O     . HOH D 3 .  ? -11.399 11.505  -1.260  1.00 66.24  ? 69 HOH A O     1 
HETATM 951 O O     . HOH D 3 .  ? 0.491   12.333  -5.631  1.00 72.18  ? 70 HOH A O     1 
HETATM 952 O O     . HOH D 3 .  ? -1.049  14.913  -5.453  1.00 52.86  ? 71 HOH A O     1 
HETATM 953 O O     . HOH D 3 .  ? -6.665  9.712   0.133   1.00 61.14  ? 72 HOH A O     1 
HETATM 954 O O     . HOH D 3 .  ? -14.143 11.127  4.408   1.00 63.53  ? 73 HOH A O     1 
HETATM 955 O O     . HOH D 3 .  ? -10.967 0.899   -4.638  1.00 26.43  ? 74 HOH A O     1 
HETATM 956 O O     . HOH D 3 .  ? 0.821   0.483   0.821   1.00 51.56  ? 75 HOH A O     1 
HETATM 957 O O     . HOH D 3 .  ? -6.719  15.703  10.488  1.00 35.50  ? 76 HOH A O     1 
HETATM 958 O O     . HOH D 3 .  ? 12.848  12.852  5.465   0.50 47.52  ? 77 HOH A O     1 
HETATM 959 O O     . HOH D 3 .  ? 13.649  10.441  4.415   0.50 52.10  ? 78 HOH A O     1 
HETATM 960 O O     . HOH D 3 .  ? 10.519  4.390   2.444   1.00 60.37  ? 79 HOH A O     1 
HETATM 961 O O     . HOH D 3 .  ? 2.696   -1.330  -1.395  1.00 51.91  ? 80 HOH A O     1 
HETATM 962 O O     . HOH D 3 .  ? 0.732   -17.496 6.633   1.00 68.62  ? 81 HOH A O     1 
HETATM 963 O O     . HOH D 3 .  ? 2.622   -14.977 8.777   1.00 57.26  ? 82 HOH A O     1 
HETATM 964 O O     . HOH D 3 .  ? 6.288   -12.572 8.443   1.00 57.32  ? 83 HOH A O     1 
HETATM 965 O O     . HOH D 3 .  ? -7.603  6.912   1.739   1.00 23.01  ? 84 HOH A O     1 
HETATM 966 O O     . HOH E 3 .  ? 13.062  -18.838 -7.238  1.00 46.42  ? 47 HOH B O     1 
HETATM 967 O O     . HOH E 3 .  ? 7.958   -10.977 -7.873  1.00 29.01  ? 48 HOH B O     1 
HETATM 968 O O     . HOH E 3 .  ? -3.790  -10.470 7.557   0.50 34.32  ? 49 HOH B O     1 
HETATM 969 O O     . HOH E 3 .  ? 19.976  -13.791 -1.709  1.00 37.22  ? 50 HOH B O     1 
HETATM 970 O O     . HOH E 3 .  ? -5.684  0.966   13.168  1.00 27.98  ? 51 HOH B O     1 
HETATM 971 O O     . HOH E 3 .  ? 12.371  -13.341 -11.547 1.00 29.99  ? 52 HOH B O     1 
HETATM 972 O O     . HOH E 3 .  ? 5.338   -12.469 -6.608  1.00 60.90  ? 53 HOH B O     1 
HETATM 973 O O     . HOH E 3 .  ? -9.108  14.505  5.808   1.00 43.07  ? 54 HOH B O     1 
HETATM 974 O O     . HOH E 3 .  ? -13.407 21.184  17.666  1.00 38.42  ? 55 HOH B O     1 
HETATM 975 O O     . HOH E 3 .  ? -11.999 25.362  5.070   1.00 71.59  ? 56 HOH B O     1 
HETATM 976 O O     . HOH E 3 .  ? 8.759   -14.212 -10.587 1.00 41.72  ? 57 HOH B O     1 
HETATM 977 O O     . HOH E 3 .  ? 0.280   -12.072 -6.705  1.00 95.96  ? 58 HOH B O     1 
HETATM 978 O O     . HOH E 3 .  ? 1.207   -7.105  -0.510  1.00 61.56  ? 59 HOH B O     1 
HETATM 979 O O     . HOH E 3 .  ? -3.769  -10.680 -12.701 1.00 34.88  ? 60 HOH B O     1 
HETATM 980 O O     . HOH E 3 .  ? -2.392  -10.244 -2.322  1.00 86.19  ? 61 HOH B O     1 
HETATM 981 O O     . HOH E 3 .  ? 15.249  -12.665 -11.802 1.00 31.02  ? 62 HOH B O     1 
HETATM 982 O O     . HOH E 3 .  ? -12.207 16.296  9.651   1.00 44.79  ? 63 HOH B O     1 
HETATM 983 O O     . HOH E 3 .  ? 20.470  -14.025 -7.680  1.00 52.90  ? 64 HOH B O     1 
HETATM 984 O O     . HOH E 3 .  ? 12.342  -5.554  -13.929 1.00 25.35  ? 65 HOH B O     1 
HETATM 985 O O     . HOH E 3 .  ? -0.945  -4.760  -0.162  1.00 48.34  ? 66 HOH B O     1 
HETATM 986 O O     . HOH E 3 .  ? 5.650   18.467  2.429   1.00 56.07  ? 67 HOH B O     1 
HETATM 987 O O     . HOH E 3 .  ? -2.527  -14.291 5.880   0.50 58.41  ? 68 HOH B O     1 
HETATM 988 O O     . HOH E 3 .  ? 2.260   -5.974  11.654  1.00 34.69  ? 69 HOH B O     1 
# 
loop_
_pdbx_poly_seq_scheme.asym_id 
_pdbx_poly_seq_scheme.entity_id 
_pdbx_poly_seq_scheme.seq_id 
_pdbx_poly_seq_scheme.mon_id 
_pdbx_poly_seq_scheme.ndb_seq_num 
_pdbx_poly_seq_scheme.pdb_seq_num 
_pdbx_poly_seq_scheme.auth_seq_num 
_pdbx_poly_seq_scheme.pdb_mon_id 
_pdbx_poly_seq_scheme.auth_mon_id 
_pdbx_poly_seq_scheme.pdb_strand_id 
_pdbx_poly_seq_scheme.pdb_ins_code 
_pdbx_poly_seq_scheme.hetero 
A 1 1  U 1  1  ?  ? ? A . n 
A 1 2  U 2  2  2  U U A . n 
A 1 3  G 3  3  3  G G A . n 
A 1 4  C 4  4  4  C C A . n 
A 1 5  G 5  5  5  G G A . n 
A 1 6  U 6  6  6  U U A . n 
A 1 7  C 7  7  7  C C A . n 
A 1 8  G 8  8  8  G G A . n 
A 1 9  C 9  9  9  C C A . n 
A 1 10 U 10 10 10 U U A . n 
A 1 11 C 11 11 11 C C A . n 
A 1 12 C 12 12 12 C C A . n 
A 1 13 G 13 13 13 G G A . n 
A 1 14 G 14 14 14 G G A . n 
A 1 15 A 15 15 15 A A A . n 
A 1 16 A 16 16 16 A A A . n 
A 1 17 A 17 17 17 A A A . n 
A 1 18 A 18 18 18 A A A . n 
A 1 19 G 19 19 19 G G A . n 
A 1 20 U 20 20 20 U U A . n 
A 1 21 C 21 21 21 C C A . n 
A 1 22 G 22 22 22 G G A . n 
A 1 23 C 23 23 23 C C A . n 
B 1 1  U 1  24 ?  ? ? B . n 
B 1 2  U 2  25 ?  ? ? B . n 
B 1 3  G 3  26 26 G G B . n 
B 1 4  C 4  27 27 C C B . n 
B 1 5  G 5  28 28 G G B . n 
B 1 6  U 6  29 29 U U B . n 
B 1 7  C 7  30 30 C C B . n 
B 1 8  G 8  31 31 G G B . n 
B 1 9  C 9  32 32 C C B . n 
B 1 10 U 10 33 33 U U B . n 
B 1 11 C 11 34 34 C C B . n 
B 1 12 C 12 35 35 C C B . n 
B 1 13 G 13 36 36 G G B . n 
B 1 14 G 14 37 37 G G B . n 
B 1 15 A 15 38 38 A A B . n 
B 1 16 A 16 39 39 A A B . n 
B 1 17 A 17 40 40 A A B . n 
B 1 18 A 18 41 41 A A B . n 
B 1 19 G 19 42 42 G G B . n 
B 1 20 U 20 43 43 U U B . n 
B 1 21 C 21 44 44 C C B . n 
B 1 22 G 22 45 45 G G B . n 
B 1 23 C 23 46 46 C C B . n 
# 
loop_
_pdbx_nonpoly_scheme.asym_id 
_pdbx_nonpoly_scheme.entity_id 
_pdbx_nonpoly_scheme.mon_id 
_pdbx_nonpoly_scheme.ndb_seq_num 
_pdbx_nonpoly_scheme.pdb_seq_num 
_pdbx_nonpoly_scheme.auth_seq_num 
_pdbx_nonpoly_scheme.pdb_mon_id 
_pdbx_nonpoly_scheme.auth_mon_id 
_pdbx_nonpoly_scheme.pdb_strand_id 
_pdbx_nonpoly_scheme.pdb_ins_code 
C 2 SPM 1  51 51  SPM SPM A . 
D 3 HOH 1  52 102 HOH HOH A . 
D 3 HOH 2  53 104 HOH HOH A . 
D 3 HOH 3  54 105 HOH HOH A . 
D 3 HOH 4  55 107 HOH HOH A . 
D 3 HOH 5  56 110 HOH HOH A . 
D 3 HOH 6  57 111 HOH HOH A . 
D 3 HOH 7  58 114 HOH HOH A . 
D 3 HOH 8  59 115 HOH HOH A . 
D 3 HOH 9  60 116 HOH HOH A . 
D 3 HOH 10 61 117 HOH HOH A . 
D 3 HOH 11 62 119 HOH HOH A . 
D 3 HOH 12 63 123 HOH HOH A . 
D 3 HOH 13 64 124 HOH HOH A . 
D 3 HOH 14 65 125 HOH HOH A . 
D 3 HOH 15 66 126 HOH HOH A . 
D 3 HOH 16 67 129 HOH HOH A . 
D 3 HOH 17 68 130 HOH HOH A . 
D 3 HOH 18 69 131 HOH HOH A . 
D 3 HOH 19 70 134 HOH HOH A . 
D 3 HOH 20 71 135 HOH HOH A . 
D 3 HOH 21 72 138 HOH HOH A . 
D 3 HOH 22 73 139 HOH HOH A . 
D 3 HOH 23 74 140 HOH HOH A . 
D 3 HOH 24 75 143 HOH HOH A . 
D 3 HOH 25 76 145 HOH HOH A . 
D 3 HOH 26 77 146 HOH HOH A . 
D 3 HOH 27 78 147 HOH HOH A . 
D 3 HOH 28 79 149 HOH HOH A . 
D 3 HOH 29 80 150 HOH HOH A . 
D 3 HOH 30 81 152 HOH HOH A . 
D 3 HOH 31 82 153 HOH HOH A . 
D 3 HOH 32 83 154 HOH HOH A . 
D 3 HOH 33 84 156 HOH HOH A . 
E 3 HOH 1  47 101 HOH HOH B . 
E 3 HOH 2  48 103 HOH HOH B . 
E 3 HOH 3  49 106 HOH HOH B . 
E 3 HOH 4  50 108 HOH HOH B . 
E 3 HOH 5  51 109 HOH HOH B . 
E 3 HOH 6  52 112 HOH HOH B . 
E 3 HOH 7  53 113 HOH HOH B . 
E 3 HOH 8  54 118 HOH HOH B . 
E 3 HOH 9  55 120 HOH HOH B . 
E 3 HOH 10 56 121 HOH HOH B . 
E 3 HOH 11 57 122 HOH HOH B . 
E 3 HOH 12 58 127 HOH HOH B . 
E 3 HOH 13 59 128 HOH HOH B . 
E 3 HOH 14 60 132 HOH HOH B . 
E 3 HOH 15 61 133 HOH HOH B . 
E 3 HOH 16 62 136 HOH HOH B . 
E 3 HOH 17 63 137 HOH HOH B . 
E 3 HOH 18 64 141 HOH HOH B . 
E 3 HOH 19 65 142 HOH HOH B . 
E 3 HOH 20 66 144 HOH HOH B . 
E 3 HOH 21 67 148 HOH HOH B . 
E 3 HOH 22 68 151 HOH HOH B . 
E 3 HOH 23 69 155 HOH HOH B . 
# 
_pdbx_struct_assembly.id                   1 
_pdbx_struct_assembly.details              author_defined_assembly 
_pdbx_struct_assembly.method_details       ? 
_pdbx_struct_assembly.oligomeric_details   dimeric 
_pdbx_struct_assembly.oligomeric_count     2 
# 
_pdbx_struct_assembly_gen.assembly_id       1 
_pdbx_struct_assembly_gen.oper_expression   1 
_pdbx_struct_assembly_gen.asym_id_list      A,B,C,D,E 
# 
_pdbx_struct_oper_list.id                   1 
_pdbx_struct_oper_list.type                 'identity operation' 
_pdbx_struct_oper_list.name                 1_555 
_pdbx_struct_oper_list.symmetry_operation   x,y,z 
_pdbx_struct_oper_list.matrix[1][1]         1.0000000000 
_pdbx_struct_oper_list.matrix[1][2]         0.0000000000 
_pdbx_struct_oper_list.matrix[1][3]         0.0000000000 
_pdbx_struct_oper_list.vector[1]            0.0000000000 
_pdbx_struct_oper_list.matrix[2][1]         0.0000000000 
_pdbx_struct_oper_list.matrix[2][2]         1.0000000000 
_pdbx_struct_oper_list.matrix[2][3]         0.0000000000 
_pdbx_struct_oper_list.vector[2]            0.0000000000 
_pdbx_struct_oper_list.matrix[3][1]         0.0000000000 
_pdbx_struct_oper_list.matrix[3][2]         0.0000000000 
_pdbx_struct_oper_list.matrix[3][3]         1.0000000000 
_pdbx_struct_oper_list.vector[3]            0.0000000000 
# 
loop_
_pdbx_struct_special_symmetry.id 
_pdbx_struct_special_symmetry.PDB_model_num 
_pdbx_struct_special_symmetry.auth_asym_id 
_pdbx_struct_special_symmetry.auth_comp_id 
_pdbx_struct_special_symmetry.auth_seq_id 
_pdbx_struct_special_symmetry.PDB_ins_code 
_pdbx_struct_special_symmetry.label_asym_id 
_pdbx_struct_special_symmetry.label_comp_id 
_pdbx_struct_special_symmetry.label_seq_id 
1 1 A HOH 77 ? D HOH . 
2 1 A HOH 78 ? D HOH . 
3 1 B HOH 49 ? E HOH . 
4 1 B HOH 68 ? E HOH . 
# 
loop_
_pdbx_audit_revision_history.ordinal 
_pdbx_audit_revision_history.data_content_type 
_pdbx_audit_revision_history.major_revision 
_pdbx_audit_revision_history.minor_revision 
_pdbx_audit_revision_history.revision_date 
1 'Structure model' 1 0 2007-11-06 
2 'Structure model' 1 1 2011-07-13 
3 'Structure model' 1 2 2023-08-30 
# 
_pdbx_audit_revision_details.ordinal             1 
_pdbx_audit_revision_details.revision_ordinal    1 
_pdbx_audit_revision_details.data_content_type   'Structure model' 
_pdbx_audit_revision_details.provider            repository 
_pdbx_audit_revision_details.type                'Initial release' 
_pdbx_audit_revision_details.description         ? 
_pdbx_audit_revision_details.details             ? 
# 
loop_
_pdbx_audit_revision_group.ordinal 
_pdbx_audit_revision_group.revision_ordinal 
_pdbx_audit_revision_group.data_content_type 
_pdbx_audit_revision_group.group 
1 2 'Structure model' 'Version format compliance' 
2 3 'Structure model' 'Data collection'           
3 3 'Structure model' 'Database references'       
4 3 'Structure model' 'Derived calculations'      
5 3 'Structure model' 'Refinement description'    
# 
loop_
_pdbx_audit_revision_category.ordinal 
_pdbx_audit_revision_category.revision_ordinal 
_pdbx_audit_revision_category.data_content_type 
_pdbx_audit_revision_category.category 
1 3 'Structure model' chem_comp_atom                
2 3 'Structure model' chem_comp_bond                
3 3 'Structure model' database_2                    
4 3 'Structure model' pdbx_initial_refinement_model 
5 3 'Structure model' struct_ref_seq                
6 3 'Structure model' struct_site                   
# 
loop_
_pdbx_audit_revision_item.ordinal 
_pdbx_audit_revision_item.revision_ordinal 
_pdbx_audit_revision_item.data_content_type 
_pdbx_audit_revision_item.item 
1 3 'Structure model' '_database_2.pdbx_DOI'                
2 3 'Structure model' '_database_2.pdbx_database_accession' 
3 3 'Structure model' '_struct_ref_seq.db_align_beg'        
4 3 'Structure model' '_struct_ref_seq.db_align_end'        
5 3 'Structure model' '_struct_site.pdbx_auth_asym_id'      
6 3 'Structure model' '_struct_site.pdbx_auth_comp_id'      
7 3 'Structure model' '_struct_site.pdbx_auth_seq_id'       
# 
loop_
_software.name 
_software.version 
_software.date 
_software.type 
_software.contact_author 
_software.contact_author_email 
_software.classification 
_software.location 
_software.language 
_software.citation_id 
_software.pdbx_ordinal 
d*TREK       9.4SSI 'Apr 27 2005'    package 'Pflugrath, J.W.' jwp@RigakuMSC.com        'data processing' 
http://www.msc.com/protein/dtrek.html ?          ? 1 
CNS          .      ?                package 'Axel T. Brunger' axel.brunger@yale.edu    refinement        
http://cns.csb.yale.edu/v1.1/         Fortran_77 ? 2 
PDB_EXTRACT  2.000  'April. 3, 2006' package PDB               sw-help@rcsb.rutgers.edu 'data extraction' 
http://pdb.rutgers.edu/software/      C++        ? 3 
CrystalClear .      ?                ?       ?                 ?                        'data collection' ? ?          ? 4 
CrystalClear .      ?                ?       ?                 ?                        'data reduction'  ? ?          ? 5 
CrystalClear .      ?                ?       ?                 ?                        'data scaling'    ? ?          ? 6 
AMoRE        .      ?                ?       ?                 ?                        phasing           ? ?          ? 7 
# 
loop_
_pdbx_unobs_or_zero_occ_residues.id 
_pdbx_unobs_or_zero_occ_residues.PDB_model_num 
_pdbx_unobs_or_zero_occ_residues.polymer_flag 
_pdbx_unobs_or_zero_occ_residues.occupancy_flag 
_pdbx_unobs_or_zero_occ_residues.auth_asym_id 
_pdbx_unobs_or_zero_occ_residues.auth_comp_id 
_pdbx_unobs_or_zero_occ_residues.auth_seq_id 
_pdbx_unobs_or_zero_occ_residues.PDB_ins_code 
_pdbx_unobs_or_zero_occ_residues.label_asym_id 
_pdbx_unobs_or_zero_occ_residues.label_comp_id 
_pdbx_unobs_or_zero_occ_residues.label_seq_id 
1 1 Y 1 A U 1  ? A U 1 
2 1 Y 1 B U 24 ? B U 1 
3 1 Y 1 B U 25 ? B U 2 
# 
loop_
_chem_comp_atom.comp_id 
_chem_comp_atom.atom_id 
_chem_comp_atom.type_symbol 
_chem_comp_atom.pdbx_aromatic_flag 
_chem_comp_atom.pdbx_stereo_config 
_chem_comp_atom.pdbx_ordinal 
A   OP3    O N N 1   
A   P      P N N 2   
A   OP1    O N N 3   
A   OP2    O N N 4   
A   "O5'"  O N N 5   
A   "C5'"  C N N 6   
A   "C4'"  C N R 7   
A   "O4'"  O N N 8   
A   "C3'"  C N S 9   
A   "O3'"  O N N 10  
A   "C2'"  C N R 11  
A   "O2'"  O N N 12  
A   "C1'"  C N R 13  
A   N9     N Y N 14  
A   C8     C Y N 15  
A   N7     N Y N 16  
A   C5     C Y N 17  
A   C6     C Y N 18  
A   N6     N N N 19  
A   N1     N Y N 20  
A   C2     C Y N 21  
A   N3     N Y N 22  
A   C4     C Y N 23  
A   HOP3   H N N 24  
A   HOP2   H N N 25  
A   "H5'"  H N N 26  
A   "H5''" H N N 27  
A   "H4'"  H N N 28  
A   "H3'"  H N N 29  
A   "HO3'" H N N 30  
A   "H2'"  H N N 31  
A   "HO2'" H N N 32  
A   "H1'"  H N N 33  
A   H8     H N N 34  
A   H61    H N N 35  
A   H62    H N N 36  
A   H2     H N N 37  
C   OP3    O N N 38  
C   P      P N N 39  
C   OP1    O N N 40  
C   OP2    O N N 41  
C   "O5'"  O N N 42  
C   "C5'"  C N N 43  
C   "C4'"  C N R 44  
C   "O4'"  O N N 45  
C   "C3'"  C N S 46  
C   "O3'"  O N N 47  
C   "C2'"  C N R 48  
C   "O2'"  O N N 49  
C   "C1'"  C N R 50  
C   N1     N N N 51  
C   C2     C N N 52  
C   O2     O N N 53  
C   N3     N N N 54  
C   C4     C N N 55  
C   N4     N N N 56  
C   C5     C N N 57  
C   C6     C N N 58  
C   HOP3   H N N 59  
C   HOP2   H N N 60  
C   "H5'"  H N N 61  
C   "H5''" H N N 62  
C   "H4'"  H N N 63  
C   "H3'"  H N N 64  
C   "HO3'" H N N 65  
C   "H2'"  H N N 66  
C   "HO2'" H N N 67  
C   "H1'"  H N N 68  
C   H41    H N N 69  
C   H42    H N N 70  
C   H5     H N N 71  
C   H6     H N N 72  
G   OP3    O N N 73  
G   P      P N N 74  
G   OP1    O N N 75  
G   OP2    O N N 76  
G   "O5'"  O N N 77  
G   "C5'"  C N N 78  
G   "C4'"  C N R 79  
G   "O4'"  O N N 80  
G   "C3'"  C N S 81  
G   "O3'"  O N N 82  
G   "C2'"  C N R 83  
G   "O2'"  O N N 84  
G   "C1'"  C N R 85  
G   N9     N Y N 86  
G   C8     C Y N 87  
G   N7     N Y N 88  
G   C5     C Y N 89  
G   C6     C N N 90  
G   O6     O N N 91  
G   N1     N N N 92  
G   C2     C N N 93  
G   N2     N N N 94  
G   N3     N N N 95  
G   C4     C Y N 96  
G   HOP3   H N N 97  
G   HOP2   H N N 98  
G   "H5'"  H N N 99  
G   "H5''" H N N 100 
G   "H4'"  H N N 101 
G   "H3'"  H N N 102 
G   "HO3'" H N N 103 
G   "H2'"  H N N 104 
G   "HO2'" H N N 105 
G   "H1'"  H N N 106 
G   H8     H N N 107 
G   H1     H N N 108 
G   H21    H N N 109 
G   H22    H N N 110 
HOH O      O N N 111 
HOH H1     H N N 112 
HOH H2     H N N 113 
SPM N1     N N N 114 
SPM C2     C N N 115 
SPM C3     C N N 116 
SPM C4     C N N 117 
SPM N5     N N N 118 
SPM C6     C N N 119 
SPM C7     C N N 120 
SPM C8     C N N 121 
SPM C9     C N N 122 
SPM N10    N N N 123 
SPM C11    C N N 124 
SPM C12    C N N 125 
SPM C13    C N N 126 
SPM N14    N N N 127 
SPM HN11   H N N 128 
SPM HN12   H N N 129 
SPM H21    H N N 130 
SPM H22    H N N 131 
SPM H31    H N N 132 
SPM H32    H N N 133 
SPM H41    H N N 134 
SPM H42    H N N 135 
SPM HN5    H N N 136 
SPM H61    H N N 137 
SPM H62    H N N 138 
SPM H71    H N N 139 
SPM H72    H N N 140 
SPM H81    H N N 141 
SPM H82    H N N 142 
SPM H91    H N N 143 
SPM H92    H N N 144 
SPM HN0    H N N 145 
SPM H111   H N N 146 
SPM H112   H N N 147 
SPM H121   H N N 148 
SPM H122   H N N 149 
SPM H131   H N N 150 
SPM H132   H N N 151 
SPM HN41   H N N 152 
SPM HN42   H N N 153 
U   OP3    O N N 154 
U   P      P N N 155 
U   OP1    O N N 156 
U   OP2    O N N 157 
U   "O5'"  O N N 158 
U   "C5'"  C N N 159 
U   "C4'"  C N R 160 
U   "O4'"  O N N 161 
U   "C3'"  C N S 162 
U   "O3'"  O N N 163 
U   "C2'"  C N R 164 
U   "O2'"  O N N 165 
U   "C1'"  C N R 166 
U   N1     N N N 167 
U   C2     C N N 168 
U   O2     O N N 169 
U   N3     N N N 170 
U   C4     C N N 171 
U   O4     O N N 172 
U   C5     C N N 173 
U   C6     C N N 174 
U   HOP3   H N N 175 
U   HOP2   H N N 176 
U   "H5'"  H N N 177 
U   "H5''" H N N 178 
U   "H4'"  H N N 179 
U   "H3'"  H N N 180 
U   "HO3'" H N N 181 
U   "H2'"  H N N 182 
U   "HO2'" H N N 183 
U   "H1'"  H N N 184 
U   H3     H N N 185 
U   H5     H N N 186 
U   H6     H N N 187 
# 
loop_
_chem_comp_bond.comp_id 
_chem_comp_bond.atom_id_1 
_chem_comp_bond.atom_id_2 
_chem_comp_bond.value_order 
_chem_comp_bond.pdbx_aromatic_flag 
_chem_comp_bond.pdbx_stereo_config 
_chem_comp_bond.pdbx_ordinal 
A   OP3   P      sing N N 1   
A   OP3   HOP3   sing N N 2   
A   P     OP1    doub N N 3   
A   P     OP2    sing N N 4   
A   P     "O5'"  sing N N 5   
A   OP2   HOP2   sing N N 6   
A   "O5'" "C5'"  sing N N 7   
A   "C5'" "C4'"  sing N N 8   
A   "C5'" "H5'"  sing N N 9   
A   "C5'" "H5''" sing N N 10  
A   "C4'" "O4'"  sing N N 11  
A   "C4'" "C3'"  sing N N 12  
A   "C4'" "H4'"  sing N N 13  
A   "O4'" "C1'"  sing N N 14  
A   "C3'" "O3'"  sing N N 15  
A   "C3'" "C2'"  sing N N 16  
A   "C3'" "H3'"  sing N N 17  
A   "O3'" "HO3'" sing N N 18  
A   "C2'" "O2'"  sing N N 19  
A   "C2'" "C1'"  sing N N 20  
A   "C2'" "H2'"  sing N N 21  
A   "O2'" "HO2'" sing N N 22  
A   "C1'" N9     sing N N 23  
A   "C1'" "H1'"  sing N N 24  
A   N9    C8     sing Y N 25  
A   N9    C4     sing Y N 26  
A   C8    N7     doub Y N 27  
A   C8    H8     sing N N 28  
A   N7    C5     sing Y N 29  
A   C5    C6     sing Y N 30  
A   C5    C4     doub Y N 31  
A   C6    N6     sing N N 32  
A   C6    N1     doub Y N 33  
A   N6    H61    sing N N 34  
A   N6    H62    sing N N 35  
A   N1    C2     sing Y N 36  
A   C2    N3     doub Y N 37  
A   C2    H2     sing N N 38  
A   N3    C4     sing Y N 39  
C   OP3   P      sing N N 40  
C   OP3   HOP3   sing N N 41  
C   P     OP1    doub N N 42  
C   P     OP2    sing N N 43  
C   P     "O5'"  sing N N 44  
C   OP2   HOP2   sing N N 45  
C   "O5'" "C5'"  sing N N 46  
C   "C5'" "C4'"  sing N N 47  
C   "C5'" "H5'"  sing N N 48  
C   "C5'" "H5''" sing N N 49  
C   "C4'" "O4'"  sing N N 50  
C   "C4'" "C3'"  sing N N 51  
C   "C4'" "H4'"  sing N N 52  
C   "O4'" "C1'"  sing N N 53  
C   "C3'" "O3'"  sing N N 54  
C   "C3'" "C2'"  sing N N 55  
C   "C3'" "H3'"  sing N N 56  
C   "O3'" "HO3'" sing N N 57  
C   "C2'" "O2'"  sing N N 58  
C   "C2'" "C1'"  sing N N 59  
C   "C2'" "H2'"  sing N N 60  
C   "O2'" "HO2'" sing N N 61  
C   "C1'" N1     sing N N 62  
C   "C1'" "H1'"  sing N N 63  
C   N1    C2     sing N N 64  
C   N1    C6     sing N N 65  
C   C2    O2     doub N N 66  
C   C2    N3     sing N N 67  
C   N3    C4     doub N N 68  
C   C4    N4     sing N N 69  
C   C4    C5     sing N N 70  
C   N4    H41    sing N N 71  
C   N4    H42    sing N N 72  
C   C5    C6     doub N N 73  
C   C5    H5     sing N N 74  
C   C6    H6     sing N N 75  
G   OP3   P      sing N N 76  
G   OP3   HOP3   sing N N 77  
G   P     OP1    doub N N 78  
G   P     OP2    sing N N 79  
G   P     "O5'"  sing N N 80  
G   OP2   HOP2   sing N N 81  
G   "O5'" "C5'"  sing N N 82  
G   "C5'" "C4'"  sing N N 83  
G   "C5'" "H5'"  sing N N 84  
G   "C5'" "H5''" sing N N 85  
G   "C4'" "O4'"  sing N N 86  
G   "C4'" "C3'"  sing N N 87  
G   "C4'" "H4'"  sing N N 88  
G   "O4'" "C1'"  sing N N 89  
G   "C3'" "O3'"  sing N N 90  
G   "C3'" "C2'"  sing N N 91  
G   "C3'" "H3'"  sing N N 92  
G   "O3'" "HO3'" sing N N 93  
G   "C2'" "O2'"  sing N N 94  
G   "C2'" "C1'"  sing N N 95  
G   "C2'" "H2'"  sing N N 96  
G   "O2'" "HO2'" sing N N 97  
G   "C1'" N9     sing N N 98  
G   "C1'" "H1'"  sing N N 99  
G   N9    C8     sing Y N 100 
G   N9    C4     sing Y N 101 
G   C8    N7     doub Y N 102 
G   C8    H8     sing N N 103 
G   N7    C5     sing Y N 104 
G   C5    C6     sing N N 105 
G   C5    C4     doub Y N 106 
G   C6    O6     doub N N 107 
G   C6    N1     sing N N 108 
G   N1    C2     sing N N 109 
G   N1    H1     sing N N 110 
G   C2    N2     sing N N 111 
G   C2    N3     doub N N 112 
G   N2    H21    sing N N 113 
G   N2    H22    sing N N 114 
G   N3    C4     sing N N 115 
HOH O     H1     sing N N 116 
HOH O     H2     sing N N 117 
SPM N1    C2     sing N N 118 
SPM N1    HN11   sing N N 119 
SPM N1    HN12   sing N N 120 
SPM C2    C3     sing N N 121 
SPM C2    H21    sing N N 122 
SPM C2    H22    sing N N 123 
SPM C3    C4     sing N N 124 
SPM C3    H31    sing N N 125 
SPM C3    H32    sing N N 126 
SPM C4    N5     sing N N 127 
SPM C4    H41    sing N N 128 
SPM C4    H42    sing N N 129 
SPM N5    C6     sing N N 130 
SPM N5    HN5    sing N N 131 
SPM C6    C7     sing N N 132 
SPM C6    H61    sing N N 133 
SPM C6    H62    sing N N 134 
SPM C7    C8     sing N N 135 
SPM C7    H71    sing N N 136 
SPM C7    H72    sing N N 137 
SPM C8    C9     sing N N 138 
SPM C8    H81    sing N N 139 
SPM C8    H82    sing N N 140 
SPM C9    N10    sing N N 141 
SPM C9    H91    sing N N 142 
SPM C9    H92    sing N N 143 
SPM N10   C11    sing N N 144 
SPM N10   HN0    sing N N 145 
SPM C11   C12    sing N N 146 
SPM C11   H111   sing N N 147 
SPM C11   H112   sing N N 148 
SPM C12   C13    sing N N 149 
SPM C12   H121   sing N N 150 
SPM C12   H122   sing N N 151 
SPM C13   N14    sing N N 152 
SPM C13   H131   sing N N 153 
SPM C13   H132   sing N N 154 
SPM N14   HN41   sing N N 155 
SPM N14   HN42   sing N N 156 
U   OP3   P      sing N N 157 
U   OP3   HOP3   sing N N 158 
U   P     OP1    doub N N 159 
U   P     OP2    sing N N 160 
U   P     "O5'"  sing N N 161 
U   OP2   HOP2   sing N N 162 
U   "O5'" "C5'"  sing N N 163 
U   "C5'" "C4'"  sing N N 164 
U   "C5'" "H5'"  sing N N 165 
U   "C5'" "H5''" sing N N 166 
U   "C4'" "O4'"  sing N N 167 
U   "C4'" "C3'"  sing N N 168 
U   "C4'" "H4'"  sing N N 169 
U   "O4'" "C1'"  sing N N 170 
U   "C3'" "O3'"  sing N N 171 
U   "C3'" "C2'"  sing N N 172 
U   "C3'" "H3'"  sing N N 173 
U   "O3'" "HO3'" sing N N 174 
U   "C2'" "O2'"  sing N N 175 
U   "C2'" "C1'"  sing N N 176 
U   "C2'" "H2'"  sing N N 177 
U   "O2'" "HO2'" sing N N 178 
U   "C1'" N1     sing N N 179 
U   "C1'" "H1'"  sing N N 180 
U   N1    C2     sing N N 181 
U   N1    C6     sing N N 182 
U   C2    O2     doub N N 183 
U   C2    N3     sing N N 184 
U   N3    C4     sing N N 185 
U   N3    H3     sing N N 186 
U   C4    O4     doub N N 187 
U   C4    C5     sing N N 188 
U   C5    C6     doub N N 189 
U   C5    H5     sing N N 190 
U   C6    H6     sing N N 191 
# 
loop_
_ndb_struct_conf_na.entry_id 
_ndb_struct_conf_na.feature 
2O3Y 'double helix'         
2O3Y 'a-form double helix'  
2O3Y 'bulge loop'           
2O3Y 'mismatched base pair' 
2O3Y 'internal loop'        
# 
loop_
_ndb_struct_na_base_pair.model_number 
_ndb_struct_na_base_pair.i_label_asym_id 
_ndb_struct_na_base_pair.i_label_comp_id 
_ndb_struct_na_base_pair.i_label_seq_id 
_ndb_struct_na_base_pair.i_symmetry 
_ndb_struct_na_base_pair.j_label_asym_id 
_ndb_struct_na_base_pair.j_label_comp_id 
_ndb_struct_na_base_pair.j_label_seq_id 
_ndb_struct_na_base_pair.j_symmetry 
_ndb_struct_na_base_pair.shear 
_ndb_struct_na_base_pair.stretch 
_ndb_struct_na_base_pair.stagger 
_ndb_struct_na_base_pair.buckle 
_ndb_struct_na_base_pair.propeller 
_ndb_struct_na_base_pair.opening 
_ndb_struct_na_base_pair.pair_number 
_ndb_struct_na_base_pair.pair_name 
_ndb_struct_na_base_pair.i_auth_asym_id 
_ndb_struct_na_base_pair.i_auth_seq_id 
_ndb_struct_na_base_pair.i_PDB_ins_code 
_ndb_struct_na_base_pair.j_auth_asym_id 
_ndb_struct_na_base_pair.j_auth_seq_id 
_ndb_struct_na_base_pair.j_PDB_ins_code 
_ndb_struct_na_base_pair.hbond_type_28 
_ndb_struct_na_base_pair.hbond_type_12 
1 A G 3  1_555 B C 23 1_555 -0.140 0.021  -0.089 -10.054 2.785   -0.257  1  A_G3:C46_B  A 3  ? B 46 ? 19 1 
1 A C 4  1_555 B G 22 1_555 0.111  -0.005 0.185  11.534  -11.678 -0.433  2  A_C4:G45_B  A 4  ? B 45 ? 19 1 
1 A G 5  1_555 B C 21 1_555 -0.228 -0.157 0.081  -1.707  -2.748  1.443   3  A_G5:C44_B  A 5  ? B 44 ? 19 1 
1 A U 6  1_555 B U 20 1_555 2.256  -1.703 -0.067 -1.958  -18.600 6.564   4  A_U6:U43_B  A 6  ? B 43 ? 16 1 
1 A C 7  1_555 B G 19 1_555 0.024  0.035  -0.245 9.035   -3.963  3.839   5  A_C7:G42_B  A 7  ? B 42 ? 19 1 
1 A C 9  1_555 B A 16 1_555 -1.560 0.418  0.304  0.736   -8.267  9.025   6  A_C9:A39_B  A 9  ? B 39 ? ?  ? 
1 A U 10 1_555 B A 15 1_555 0.068  0.037  -0.248 11.248  -6.147  4.147   7  A_U10:A38_B A 10 ? B 38 ? 20 1 
1 A C 11 1_555 B G 14 1_555 0.241  0.009  0.175  9.387   -8.277  1.856   8  A_C11:G37_B A 11 ? B 37 ? 19 1 
1 A C 12 1_555 B G 13 1_555 0.130  -0.127 -0.290 1.331   -8.465  -2.752  9  A_C12:G36_B A 12 ? B 36 ? 19 1 
1 A G 13 1_555 B C 12 1_555 -0.056 -0.130 0.234  2.770   -0.415  -2.542  10 A_G13:C35_B A 13 ? B 35 ? 19 1 
1 A G 14 1_555 B C 11 1_555 -0.279 -0.085 -0.436 -9.583  -13.057 2.426   11 A_G14:C34_B A 14 ? B 34 ? 19 1 
1 A A 15 1_555 B U 10 1_555 0.097  -0.124 -0.195 -5.654  -6.016  -4.505  12 A_A15:U33_B A 15 ? B 33 ? 20 1 
1 A A 17 1_555 B C 9  1_555 5.422  -1.041 0.163  -7.995  -11.211 57.959  13 A_A17:C32_B A 17 ? B 32 ? ?  5 
1 A A 18 1_555 B G 8  1_555 -8.280 -5.370 -0.193 19.508  -18.795 -62.753 14 A_A18:G31_B A 18 ? B 31 ? ?  ? 
1 A G 19 1_555 B C 7  1_555 0.066  -0.100 0.527  1.092   -10.207 0.174   15 A_G19:C30_B A 19 ? B 30 ? 19 1 
1 A U 20 1_555 B U 6  1_555 -2.081 -1.734 0.092  7.263   -11.996 -0.751  16 A_U20:U29_B A 20 ? B 29 ? 16 1 
1 A C 21 1_555 B G 5  1_555 0.217  -0.072 -0.152 0.901   -11.868 3.539   17 A_C21:G28_B A 21 ? B 28 ? 19 1 
1 A G 22 1_555 B C 4  1_555 0.011  -0.052 -0.492 -14.678 -8.944  0.628   18 A_G22:C27_B A 22 ? B 27 ? 19 1 
1 A C 23 1_555 B G 3  1_555 0.045  -0.014 0.037  -10.638 -6.045  -3.699  19 A_C23:G26_B A 23 ? B 26 ? 19 1 
# 
loop_
_ndb_struct_na_base_pair_step.model_number 
_ndb_struct_na_base_pair_step.i_label_asym_id_1 
_ndb_struct_na_base_pair_step.i_label_comp_id_1 
_ndb_struct_na_base_pair_step.i_label_seq_id_1 
_ndb_struct_na_base_pair_step.i_symmetry_1 
_ndb_struct_na_base_pair_step.j_label_asym_id_1 
_ndb_struct_na_base_pair_step.j_label_comp_id_1 
_ndb_struct_na_base_pair_step.j_label_seq_id_1 
_ndb_struct_na_base_pair_step.j_symmetry_1 
_ndb_struct_na_base_pair_step.i_label_asym_id_2 
_ndb_struct_na_base_pair_step.i_label_comp_id_2 
_ndb_struct_na_base_pair_step.i_label_seq_id_2 
_ndb_struct_na_base_pair_step.i_symmetry_2 
_ndb_struct_na_base_pair_step.j_label_asym_id_2 
_ndb_struct_na_base_pair_step.j_label_comp_id_2 
_ndb_struct_na_base_pair_step.j_label_seq_id_2 
_ndb_struct_na_base_pair_step.j_symmetry_2 
_ndb_struct_na_base_pair_step.shift 
_ndb_struct_na_base_pair_step.slide 
_ndb_struct_na_base_pair_step.rise 
_ndb_struct_na_base_pair_step.tilt 
_ndb_struct_na_base_pair_step.roll 
_ndb_struct_na_base_pair_step.twist 
_ndb_struct_na_base_pair_step.x_displacement 
_ndb_struct_na_base_pair_step.y_displacement 
_ndb_struct_na_base_pair_step.helical_rise 
_ndb_struct_na_base_pair_step.inclination 
_ndb_struct_na_base_pair_step.tip 
_ndb_struct_na_base_pair_step.helical_twist 
_ndb_struct_na_base_pair_step.step_number 
_ndb_struct_na_base_pair_step.step_name 
_ndb_struct_na_base_pair_step.i_auth_asym_id_1 
_ndb_struct_na_base_pair_step.i_auth_seq_id_1 
_ndb_struct_na_base_pair_step.i_PDB_ins_code_1 
_ndb_struct_na_base_pair_step.j_auth_asym_id_1 
_ndb_struct_na_base_pair_step.j_auth_seq_id_1 
_ndb_struct_na_base_pair_step.j_PDB_ins_code_1 
_ndb_struct_na_base_pair_step.i_auth_asym_id_2 
_ndb_struct_na_base_pair_step.i_auth_seq_id_2 
_ndb_struct_na_base_pair_step.i_PDB_ins_code_2 
_ndb_struct_na_base_pair_step.j_auth_asym_id_2 
_ndb_struct_na_base_pair_step.j_auth_seq_id_2 
_ndb_struct_na_base_pair_step.j_PDB_ins_code_2 
1 A G 3  1_555 B C 23 1_555 A C 4  1_555 B G 22 1_555 -0.352 -1.972 3.041 -1.200 -7.644 30.926 -2.194 0.422  3.429 -14.060 2.207   
31.857 1  AA_G3C4:G45C46_BB   A 3  ? B 46 ? A 4  ? B 45 ? 
1 A C 4  1_555 B G 22 1_555 A G 5  1_555 B C 21 1_555 -0.077 -2.247 3.340 -2.295 13.961 28.526 -6.331 -0.226 2.044 26.381  4.337   
31.776 2  AA_C4G5:C44G45_BB   A 4  ? B 45 ? A 5  ? B 44 ? 
1 A G 5  1_555 B C 21 1_555 A U 6  1_555 B U 20 1_555 -0.197 -1.289 3.403 3.306  6.370  45.964 -2.177 0.532  3.186 8.098   -4.204  
46.491 3  AA_G5U6:U43C44_BB   A 5  ? B 44 ? A 6  ? B 43 ? 
1 A U 6  1_555 B U 20 1_555 A C 7  1_555 B G 19 1_555 -0.026 -1.667 2.901 0.591  8.103  22.946 -5.998 0.210  2.190 19.598  -1.429  
24.324 4  AA_U6C7:G42U43_BB   A 6  ? B 43 ? A 7  ? B 42 ? 
1 A C 9  1_555 B A 16 1_555 A U 10 1_555 B A 15 1_555 0.203  -0.987 3.009 0.953  4.639  37.095 -2.092 -0.204 2.874 7.255   -1.491  
37.386 5  AA_C9U10:A38A39_BB  A 9  ? B 39 ? A 10 ? B 38 ? 
1 A U 10 1_555 B A 15 1_555 A C 11 1_555 B G 14 1_555 -0.227 -1.974 3.257 -4.360 8.337  29.691 -5.149 -0.346 2.626 15.778  8.251   
31.114 6  AA_U10C11:G37A38_BB A 10 ? B 38 ? A 11 ? B 37 ? 
1 A C 11 1_555 B G 14 1_555 A C 12 1_555 B G 13 1_555 -1.005 -2.051 3.252 1.697  9.046  32.056 -4.937 2.008  2.541 15.973  -2.997  
33.318 7  AA_C11C12:G36G37_BB A 11 ? B 37 ? A 12 ? B 36 ? 
1 A C 12 1_555 B G 13 1_555 A G 13 1_555 B C 12 1_555 -0.094 -1.918 3.302 -4.313 3.806  28.855 -4.574 -0.715 3.011 7.543   8.548   
29.411 8  AA_C12G13:C35G36_BB A 12 ? B 36 ? A 13 ? B 35 ? 
1 A G 13 1_555 B C 12 1_555 A G 14 1_555 B C 11 1_555 0.656  -2.004 3.570 6.601  11.334 29.227 -5.700 0.011  2.707 21.169  -12.329 
31.977 9  AA_G13G14:C34C35_BB A 13 ? B 35 ? A 14 ? B 34 ? 
1 A G 14 1_555 B C 11 1_555 A A 15 1_555 B U 10 1_555 -0.926 -1.550 3.192 -3.461 5.700  33.281 -3.527 1.059  2.972 9.829   5.969   
33.924 10 AA_G14A15:U33C34_BB A 14 ? B 34 ? A 15 ? B 33 ? 
1 A A 15 1_555 B U 10 1_555 A A 17 1_555 B C 9  1_555 1.057  0.245  3.340 4.415  5.456  76.162 0.033  -0.720 3.397 4.414   -3.572  
76.436 11 AA_A15A17:C32U33_BB A 15 ? B 33 ? A 17 ? B 32 ? 
1 A A 18 1_555 B G 8  1_555 A G 19 1_555 B C 7  1_555 4.953  -2.063 3.924 -3.086 9.993  68.483 -2.230 -4.490 3.434 8.828   2.726   
69.181 12 AA_A18G19:C30G31_BB A 18 ? B 31 ? A 19 ? B 30 ? 
1 A G 19 1_555 B C 7  1_555 A U 20 1_555 B U 6  1_555 -0.174 -1.943 2.864 -0.545 4.066  25.822 -5.213 0.262  2.537 9.025   1.210   
26.141 13 AA_G19U20:U29C30_BB A 19 ? B 30 ? A 20 ? B 29 ? 
1 A U 20 1_555 B U 6  1_555 A C 21 1_555 B G 5  1_555 0.584  -1.151 3.492 1.695  7.055  43.262 -2.242 -0.613 3.294 9.490   -2.280  
43.838 14 AA_U20C21:G28U29_BB A 20 ? B 29 ? A 21 ? B 28 ? 
1 A C 21 1_555 B G 5  1_555 A G 22 1_555 B C 4  1_555 -0.177 -1.460 3.607 2.113  12.630 30.501 -4.749 0.676  2.782 22.787  -3.812  
33.021 15 AA_C21G22:C27G28_BB A 21 ? B 28 ? A 22 ? B 27 ? 
1 A G 22 1_555 B C 4  1_555 A C 23 1_555 B G 3  1_555 -0.097 -1.905 3.152 -2.662 1.753  34.915 -3.414 -0.219 3.054 2.915   4.425   
35.056 16 AA_G22C23:G26C27_BB A 22 ? B 27 ? A 23 ? B 26 ? 
# 
loop_
_pdbx_entity_nonpoly.entity_id 
_pdbx_entity_nonpoly.name 
_pdbx_entity_nonpoly.comp_id 
2 SPERMINE SPM 
3 water    HOH 
# 
_pdbx_initial_refinement_model.id               1 
_pdbx_initial_refinement_model.entity_id_list   ? 
_pdbx_initial_refinement_model.type             'experimental model' 
_pdbx_initial_refinement_model.source_name      PDB 
_pdbx_initial_refinement_model.accession_code   2FQN 
_pdbx_initial_refinement_model.details          ? 
# 
